data_8GS2
#
_entry.id   8GS2
#
_cell.length_a   1.00
_cell.length_b   1.00
_cell.length_c   1.00
_cell.angle_alpha   90.00
_cell.angle_beta   90.00
_cell.angle_gamma   90.00
#
_symmetry.space_group_name_H-M   'P 1'
#
loop_
_entity.id
_entity.type
_entity.pdbx_description
1 polymer crRNA
2 polymer 'target RNA with non-matching PFS'
3 polymer 'CRISPR-associated RAMP family protein'
4 polymer 'CHAT domain-containing protein'
5 non-polymer "CYTIDINE-5'-MONOPHOSPHATE"
6 non-polymer 'ADENOSINE MONOPHOSPHATE'
7 non-polymer 'ZINC ION'
#
loop_
_entity_poly.entity_id
_entity_poly.type
_entity_poly.pdbx_seq_one_letter_code
_entity_poly.pdbx_strand_id
1 'polyribonucleotide'
;GGUUGGAAAGCCGGUUUUCUUUGAUGUCACGGAACCUUUGUUGUCUUCGACAUGGGUAAUGGUUGGAAAGCCGGUUUUCU
UUGAUGUCACGGAAC
;
R
2 'polyribonucleotide' GGAUUACCCAUGUCGAAGACAACAAAGCAAGGC D
3 'polypeptide(L)'
;MTTTMKISIEFLEPFRMTKWQESTRRNKNNKEFVRGQAFARWHRNKKDNTKGRPYITGTLLRSAVIRSAENLLTLSDGKI
SEKTCCPGKFDTEDKDRLLQLRQRSTLRWTDKNPCPDNAETYCPFCELLGRSGNDGKKAEKKDWRFRIHFGNLSLPGKPD
FDGPKAIGSQRVLNRVDFKSGKAHDFFKAYEVDHTRFPRFEGEITIDNKVSAEARKLLCDSLKFTDRLCGALCVIRFDEY
TPAADSGKQTENVQAEPNANLAEKTAEQIISILDDNKKTEYTRLLADAIRSLRRSSKLVAGLPKDHDGKDDHYLWDIGKK
KKDENSVTIRQILTTSADTKELKNAGKWREFCEKLGEALYLKSKDMSGGLKITRRILGDAEFHGKPDRLEKSRSVSIGSV
LKETVVCGELVAKTPFFFGAIDEDAKQTDLQVLLTPDNKYRLPRSAVRGILRRDLQTYFDSPCNAELGGRPCMCKTCRIM
RGITVMDARSEYNAPPEIRHRTRINPFTGTVAEGALFNMEVAPEGIVFPFQLRYRGSEDGLPDALKTVLKWWAEGQAFMS
GAASTGKGRFRMENAKYETLDLSDENQRNDYLKNWGWRDEKGLEELKKRLNSGLPEPGNYRDPKWHEINVSIEMASPFIN
GDPIRAAVDKRGTDVVTFVKYKAEGEEAKPVCAYKAESFRGVIRSAVARIHMEDGVPLTELTHSDCECLLCQIFGSEYEA
GKIRFEDLVFESDPEPVTFDHVAIDRFTGGAADKKKFDDSPLPGSPARPLMLKGSFWIRRDVLEDEEYCKALGKALADVN
NGLYPLGGKSAIGYGQVKSLGIKGDDKRISRLMNPAFDETDVAVPEKPKTDAEVRIEAEKVYYPHYFVEPHKKVEREEKP
CGHQKFHEGRLTGKIRCKLITKTPLIVPDTSNDDFFRPADKEARKEKDEYHKSYAFFRLHKQIMIPGSELRGMVSSVYET
VTNSCFRIFDETKRLSWRMDADHQNVLQDFLPGRVTADGKHIQKFSETARVPFYDKTQKHFDILDEQEIAGEKPVRMWVK
RFIKRLSLVDPAKHPQKKQDNKWKRRKEGIATFIEQKNGSYYFNVVTNNGCTSFHLWHKPDNFDQEKLEGIQNGEKLDCW
VRDSRYQKAFQEIPENDPDGWECKEGYLHVVGPSKVEFSDKKGDVINNFQGTLPSVPNDWKTIRTNDFKNRKRKNEPVFC
CEDDKGNYYTMAKYCETFFFDLKENEEYEIPEKARIKYKELLRVYNNNPQAVPESVFQSRVARENVEKLKSGDLVYFKHN
EKYVEDIVPVRISRTVDDRMIGKRMSADLRPCHGDWVEDGDLSALNAYPEKRLLLRHPKGLCPACRLFGTGSYKGRVRFG
FASLENDPEWLIPGKNPGDPFHGGPVMLSLLERPRPTWSIPGSDNKFKVPGRKFYVHHHAWKTIKDGNHPTTGKAIEQSP
NNRTVEALAGGNSFSFEIAFENLKEWELGLLIHSLQLEKGLAHKLGMAKSMGFGSVEIDVESVRLRKDWKQWRNGNSEIP
NWLGKGFAKLKEWFRDELDFIENLKKLLWFPEGDQAPRVCYPMLRKKDDPNGNSGYEELKDGEFKKEDRQKKLTTPWTPW
ASSGLVPRGSHHHHHH
;
A
4 'polypeptide(L)'
;MSNPIRDIQDRLKTAKFDNKDDMMNLASSLYKYEKQLMDSSEATLCQQGLSNRPNSFSQLSQFRDSDIQSKAGGQTGKFW
QNEYEACKNFQTHKERRETLEQIIRFLQNGAEEKDADDLLLKTLARAYFHRGLLYRPKGFSVPARKVEAMKKAIAYCEII
LDKNEEESEALRIWLYAAMELRRCGEEYPENFAEKLFYLANDGFISELYDIRLFLEYTEREEDNNFLDMILQENQDRERL
FELCLYKARACFHLNQLNDVRIYGESAIDNAPGAFADPFWDELVEFIRMLRNKKSELWKEIAIKAWDKCREKEMKVGNNI
YLSWYWARQRELYDLAFMAQDGIEKKTRIADSLKSRTTLRIQELNELRKDAHRKQNRRLEDKLDRIIEQENEARDGAYLR
RNPPCFTGGKREEIPFARLPQNWIAVHFYLNELESHEGGKGGHALIYDPQKAEKDQWQDKSFDYKELHRKFLEWQENYIL
NEEGSADFLVTLCREIEKAMPFLFKSEVIPEDRPVLWIPHGFLHRLPLHAAMKSGNNSNIEIFWERHASRYLPAWHLFDP
APYSREESSTLLKNFEEYDFQNLENGEIEVYAPSSPKKVKEAIRENPAILLLLCHGEADMTNPFRSCLKLKNKDMTIFDL
LTVEDVRLSGSRILLGACESDMVPPLEFSVDEHLSVSGAFLSHKAGEIVAGLWTVDSEKVDECYSYLVEEKDFLRNLQEW
QMAETENFRSENDSSLFYKIAPFRIIGFPAE
;
B
#
loop_
_chem_comp.id
_chem_comp.type
_chem_comp.name
_chem_comp.formula
A RNA linking ADENOSINE-5'-MONOPHOSPHATE 'C10 H14 N5 O7 P'
AMP non-polymer 'ADENOSINE MONOPHOSPHATE' 'C10 H14 N5 O7 P'
C RNA linking CYTIDINE-5'-MONOPHOSPHATE 'C9 H14 N3 O8 P'
C5P non-polymer CYTIDINE-5'-MONOPHOSPHATE 'C9 H14 N3 O8 P'
G RNA linking GUANOSINE-5'-MONOPHOSPHATE 'C10 H14 N5 O8 P'
U RNA linking URIDINE-5'-MONOPHOSPHATE 'C9 H13 N2 O9 P'
ZN non-polymer 'ZINC ION' 'Zn 2'
#
# COMPACT_ATOMS: atom_id res chain seq x y z
N MET C 1 42.15 -6.65 -52.84
CA MET C 1 41.97 -7.86 -52.06
C MET C 1 42.09 -7.58 -50.57
N THR C 2 41.24 -8.22 -49.78
CA THR C 2 41.25 -8.02 -48.33
C THR C 2 41.30 -9.36 -47.60
N THR C 3 41.15 -9.32 -46.28
CA THR C 3 41.16 -10.53 -45.46
C THR C 3 40.11 -10.38 -44.37
N THR C 4 39.31 -11.42 -44.19
CA THR C 4 38.22 -11.41 -43.21
C THR C 4 38.68 -12.09 -41.92
N MET C 5 38.51 -11.39 -40.81
CA MET C 5 38.83 -11.91 -39.48
C MET C 5 37.52 -12.09 -38.72
N LYS C 6 37.12 -13.34 -38.54
CA LYS C 6 35.87 -13.63 -37.82
C LYS C 6 35.99 -13.27 -36.36
N ILE C 7 34.95 -12.65 -35.82
CA ILE C 7 34.93 -12.13 -34.45
C ILE C 7 33.76 -12.75 -33.71
N SER C 8 34.01 -13.27 -32.52
CA SER C 8 32.97 -13.79 -31.65
C SER C 8 33.07 -13.11 -30.29
N ILE C 9 31.94 -12.61 -29.79
CA ILE C 9 31.87 -11.95 -28.50
C ILE C 9 31.05 -12.81 -27.55
N GLU C 10 31.64 -13.19 -26.43
CA GLU C 10 30.98 -13.97 -25.39
C GLU C 10 30.74 -13.07 -24.19
N PHE C 11 29.47 -12.90 -23.82
CA PHE C 11 29.11 -12.04 -22.69
C PHE C 11 29.09 -12.85 -21.40
N LEU C 12 29.72 -12.28 -20.37
CA LEU C 12 29.76 -12.89 -19.05
C LEU C 12 28.75 -12.27 -18.09
N GLU C 13 28.07 -11.21 -18.50
CA GLU C 13 27.08 -10.51 -17.70
C GLU C 13 25.91 -10.13 -18.59
N PRO C 14 24.75 -9.86 -18.00
CA PRO C 14 23.63 -9.33 -18.80
C PRO C 14 23.98 -7.97 -19.37
N PHE C 15 24.03 -7.90 -20.70
CA PHE C 15 24.36 -6.66 -21.39
C PHE C 15 23.10 -5.81 -21.57
N ARG C 16 23.32 -4.53 -21.86
CA ARG C 16 22.26 -3.55 -21.95
C ARG C 16 21.93 -3.24 -23.41
N MET C 17 20.63 -3.11 -23.70
CA MET C 17 20.14 -2.86 -25.04
C MET C 17 19.27 -1.61 -25.03
N THR C 18 19.44 -0.76 -26.03
CA THR C 18 18.64 0.45 -26.17
C THR C 18 17.41 0.16 -27.03
N LYS C 19 16.34 0.93 -26.78
CA LYS C 19 15.10 0.71 -27.49
C LYS C 19 15.20 1.23 -28.92
N TRP C 20 14.35 0.67 -29.78
CA TRP C 20 14.33 1.06 -31.19
C TRP C 20 13.84 2.49 -31.34
N GLN C 21 14.50 3.25 -32.20
CA GLN C 21 14.17 4.64 -32.46
C GLN C 21 13.77 4.82 -33.91
N GLU C 22 12.84 5.75 -34.15
CA GLU C 22 12.45 6.07 -35.51
C GLU C 22 13.62 6.67 -36.26
N SER C 23 13.66 6.42 -37.58
CA SER C 23 14.82 6.83 -38.38
C SER C 23 15.02 8.33 -38.36
N THR C 24 13.95 9.11 -38.23
CA THR C 24 14.09 10.57 -38.17
C THR C 24 14.67 11.02 -36.84
N ARG C 25 14.48 10.24 -35.79
CA ARG C 25 14.93 10.60 -34.44
C ARG C 25 16.29 9.99 -34.09
N ARG C 26 17.04 9.52 -35.08
CA ARG C 26 18.40 9.02 -34.86
C ARG C 26 19.41 10.11 -35.20
N ASN C 27 19.49 11.09 -34.31
CA ASN C 27 20.39 12.23 -34.51
C ASN C 27 20.89 12.71 -33.17
N LYS C 28 21.73 13.74 -33.20
CA LYS C 28 22.35 14.26 -31.98
C LYS C 28 21.35 14.95 -31.06
N ASN C 29 20.21 15.38 -31.58
CA ASN C 29 19.25 16.15 -30.81
C ASN C 29 18.30 15.27 -30.00
N ASN C 30 18.39 13.95 -30.13
CA ASN C 30 17.58 13.02 -29.35
C ASN C 30 18.43 12.52 -28.20
N LYS C 31 18.07 12.94 -26.97
CA LYS C 31 18.89 12.58 -25.81
C LYS C 31 18.89 11.08 -25.56
N GLU C 32 17.74 10.43 -25.72
CA GLU C 32 17.66 8.99 -25.48
C GLU C 32 18.51 8.21 -26.47
N PHE C 33 18.50 8.63 -27.75
CA PHE C 33 19.29 7.93 -28.75
C PHE C 33 20.79 8.05 -28.46
N VAL C 34 21.24 9.25 -28.10
CA VAL C 34 22.66 9.43 -27.79
C VAL C 34 23.04 8.71 -26.51
N ARG C 35 22.13 8.65 -25.53
CA ARG C 35 22.43 7.97 -24.28
C ARG C 35 22.67 6.47 -24.49
N GLY C 36 21.90 5.86 -25.38
CA GLY C 36 22.02 4.43 -25.63
C GLY C 36 23.02 4.08 -26.71
N GLN C 37 23.90 5.02 -27.06
CA GLN C 37 24.90 4.77 -28.09
C GLN C 37 25.94 3.75 -27.66
N ALA C 38 26.11 3.52 -26.37
CA ALA C 38 27.05 2.53 -25.87
C ALA C 38 26.40 1.17 -25.65
N PHE C 39 25.10 1.03 -25.92
CA PHE C 39 24.38 -0.21 -25.71
C PHE C 39 24.17 -0.94 -27.04
N ALA C 40 23.74 -2.19 -26.94
CA ALA C 40 23.34 -2.93 -28.11
C ALA C 40 22.03 -2.36 -28.67
N ARG C 41 21.86 -2.48 -29.98
CA ARG C 41 20.69 -1.93 -30.66
C ARG C 41 19.68 -3.04 -30.95
N TRP C 42 18.46 -2.62 -31.27
CA TRP C 42 17.39 -3.52 -31.67
C TRP C 42 16.99 -3.24 -33.11
N HIS C 43 16.84 -4.30 -33.89
CA HIS C 43 16.50 -4.21 -35.30
C HIS C 43 15.04 -4.64 -35.50
N ARG C 44 14.33 -3.90 -36.34
CA ARG C 44 12.96 -4.23 -36.72
C ARG C 44 12.93 -4.65 -38.18
N ASN C 45 12.39 -5.84 -38.45
CA ASN C 45 12.25 -6.29 -39.83
C ASN C 45 11.31 -5.37 -40.61
N LYS C 46 10.19 -4.98 -40.00
CA LYS C 46 9.28 -4.00 -40.55
C LYS C 46 9.16 -2.84 -39.57
N LYS C 47 9.14 -1.62 -40.10
CA LYS C 47 9.14 -0.44 -39.25
C LYS C 47 7.88 -0.33 -38.40
N ASP C 48 6.79 -0.99 -38.79
CA ASP C 48 5.53 -0.92 -38.08
C ASP C 48 5.30 -2.09 -37.13
N ASN C 49 6.27 -2.99 -37.01
CA ASN C 49 6.13 -4.15 -36.14
C ASN C 49 7.39 -4.33 -35.33
N THR C 50 7.24 -4.74 -34.06
CA THR C 50 8.37 -4.88 -33.16
C THR C 50 9.20 -6.12 -33.42
N LYS C 51 8.77 -7.01 -34.31
CA LYS C 51 9.50 -8.24 -34.57
C LYS C 51 10.89 -7.93 -35.12
N GLY C 52 11.90 -8.62 -34.59
CA GLY C 52 13.26 -8.41 -35.03
C GLY C 52 14.24 -9.10 -34.10
N ARG C 53 15.50 -8.70 -34.21
CA ARG C 53 16.59 -9.30 -33.46
C ARG C 53 17.57 -8.24 -33.00
N PRO C 54 18.29 -8.47 -31.91
CA PRO C 54 19.30 -7.51 -31.46
C PRO C 54 20.59 -7.65 -32.24
N TYR C 55 21.40 -6.60 -32.17
CA TYR C 55 22.71 -6.59 -32.81
C TYR C 55 23.58 -5.55 -32.11
N ILE C 56 24.88 -5.63 -32.38
CA ILE C 56 25.87 -4.71 -31.81
C ILE C 56 26.54 -3.97 -32.94
N THR C 57 26.55 -2.64 -32.86
CA THR C 57 27.17 -1.81 -33.89
C THR C 57 28.67 -2.02 -33.92
N GLY C 58 29.23 -2.12 -35.13
CA GLY C 58 30.66 -2.27 -35.28
C GLY C 58 31.45 -1.03 -34.90
N THR C 59 30.81 0.14 -34.93
CA THR C 59 31.47 1.37 -34.50
C THR C 59 31.77 1.33 -33.00
N LEU C 60 30.86 0.74 -32.21
CA LEU C 60 31.12 0.60 -30.78
C LEU C 60 32.32 -0.30 -30.51
N LEU C 61 32.40 -1.42 -31.24
CA LEU C 61 33.57 -2.29 -31.11
C LEU C 61 34.84 -1.57 -31.54
N ARG C 62 34.75 -0.78 -32.61
CA ARG C 62 35.91 -0.01 -33.05
C ARG C 62 36.36 0.98 -31.99
N SER C 63 35.42 1.66 -31.34
CA SER C 63 35.77 2.60 -30.29
C SER C 63 36.42 1.91 -29.10
N ALA C 64 35.88 0.76 -28.70
CA ALA C 64 36.48 0.00 -27.61
C ALA C 64 37.89 -0.47 -27.97
N VAL C 65 38.09 -0.92 -29.21
CA VAL C 65 39.40 -1.35 -29.66
C VAL C 65 40.37 -0.18 -29.68
N ILE C 66 39.91 1.00 -30.08
CA ILE C 66 40.79 2.17 -30.10
C ILE C 66 41.21 2.54 -28.68
N ARG C 67 40.26 2.49 -27.73
CA ARG C 67 40.61 2.78 -26.34
C ARG C 67 41.60 1.77 -25.79
N SER C 68 41.39 0.49 -26.09
CA SER C 68 42.33 -0.54 -25.64
C SER C 68 43.71 -0.34 -26.28
N ALA C 69 43.75 0.05 -27.55
CA ALA C 69 45.03 0.32 -28.20
C ALA C 69 45.74 1.50 -27.57
N GLU C 70 44.99 2.55 -27.20
CA GLU C 70 45.60 3.67 -26.49
C GLU C 70 46.21 3.22 -25.16
N ASN C 71 45.47 2.39 -24.41
CA ASN C 71 46.01 1.88 -23.15
C ASN C 71 47.27 1.05 -23.38
N LEU C 72 47.24 0.16 -24.37
CA LEU C 72 48.40 -0.70 -24.63
C LEU C 72 49.61 0.10 -25.08
N LEU C 73 49.41 1.11 -25.93
CA LEU C 73 50.51 1.95 -26.37
C LEU C 73 51.06 2.80 -25.21
N THR C 74 50.20 3.21 -24.29
CA THR C 74 50.68 3.86 -23.08
C THR C 74 51.54 2.92 -22.25
N LEU C 75 51.14 1.65 -22.17
CA LEU C 75 51.92 0.67 -21.41
C LEU C 75 53.30 0.45 -22.03
N SER C 76 53.38 0.35 -23.36
CA SER C 76 54.61 -0.02 -24.04
C SER C 76 55.33 1.18 -24.63
N ASP C 77 55.17 2.37 -24.03
CA ASP C 77 55.87 3.58 -24.44
C ASP C 77 55.57 3.95 -25.90
N GLY C 78 54.41 3.56 -26.40
CA GLY C 78 54.05 3.87 -27.76
C GLY C 78 54.80 3.08 -28.81
N LYS C 79 55.37 1.95 -28.45
CA LYS C 79 56.13 1.11 -29.37
C LYS C 79 55.43 -0.23 -29.54
N ILE C 80 55.14 -0.60 -30.78
CA ILE C 80 54.59 -1.91 -31.12
C ILE C 80 55.59 -2.59 -32.04
N SER C 81 56.04 -3.78 -31.64
CA SER C 81 57.09 -4.51 -32.36
C SER C 81 58.28 -3.60 -32.51
N GLU C 82 58.73 -3.26 -33.72
CA GLU C 82 59.85 -2.35 -33.90
C GLU C 82 59.41 -0.92 -34.20
N LYS C 83 58.21 -0.75 -34.76
CA LYS C 83 57.75 0.57 -35.17
C LYS C 83 57.28 1.40 -33.99
N THR C 84 57.33 2.73 -34.17
CA THR C 84 56.85 3.67 -33.17
C THR C 84 55.53 4.28 -33.62
N CYS C 85 54.63 4.49 -32.66
CA CYS C 85 53.29 4.98 -32.93
C CYS C 85 53.19 6.46 -32.61
N CYS C 86 52.67 7.23 -33.55
CA CYS C 86 52.34 8.63 -33.32
C CYS C 86 51.10 8.72 -32.44
N PRO C 87 50.88 9.86 -31.78
CA PRO C 87 49.69 9.99 -30.92
C PRO C 87 48.38 9.83 -31.64
N GLY C 88 48.33 10.07 -32.95
CA GLY C 88 47.11 9.99 -33.70
C GLY C 88 46.35 11.31 -33.71
N LYS C 89 45.45 11.43 -34.67
CA LYS C 89 44.65 12.65 -34.85
C LYS C 89 43.22 12.36 -34.45
N PHE C 90 42.70 13.14 -33.51
CA PHE C 90 41.32 13.04 -33.05
C PHE C 90 40.61 14.38 -33.17
N ASP C 91 40.89 15.11 -34.24
CA ASP C 91 40.30 16.43 -34.46
C ASP C 91 39.82 16.52 -35.91
N THR C 92 38.59 16.98 -36.08
CA THR C 92 38.00 17.17 -37.40
C THR C 92 37.39 18.56 -37.48
N GLU C 93 37.41 19.15 -38.69
CA GLU C 93 36.87 20.49 -38.85
C GLU C 93 35.35 20.49 -38.84
N ASP C 94 34.72 19.52 -39.49
CA ASP C 94 33.25 19.45 -39.56
C ASP C 94 32.74 18.63 -38.38
N LYS C 95 32.76 19.26 -37.21
CA LYS C 95 32.35 18.58 -35.99
C LYS C 95 30.83 18.39 -35.91
N ASP C 96 30.07 19.11 -36.73
CA ASP C 96 28.62 18.98 -36.70
C ASP C 96 28.14 17.67 -37.32
N ARG C 97 28.93 17.07 -38.22
CA ARG C 97 28.53 15.82 -38.85
C ARG C 97 28.74 14.61 -37.94
N LEU C 98 29.56 14.74 -36.90
CA LEU C 98 29.80 13.63 -35.99
C LEU C 98 28.69 13.54 -34.95
N LEU C 99 28.14 12.34 -34.79
CA LEU C 99 27.07 12.14 -33.81
C LEU C 99 27.58 12.38 -32.39
N GLN C 100 28.76 11.87 -32.07
CA GLN C 100 29.33 11.99 -30.74
C GLN C 100 30.77 12.47 -30.83
N LEU C 101 31.14 13.37 -29.92
CA LEU C 101 32.50 13.87 -29.81
C LEU C 101 33.11 13.35 -28.51
N ARG C 102 34.42 13.07 -28.55
CA ARG C 102 35.09 12.51 -27.39
C ARG C 102 35.13 13.52 -26.25
N GLN C 103 34.74 13.07 -25.06
CA GLN C 103 34.78 13.89 -23.86
C GLN C 103 35.95 13.54 -22.95
N ARG C 104 36.34 12.27 -22.90
CA ARG C 104 37.46 11.85 -22.07
C ARG C 104 38.77 12.35 -22.66
N SER C 105 39.81 12.32 -21.82
CA SER C 105 41.14 12.71 -22.26
C SER C 105 41.78 11.59 -23.08
N THR C 106 42.54 11.97 -24.09
CA THR C 106 43.27 11.04 -24.92
C THR C 106 44.61 10.72 -24.26
N LEU C 107 44.91 9.44 -24.13
CA LEU C 107 46.17 9.04 -23.51
C LEU C 107 47.35 9.43 -24.38
N ARG C 108 48.44 9.84 -23.75
CA ARG C 108 49.63 10.28 -24.44
C ARG C 108 50.79 9.32 -24.18
N TRP C 109 51.52 8.99 -25.25
CA TRP C 109 52.73 8.18 -25.14
C TRP C 109 53.94 8.80 -25.80
N THR C 110 53.77 9.69 -26.78
CA THR C 110 54.87 10.38 -27.43
C THR C 110 54.55 11.87 -27.52
N ASP C 111 55.61 12.68 -27.55
CA ASP C 111 55.46 14.13 -27.65
C ASP C 111 55.53 14.62 -29.10
N LYS C 112 55.65 13.72 -30.07
CA LYS C 112 55.76 14.12 -31.47
C LYS C 112 54.39 14.50 -32.02
N ASN C 113 54.42 15.18 -33.16
CA ASN C 113 53.21 15.56 -33.86
C ASN C 113 52.59 14.36 -34.56
N PRO C 114 51.27 14.38 -34.79
CA PRO C 114 50.64 13.27 -35.52
C PRO C 114 51.17 13.15 -36.94
N CYS C 115 50.77 12.06 -37.59
CA CYS C 115 51.21 11.83 -38.96
C CYS C 115 50.65 12.90 -39.89
N PRO C 116 51.37 13.24 -40.96
CA PRO C 116 50.87 14.26 -41.89
C PRO C 116 49.59 13.81 -42.56
N ASP C 117 48.77 14.80 -42.98
CA ASP C 117 47.50 14.50 -43.61
C ASP C 117 47.69 13.67 -44.88
N ASN C 118 48.70 14.01 -45.68
CA ASN C 118 49.09 13.23 -46.84
C ASN C 118 50.50 12.71 -46.63
N ALA C 119 50.67 11.39 -46.63
CA ALA C 119 51.96 10.77 -46.39
C ALA C 119 52.01 9.43 -47.09
N GLU C 120 53.24 8.95 -47.32
CA GLU C 120 53.42 7.66 -47.98
C GLU C 120 52.92 6.52 -47.10
N THR C 121 53.36 6.49 -45.84
CA THR C 121 52.98 5.43 -44.91
C THR C 121 52.59 6.04 -43.57
N TYR C 122 51.66 5.39 -42.89
CA TYR C 122 51.19 5.84 -41.58
C TYR C 122 51.67 4.90 -40.49
N CYS C 123 51.58 5.39 -39.25
CA CYS C 123 51.92 4.59 -38.09
C CYS C 123 50.87 3.50 -37.88
N PRO C 124 51.21 2.41 -37.18
CA PRO C 124 50.22 1.36 -36.93
C PRO C 124 48.98 1.86 -36.22
N PHE C 125 49.12 2.80 -35.28
CA PHE C 125 47.95 3.35 -34.62
C PHE C 125 47.09 4.15 -35.59
N CYS C 126 47.73 4.90 -36.48
CA CYS C 126 46.97 5.63 -37.51
C CYS C 126 46.30 4.67 -38.48
N GLU C 127 46.95 3.56 -38.82
CA GLU C 127 46.30 2.56 -39.67
C GLU C 127 45.09 1.95 -38.97
N LEU C 128 45.20 1.70 -37.66
CA LEU C 128 44.05 1.21 -36.91
C LEU C 128 42.93 2.25 -36.89
N LEU C 129 43.28 3.52 -36.76
CA LEU C 129 42.28 4.58 -36.79
C LEU C 129 41.60 4.71 -38.14
N GLY C 130 42.23 4.21 -39.21
CA GLY C 130 41.67 4.30 -40.55
C GLY C 130 42.12 5.48 -41.37
N ARG C 131 43.15 6.21 -40.93
CA ARG C 131 43.62 7.36 -41.69
C ARG C 131 44.20 6.93 -43.03
N SER C 132 44.93 5.82 -43.06
CA SER C 132 45.54 5.33 -44.29
C SER C 132 44.49 4.90 -45.30
N PHE C 146 38.60 1.56 -46.94
CA PHE C 146 38.46 0.88 -45.66
C PHE C 146 39.60 -0.09 -45.42
N ARG C 147 40.69 0.40 -44.81
CA ARG C 147 41.82 -0.46 -44.51
C ARG C 147 41.45 -1.49 -43.44
N ILE C 148 40.78 -1.04 -42.38
CA ILE C 148 40.28 -1.93 -41.33
C ILE C 148 38.82 -1.58 -41.11
N HIS C 149 37.93 -2.47 -41.53
CA HIS C 149 36.49 -2.26 -41.44
C HIS C 149 35.91 -3.18 -40.36
N PHE C 150 35.21 -2.59 -39.41
CA PHE C 150 34.60 -3.34 -38.32
C PHE C 150 33.15 -3.63 -38.70
N GLY C 151 32.84 -4.91 -38.91
CA GLY C 151 31.49 -5.31 -39.23
C GLY C 151 30.59 -5.38 -38.00
N ASN C 152 29.30 -5.42 -38.26
CA ASN C 152 28.32 -5.55 -37.18
C ASN C 152 28.38 -6.94 -36.57
N LEU C 153 27.94 -7.03 -35.32
CA LEU C 153 27.87 -8.28 -34.59
C LEU C 153 26.42 -8.63 -34.33
N SER C 154 26.01 -9.82 -34.74
CA SER C 154 24.64 -10.28 -34.62
C SER C 154 24.61 -11.70 -34.10
N LEU C 155 23.41 -12.15 -33.72
CA LEU C 155 23.26 -13.49 -33.18
C LEU C 155 23.57 -14.53 -34.25
N PRO C 156 24.11 -15.69 -33.86
CA PRO C 156 24.41 -16.74 -34.84
C PRO C 156 23.12 -17.27 -35.46
N GLY C 157 23.05 -17.19 -36.79
CA GLY C 157 21.88 -17.62 -37.52
C GLY C 157 20.81 -16.57 -37.69
N LYS C 158 20.91 -15.45 -36.98
CA LYS C 158 19.98 -14.32 -37.05
C LYS C 158 18.52 -14.78 -36.89
N PRO C 159 18.12 -15.19 -35.70
CA PRO C 159 16.73 -15.59 -35.47
C PRO C 159 15.84 -14.35 -35.37
N ASP C 160 14.54 -14.60 -35.16
CA ASP C 160 13.55 -13.53 -35.03
C ASP C 160 12.75 -13.73 -33.76
N PHE C 161 12.40 -12.63 -33.12
CA PHE C 161 11.64 -12.63 -31.88
C PHE C 161 10.48 -11.65 -32.00
N ASP C 162 9.46 -11.87 -31.18
CA ASP C 162 8.26 -11.04 -31.26
C ASP C 162 8.57 -9.58 -30.94
N GLY C 163 9.41 -9.34 -29.95
CA GLY C 163 9.78 -7.98 -29.58
C GLY C 163 10.97 -7.97 -28.64
N PRO C 164 11.39 -6.78 -28.23
CA PRO C 164 12.50 -6.70 -27.26
C PRO C 164 12.20 -7.38 -25.94
N LYS C 165 10.93 -7.43 -25.52
CA LYS C 165 10.57 -8.10 -24.28
C LYS C 165 10.75 -9.61 -24.37
N ALA C 166 10.85 -10.16 -25.58
CA ALA C 166 11.04 -11.60 -25.73
C ALA C 166 12.45 -12.04 -25.35
N ILE C 167 13.43 -11.13 -25.39
CA ILE C 167 14.80 -11.47 -25.06
C ILE C 167 15.27 -10.87 -23.74
N GLY C 168 14.61 -9.82 -23.24
CA GLY C 168 15.04 -9.19 -22.00
C GLY C 168 13.94 -8.31 -21.46
N SER C 169 14.15 -7.86 -20.23
CA SER C 169 13.18 -7.03 -19.52
C SER C 169 13.79 -5.67 -19.21
N GLN C 170 13.05 -4.61 -19.49
CA GLN C 170 13.52 -3.26 -19.21
C GLN C 170 13.52 -3.02 -17.70
N ARG C 171 14.61 -2.45 -17.20
CA ARG C 171 14.79 -2.22 -15.78
C ARG C 171 15.13 -0.76 -15.53
N VAL C 172 14.64 -0.23 -14.42
CA VAL C 172 14.84 1.16 -14.06
C VAL C 172 16.13 1.28 -13.25
N LEU C 173 16.97 2.23 -13.62
CA LEU C 173 18.22 2.53 -12.92
C LEU C 173 18.19 3.99 -12.51
N ASN C 174 18.34 4.25 -11.21
CA ASN C 174 18.21 5.60 -10.69
C ASN C 174 19.57 6.18 -10.31
N ARG C 175 19.56 7.44 -9.92
CA ARG C 175 20.73 8.14 -9.41
C ARG C 175 20.39 8.71 -8.04
N VAL C 176 21.07 8.20 -7.01
CA VAL C 176 20.73 8.51 -5.62
C VAL C 176 21.60 9.65 -5.15
N ASP C 177 20.97 10.67 -4.56
CA ASP C 177 21.70 11.78 -3.97
C ASP C 177 22.44 11.31 -2.73
N PHE C 178 23.73 11.63 -2.64
CA PHE C 178 24.55 11.13 -1.53
C PHE C 178 24.12 11.75 -0.21
N LYS C 179 23.82 13.04 -0.18
CA LYS C 179 23.52 13.73 1.07
C LYS C 179 22.20 13.23 1.65
N SER C 180 21.17 13.10 0.82
CA SER C 180 19.85 12.72 1.34
C SER C 180 19.63 11.21 1.33
N GLY C 181 20.37 10.48 0.51
CA GLY C 181 20.13 9.06 0.38
C GLY C 181 18.89 8.71 -0.42
N LYS C 182 18.41 9.62 -1.25
CA LYS C 182 17.19 9.43 -2.02
C LYS C 182 17.48 9.66 -3.49
N ALA C 183 16.77 8.93 -4.35
CA ALA C 183 17.03 8.99 -5.78
C ALA C 183 16.66 10.37 -6.35
N HIS C 184 17.62 11.00 -7.02
CA HIS C 184 17.37 12.29 -7.66
C HIS C 184 16.55 12.13 -8.93
N ASP C 185 16.88 11.13 -9.75
CA ASP C 185 16.18 10.85 -10.99
C ASP C 185 16.44 9.40 -11.37
N PHE C 186 16.08 9.01 -12.59
CA PHE C 186 16.24 7.63 -13.02
C PHE C 186 16.24 7.56 -14.54
N PHE C 187 16.61 6.39 -15.05
CA PHE C 187 16.52 6.08 -16.46
C PHE C 187 16.36 4.58 -16.61
N LYS C 188 15.90 4.15 -17.78
CA LYS C 188 15.60 2.76 -18.05
C LYS C 188 16.49 2.21 -19.15
N ALA C 189 16.71 0.89 -19.11
CA ALA C 189 17.45 0.20 -20.14
C ALA C 189 17.01 -1.26 -20.17
N TYR C 190 17.10 -1.87 -21.35
CA TYR C 190 16.80 -3.28 -21.50
C TYR C 190 18.02 -4.11 -21.11
N GLU C 191 17.82 -5.09 -20.23
CA GLU C 191 18.87 -6.01 -19.83
C GLU C 191 18.59 -7.38 -20.44
N VAL C 192 19.53 -7.87 -21.23
CA VAL C 192 19.41 -9.17 -21.89
C VAL C 192 20.37 -10.13 -21.20
N ASP C 193 19.81 -11.19 -20.62
CA ASP C 193 20.62 -12.13 -19.83
C ASP C 193 21.62 -12.84 -20.72
N HIS C 194 22.87 -12.92 -20.24
CA HIS C 194 23.92 -13.58 -21.01
C HIS C 194 23.71 -15.09 -21.12
N THR C 195 22.95 -15.69 -20.19
CA THR C 195 22.71 -17.12 -20.25
C THR C 195 21.93 -17.50 -21.50
N ARG C 196 20.96 -16.67 -21.90
CA ARG C 196 20.13 -16.95 -23.06
C ARG C 196 20.80 -16.55 -24.37
N PHE C 197 21.51 -15.42 -24.39
CA PHE C 197 22.13 -14.89 -25.61
C PHE C 197 23.58 -14.51 -25.31
N PRO C 198 24.48 -15.49 -25.23
CA PRO C 198 25.87 -15.18 -24.90
C PRO C 198 26.73 -14.78 -26.10
N ARG C 199 26.36 -15.25 -27.29
CA ARG C 199 27.22 -15.17 -28.47
C ARG C 199 26.68 -14.15 -29.46
N PHE C 200 27.56 -13.24 -29.88
CA PHE C 200 27.32 -12.35 -31.02
C PHE C 200 28.50 -12.49 -31.97
N GLU C 201 28.20 -12.73 -33.24
CA GLU C 201 29.23 -13.03 -34.23
C GLU C 201 29.32 -11.91 -35.26
N GLY C 202 30.56 -11.60 -35.65
CA GLY C 202 30.80 -10.56 -36.63
C GLY C 202 32.09 -10.79 -37.40
N GLU C 203 32.47 -9.85 -38.25
CA GLU C 203 33.68 -9.97 -39.05
C GLU C 203 34.42 -8.64 -39.09
N ILE C 204 35.73 -8.72 -39.27
CA ILE C 204 36.57 -7.54 -39.48
C ILE C 204 37.31 -7.75 -40.80
N THR C 205 37.14 -6.80 -41.71
CA THR C 205 37.76 -6.86 -43.03
C THR C 205 39.02 -6.00 -43.03
N ILE C 206 40.17 -6.63 -43.28
CA ILE C 206 41.47 -5.97 -43.22
C ILE C 206 42.11 -6.03 -44.59
N ASP C 207 42.55 -4.87 -45.07
CA ASP C 207 43.21 -4.80 -46.37
C ASP C 207 44.59 -5.45 -46.30
N ASN C 208 45.05 -5.95 -47.45
CA ASN C 208 46.37 -6.58 -47.52
C ASN C 208 47.50 -5.59 -47.31
N LYS C 209 47.25 -4.29 -47.51
CA LYS C 209 48.28 -3.27 -47.34
C LYS C 209 48.49 -2.88 -45.89
N VAL C 210 47.65 -3.37 -44.97
CA VAL C 210 47.82 -3.05 -43.56
C VAL C 210 49.07 -3.75 -43.03
N SER C 211 49.89 -2.99 -42.30
CA SER C 211 51.15 -3.51 -41.81
C SER C 211 50.92 -4.60 -40.76
N ALA C 212 51.95 -5.43 -40.57
CA ALA C 212 51.87 -6.49 -39.57
C ALA C 212 51.79 -5.92 -38.16
N GLU C 213 52.47 -4.80 -37.92
CA GLU C 213 52.42 -4.16 -36.61
C GLU C 213 51.00 -3.69 -36.29
N ALA C 214 50.30 -3.13 -37.29
CA ALA C 214 48.92 -2.70 -37.07
C ALA C 214 48.02 -3.89 -36.76
N ARG C 215 48.22 -5.01 -37.47
CA ARG C 215 47.43 -6.21 -37.20
C ARG C 215 47.69 -6.74 -35.80
N LYS C 216 48.96 -6.75 -35.37
CA LYS C 216 49.28 -7.19 -34.02
C LYS C 216 48.66 -6.27 -32.98
N LEU C 217 48.70 -4.96 -33.22
CA LEU C 217 48.06 -4.02 -32.30
C LEU C 217 46.56 -4.25 -32.23
N LEU C 218 45.92 -4.50 -33.38
CA LEU C 218 44.49 -4.78 -33.40
C LEU C 218 44.17 -6.04 -32.61
N CYS C 219 44.96 -7.10 -32.80
CA CYS C 219 44.72 -8.34 -32.06
C CYS C 219 44.91 -8.15 -30.56
N ASP C 220 45.96 -7.43 -30.17
CA ASP C 220 46.19 -7.18 -28.75
C ASP C 220 45.08 -6.33 -28.15
N SER C 221 44.58 -5.35 -28.90
CA SER C 221 43.47 -4.53 -28.42
C SER C 221 42.19 -5.33 -28.30
N LEU C 222 41.95 -6.26 -29.23
CA LEU C 222 40.80 -7.15 -29.11
C LEU C 222 40.90 -8.03 -27.87
N LYS C 223 42.09 -8.58 -27.62
CA LYS C 223 42.27 -9.42 -26.44
C LYS C 223 42.28 -8.62 -25.14
N PHE C 224 42.54 -7.31 -25.22
CA PHE C 224 42.59 -6.44 -24.05
C PHE C 224 41.26 -5.77 -23.73
N THR C 225 40.28 -5.87 -24.63
CA THR C 225 38.97 -5.26 -24.42
C THR C 225 38.17 -6.15 -23.48
N ASP C 226 37.89 -5.64 -22.28
CA ASP C 226 37.28 -6.45 -21.22
C ASP C 226 35.79 -6.25 -21.07
N ARG C 227 35.23 -5.16 -21.60
CA ARG C 227 33.80 -4.91 -21.43
C ARG C 227 33.24 -4.25 -22.68
N LEU C 228 31.96 -4.49 -22.94
CA LEU C 228 31.27 -3.93 -24.09
C LEU C 228 29.77 -4.05 -23.85
N CYS C 229 29.03 -3.00 -24.25
CA CYS C 229 27.58 -2.96 -24.13
C CYS C 229 27.11 -3.14 -22.69
N GLY C 230 27.90 -2.64 -21.73
CA GLY C 230 27.53 -2.69 -20.34
C GLY C 230 27.84 -3.99 -19.61
N ALA C 231 28.53 -4.92 -20.25
CA ALA C 231 28.84 -6.21 -19.64
C ALA C 231 30.26 -6.61 -19.99
N LEU C 232 30.89 -7.35 -19.08
CA LEU C 232 32.21 -7.91 -19.36
C LEU C 232 32.10 -8.97 -20.45
N CYS C 233 33.04 -8.94 -21.38
CA CYS C 233 32.96 -9.78 -22.56
C CYS C 233 34.33 -10.39 -22.85
N VAL C 234 34.30 -11.53 -23.56
CA VAL C 234 35.49 -12.17 -24.08
C VAL C 234 35.37 -12.17 -25.60
N ILE C 235 36.34 -11.56 -26.27
CA ILE C 235 36.33 -11.44 -27.73
C ILE C 235 37.39 -12.37 -28.28
N ARG C 236 36.96 -13.32 -29.11
CA ARG C 236 37.86 -14.29 -29.73
C ARG C 236 37.80 -14.11 -31.25
N PHE C 237 38.96 -14.28 -31.87
CA PHE C 237 39.09 -14.14 -33.32
C PHE C 237 39.80 -15.36 -33.89
N ASP C 238 39.32 -15.83 -35.04
CA ASP C 238 39.91 -16.98 -35.70
C ASP C 238 40.32 -16.62 -37.13
N LEU C 261 -3.56 -23.58 -19.56
CA LEU C 261 -3.95 -24.35 -18.38
C LEU C 261 -4.27 -23.41 -17.22
N ALA C 262 -3.37 -22.46 -16.96
CA ALA C 262 -3.59 -21.51 -15.88
C ALA C 262 -4.82 -20.65 -16.14
N GLU C 263 -5.00 -20.18 -17.37
CA GLU C 263 -6.17 -19.38 -17.69
C GLU C 263 -7.46 -20.20 -17.65
N LYS C 264 -7.41 -21.45 -18.09
CA LYS C 264 -8.58 -22.32 -17.97
C LYS C 264 -8.96 -22.54 -16.52
N THR C 265 -7.97 -22.79 -15.66
CA THR C 265 -8.25 -22.95 -14.24
C THR C 265 -8.80 -21.67 -13.63
N ALA C 266 -8.26 -20.52 -14.04
CA ALA C 266 -8.77 -19.24 -13.55
C ALA C 266 -10.23 -19.04 -13.96
N GLU C 267 -10.56 -19.36 -15.21
CA GLU C 267 -11.94 -19.23 -15.66
C GLU C 267 -12.86 -20.17 -14.88
N GLN C 268 -12.42 -21.40 -14.65
CA GLN C 268 -13.23 -22.34 -13.90
C GLN C 268 -13.46 -21.86 -12.47
N ILE C 269 -12.42 -21.35 -11.82
CA ILE C 269 -12.54 -20.86 -10.45
C ILE C 269 -13.45 -19.63 -10.39
N ILE C 270 -13.32 -18.74 -11.37
CA ILE C 270 -14.17 -17.55 -11.40
C ILE C 270 -15.63 -17.94 -11.60
N SER C 271 -15.89 -18.91 -12.49
CA SER C 271 -17.24 -19.39 -12.68
C SER C 271 -17.80 -20.03 -11.42
N ILE C 272 -16.96 -20.80 -10.71
CA ILE C 272 -17.40 -21.42 -9.47
C ILE C 272 -17.75 -20.35 -8.44
N LEU C 273 -16.91 -19.33 -8.30
CA LEU C 273 -17.19 -18.26 -7.36
C LEU C 273 -18.46 -17.51 -7.72
N ASP C 274 -18.67 -17.24 -9.01
CA ASP C 274 -19.86 -16.49 -9.43
C ASP C 274 -21.13 -17.31 -9.22
N ASP C 275 -21.10 -18.61 -9.52
CA ASP C 275 -22.29 -19.43 -9.41
C ASP C 275 -22.75 -19.55 -7.96
N ASN C 276 -21.82 -19.66 -7.02
CA ASN C 276 -22.14 -19.80 -5.61
C ASN C 276 -22.33 -18.47 -4.90
N LYS C 277 -22.24 -17.35 -5.63
CA LYS C 277 -22.44 -16.02 -5.07
C LYS C 277 -21.45 -15.72 -3.94
N LYS C 278 -20.23 -16.21 -4.09
CA LYS C 278 -19.15 -15.95 -3.14
C LYS C 278 -18.00 -15.33 -3.92
N THR C 279 -18.08 -14.01 -4.13
CA THR C 279 -17.09 -13.27 -4.89
C THR C 279 -16.25 -12.35 -4.03
N GLU C 280 -16.61 -12.17 -2.76
CA GLU C 280 -15.79 -11.38 -1.84
C GLU C 280 -14.53 -12.11 -1.42
N TYR C 281 -14.40 -13.38 -1.75
CA TYR C 281 -13.22 -14.18 -1.43
C TYR C 281 -12.23 -14.23 -2.58
N THR C 282 -12.45 -13.46 -3.65
CA THR C 282 -11.61 -13.56 -4.84
C THR C 282 -10.18 -13.14 -4.55
N ARG C 283 -9.97 -12.00 -3.88
CA ARG C 283 -8.62 -11.57 -3.60
C ARG C 283 -7.93 -12.46 -2.58
N LEU C 284 -8.67 -12.93 -1.58
CA LEU C 284 -8.10 -13.86 -0.62
C LEU C 284 -7.66 -15.15 -1.30
N LEU C 285 -8.47 -15.66 -2.23
CA LEU C 285 -8.08 -16.84 -2.99
C LEU C 285 -6.88 -16.56 -3.88
N ALA C 286 -6.82 -15.39 -4.49
CA ALA C 286 -5.66 -15.04 -5.30
C ALA C 286 -4.38 -15.06 -4.47
N ASP C 287 -4.40 -14.40 -3.31
CA ASP C 287 -3.22 -14.36 -2.47
C ASP C 287 -2.85 -15.75 -1.96
N ALA C 288 -3.84 -16.52 -1.52
CA ALA C 288 -3.57 -17.87 -1.00
C ALA C 288 -3.01 -18.78 -2.08
N ILE C 289 -3.54 -18.69 -3.30
CA ILE C 289 -3.06 -19.54 -4.38
C ILE C 289 -1.65 -19.14 -4.79
N ARG C 290 -1.38 -17.83 -4.85
CA ARG C 290 -0.01 -17.40 -5.15
C ARG C 290 0.96 -17.82 -4.06
N SER C 291 0.48 -17.93 -2.81
CA SER C 291 1.32 -18.42 -1.73
C SER C 291 1.66 -19.89 -1.86
N LEU C 292 0.95 -20.64 -2.72
CA LEU C 292 1.18 -22.07 -2.88
C LEU C 292 2.32 -22.38 -3.84
N ARG C 293 2.95 -21.37 -4.43
CA ARG C 293 4.00 -21.60 -5.42
C ARG C 293 5.28 -22.16 -4.82
N ARG C 294 5.41 -22.16 -3.49
CA ARG C 294 6.62 -22.69 -2.86
C ARG C 294 6.75 -24.18 -3.13
N SER C 295 5.67 -24.93 -3.01
CA SER C 295 5.69 -26.36 -3.28
C SER C 295 4.27 -26.83 -3.61
N SER C 296 4.19 -27.87 -4.44
CA SER C 296 2.91 -28.46 -4.78
C SER C 296 2.35 -29.34 -3.67
N LYS C 297 3.16 -29.66 -2.66
CA LYS C 297 2.68 -30.44 -1.53
C LYS C 297 1.80 -29.65 -0.58
N LEU C 298 1.74 -28.32 -0.73
CA LEU C 298 0.89 -27.51 0.12
C LEU C 298 -0.60 -27.72 -0.19
N VAL C 299 -0.94 -28.19 -1.39
CA VAL C 299 -2.33 -28.42 -1.74
C VAL C 299 -2.91 -29.57 -0.90
N ALA C 300 -2.12 -30.61 -0.68
CA ALA C 300 -2.59 -31.73 0.12
C ALA C 300 -2.78 -31.33 1.58
N GLY C 301 -2.10 -30.28 2.03
CA GLY C 301 -2.18 -29.86 3.42
C GLY C 301 -3.10 -28.68 3.66
N LEU C 302 -4.00 -28.42 2.72
CA LEU C 302 -4.94 -27.32 2.89
C LEU C 302 -5.88 -27.62 4.06
N PRO C 303 -6.28 -26.61 4.83
CA PRO C 303 -7.09 -26.86 6.02
C PRO C 303 -8.46 -27.41 5.69
N LYS C 304 -8.99 -28.21 6.62
CA LYS C 304 -10.36 -28.71 6.57
C LYS C 304 -11.25 -27.78 7.38
N ASP C 305 -12.51 -28.19 7.58
CA ASP C 305 -13.40 -27.43 8.44
C ASP C 305 -13.12 -27.81 9.89
N HIS C 306 -13.89 -27.26 10.82
CA HIS C 306 -13.68 -27.52 12.23
C HIS C 306 -14.10 -28.92 12.65
N ASP C 307 -14.86 -29.63 11.80
CA ASP C 307 -15.22 -31.01 12.04
C ASP C 307 -14.30 -32.00 11.34
N GLY C 308 -13.27 -31.51 10.65
CA GLY C 308 -12.35 -32.37 9.93
C GLY C 308 -12.81 -32.78 8.55
N LYS C 309 -13.94 -32.28 8.07
CA LYS C 309 -14.48 -32.64 6.78
C LYS C 309 -14.10 -31.59 5.72
N ASP C 310 -14.39 -31.91 4.46
CA ASP C 310 -14.11 -31.00 3.35
C ASP C 310 -15.27 -30.01 3.21
N ASP C 311 -15.35 -29.10 4.17
CA ASP C 311 -16.36 -28.04 4.15
C ASP C 311 -15.74 -26.69 4.48
N HIS C 312 -14.46 -26.50 4.14
CA HIS C 312 -13.81 -25.22 4.39
C HIS C 312 -14.48 -24.13 3.58
N TYR C 313 -14.57 -22.93 4.18
CA TYR C 313 -15.29 -21.84 3.55
C TYR C 313 -14.59 -21.29 2.32
N LEU C 314 -13.32 -21.64 2.11
CA LEU C 314 -12.56 -21.17 0.96
C LEU C 314 -12.37 -22.27 -0.09
N TRP C 315 -11.82 -23.41 0.32
CA TRP C 315 -11.39 -24.44 -0.61
C TRP C 315 -12.50 -25.37 -1.05
N ASP C 316 -13.66 -25.32 -0.42
CA ASP C 316 -14.79 -26.18 -0.75
C ASP C 316 -16.02 -25.36 -1.12
N ILE C 317 -15.81 -24.27 -1.83
CA ILE C 317 -16.92 -23.39 -2.22
C ILE C 317 -17.79 -24.07 -3.27
N GLY C 318 -17.18 -24.71 -4.26
CA GLY C 318 -17.92 -25.32 -5.34
C GLY C 318 -18.71 -26.55 -4.98
N VAL C 327 -17.57 -29.91 -8.63
CA VAL C 327 -16.16 -29.76 -8.33
C VAL C 327 -15.91 -28.53 -7.47
N THR C 328 -15.01 -28.66 -6.50
CA THR C 328 -14.66 -27.57 -5.61
C THR C 328 -13.26 -27.06 -5.94
N ILE C 329 -12.90 -25.96 -5.28
CA ILE C 329 -11.58 -25.36 -5.50
C ILE C 329 -10.48 -26.30 -5.05
N ARG C 330 -10.69 -27.00 -3.93
CA ARG C 330 -9.70 -27.96 -3.45
C ARG C 330 -9.48 -29.07 -4.45
N GLN C 331 -10.56 -29.57 -5.07
CA GLN C 331 -10.43 -30.62 -6.07
C GLN C 331 -9.72 -30.13 -7.32
N ILE C 332 -10.00 -28.89 -7.73
CA ILE C 332 -9.32 -28.32 -8.89
C ILE C 332 -7.83 -28.18 -8.63
N LEU C 333 -7.46 -27.68 -7.44
CA LEU C 333 -6.05 -27.55 -7.11
C LEU C 333 -5.37 -28.91 -7.00
N THR C 334 -6.07 -29.90 -6.44
CA THR C 334 -5.51 -31.24 -6.32
C THR C 334 -5.27 -31.86 -7.69
N THR C 335 -6.22 -31.66 -8.62
CA THR C 335 -6.04 -32.15 -9.97
C THR C 335 -4.85 -31.48 -10.66
N SER C 336 -4.71 -30.17 -10.48
CA SER C 336 -3.61 -29.45 -11.10
C SER C 336 -2.26 -29.90 -10.55
N ALA C 337 -2.17 -30.13 -9.25
CA ALA C 337 -0.91 -30.56 -8.66
C ALA C 337 -0.49 -31.93 -9.18
N ASP C 338 -1.45 -32.80 -9.49
CA ASP C 338 -1.17 -34.14 -9.97
C ASP C 338 -0.95 -34.20 -11.48
N THR C 339 -1.10 -33.07 -12.18
CA THR C 339 -0.90 -33.06 -13.62
C THR C 339 0.56 -33.38 -13.96
N LYS C 340 0.74 -34.11 -15.07
CA LYS C 340 2.09 -34.50 -15.47
C LYS C 340 2.94 -33.28 -15.80
N GLU C 341 2.37 -32.29 -16.47
CA GLU C 341 3.13 -31.10 -16.84
C GLU C 341 3.60 -30.34 -15.59
N LEU C 342 2.72 -30.19 -14.61
CA LEU C 342 3.02 -29.39 -13.41
C LEU C 342 3.79 -30.16 -12.36
N LYS C 343 4.42 -31.28 -12.73
CA LYS C 343 5.27 -32.00 -11.78
C LYS C 343 6.54 -31.21 -11.47
N ASN C 344 7.07 -30.49 -12.46
CA ASN C 344 8.25 -29.67 -12.23
C ASN C 344 7.92 -28.54 -11.26
N ALA C 345 8.88 -28.20 -10.40
CA ALA C 345 8.67 -27.14 -9.43
C ALA C 345 8.50 -25.79 -10.11
N GLY C 346 9.30 -25.53 -11.14
CA GLY C 346 9.20 -24.25 -11.84
C GLY C 346 7.88 -24.06 -12.55
N LYS C 347 7.40 -25.11 -13.23
CA LYS C 347 6.11 -25.02 -13.90
C LYS C 347 4.96 -24.84 -12.92
N TRP C 348 5.01 -25.53 -11.77
CA TRP C 348 3.99 -25.33 -10.75
C TRP C 348 4.04 -23.92 -10.19
N ARG C 349 5.24 -23.38 -9.95
CA ARG C 349 5.35 -22.00 -9.47
C ARG C 349 4.79 -21.02 -10.48
N GLU C 350 5.10 -21.22 -11.77
CA GLU C 350 4.55 -20.36 -12.81
C GLU C 350 3.03 -20.46 -12.87
N PHE C 351 2.49 -21.68 -12.75
CA PHE C 351 1.04 -21.86 -12.76
C PHE C 351 0.39 -21.12 -11.60
N CYS C 352 0.96 -21.25 -10.41
CA CYS C 352 0.41 -20.56 -9.25
C CYS C 352 0.48 -19.04 -9.40
N GLU C 353 1.61 -18.53 -9.91
CA GLU C 353 1.74 -17.09 -10.10
C GLU C 353 0.73 -16.57 -11.12
N LYS C 354 0.56 -17.28 -12.24
CA LYS C 354 -0.39 -16.84 -13.26
C LYS C 354 -1.82 -16.91 -12.75
N LEU C 355 -2.16 -17.98 -12.02
CA LEU C 355 -3.51 -18.11 -11.46
C LEU C 355 -3.79 -17.00 -10.45
N GLY C 356 -2.83 -16.71 -9.58
CA GLY C 356 -3.00 -15.63 -8.62
C GLY C 356 -3.15 -14.28 -9.30
N GLU C 357 -2.35 -14.03 -10.34
CA GLU C 357 -2.46 -12.77 -11.06
C GLU C 357 -3.81 -12.63 -11.74
N ALA C 358 -4.29 -13.71 -12.37
CA ALA C 358 -5.60 -13.67 -13.02
C ALA C 358 -6.71 -13.42 -12.01
N LEU C 359 -6.66 -14.09 -10.86
CA LEU C 359 -7.69 -13.87 -9.85
C LEU C 359 -7.60 -12.46 -9.26
N TYR C 360 -6.39 -11.92 -9.10
CA TYR C 360 -6.26 -10.54 -8.64
C TYR C 360 -6.85 -9.56 -9.63
N LEU C 361 -6.59 -9.77 -10.92
CA LEU C 361 -7.17 -8.89 -11.94
C LEU C 361 -8.68 -8.99 -11.96
N LYS C 362 -9.22 -10.21 -11.77
CA LYS C 362 -10.68 -10.36 -11.70
C LYS C 362 -11.23 -9.64 -10.48
N SER C 363 -10.55 -9.74 -9.34
CA SER C 363 -11.02 -9.08 -8.12
C SER C 363 -10.97 -7.56 -8.25
N LYS C 364 -10.01 -7.03 -9.01
CA LYS C 364 -9.97 -5.59 -9.23
C LYS C 364 -11.16 -5.11 -10.06
N ASP C 365 -11.67 -5.94 -10.97
CA ASP C 365 -12.82 -5.56 -11.78
C ASP C 365 -14.08 -5.38 -10.92
N MET C 366 -14.18 -6.11 -9.82
CA MET C 366 -15.35 -6.01 -8.96
C MET C 366 -15.45 -4.66 -8.27
N SER C 367 -14.33 -3.93 -8.12
CA SER C 367 -14.31 -2.64 -7.45
C SER C 367 -14.24 -1.49 -8.44
N GLY C 368 -14.52 -1.74 -9.72
CA GLY C 368 -14.52 -0.72 -10.76
C GLY C 368 -13.44 -0.92 -11.81
N GLY C 369 -12.34 -1.58 -11.44
CA GLY C 369 -11.24 -1.82 -12.33
C GLY C 369 -9.91 -1.55 -11.66
N LEU C 370 -8.84 -1.81 -12.40
CA LEU C 370 -7.48 -1.62 -11.91
C LEU C 370 -7.06 -0.19 -12.27
N LYS C 371 -7.07 0.68 -11.27
CA LYS C 371 -6.67 2.08 -11.44
C LYS C 371 -5.39 2.32 -10.65
N ILE C 372 -4.36 2.82 -11.35
CA ILE C 372 -3.06 3.07 -10.74
C ILE C 372 -2.83 4.57 -10.72
N THR C 373 -2.58 5.11 -9.54
CA THR C 373 -2.25 6.52 -9.41
C THR C 373 -0.86 6.79 -9.98
N ARG C 374 -0.76 7.82 -10.81
CA ARG C 374 0.48 8.17 -11.49
C ARG C 374 1.00 9.49 -10.93
N ARG C 375 2.33 9.59 -10.85
CA ARG C 375 2.97 10.76 -10.27
C ARG C 375 2.67 12.00 -11.10
N ILE C 376 2.40 13.11 -10.42
CA ILE C 376 2.09 14.36 -11.11
C ILE C 376 3.29 14.83 -11.93
N LEU C 377 4.46 14.89 -11.30
CA LEU C 377 5.69 15.27 -11.97
C LEU C 377 6.85 14.49 -11.37
N GLY C 378 7.85 14.22 -12.20
CA GLY C 378 9.03 13.50 -11.76
C GLY C 378 9.08 12.04 -12.12
N ASP C 379 8.09 11.52 -12.84
CA ASP C 379 8.08 10.13 -13.27
C ASP C 379 8.52 9.97 -14.72
N ALA C 380 9.43 10.82 -15.18
CA ALA C 380 10.00 10.74 -16.52
C ALA C 380 11.50 10.50 -16.42
N GLU C 381 12.02 9.69 -17.34
CA GLU C 381 13.44 9.35 -17.33
C GLU C 381 14.29 10.58 -17.63
N PHE C 382 15.44 10.65 -16.98
CA PHE C 382 16.43 11.69 -17.24
C PHE C 382 17.68 11.05 -17.83
N HIS C 383 18.11 11.56 -18.97
CA HIS C 383 19.27 11.03 -19.67
C HIS C 383 20.40 12.05 -19.65
N GLY C 384 21.62 11.58 -19.40
CA GLY C 384 22.76 12.47 -19.42
C GLY C 384 22.99 13.06 -20.81
N LYS C 385 23.28 14.36 -20.84
CA LYS C 385 23.50 15.06 -22.10
C LYS C 385 24.99 15.37 -22.25
N PRO C 386 25.71 14.71 -23.15
CA PRO C 386 27.13 15.01 -23.32
C PRO C 386 27.34 16.40 -23.88
N ASP C 387 28.46 17.00 -23.51
CA ASP C 387 28.87 18.30 -24.03
C ASP C 387 29.73 18.11 -25.26
N ARG C 388 29.43 18.86 -26.31
CA ARG C 388 30.16 18.77 -27.57
C ARG C 388 31.39 19.66 -27.46
N LEU C 389 32.55 19.05 -27.29
CA LEU C 389 33.81 19.76 -27.09
C LEU C 389 34.54 19.91 -28.42
N GLU C 390 35.09 21.10 -28.66
CA GLU C 390 35.71 21.41 -29.95
C GLU C 390 36.98 20.58 -30.16
N LYS C 391 37.87 20.55 -29.17
CA LYS C 391 39.16 19.91 -29.31
C LYS C 391 39.36 18.87 -28.22
N SER C 392 40.25 17.92 -28.48
CA SER C 392 40.57 16.86 -27.55
C SER C 392 41.46 17.41 -26.43
N ARG C 393 41.95 16.52 -25.57
CA ARG C 393 42.72 16.94 -24.39
C ARG C 393 43.67 15.79 -24.05
N SER C 394 44.91 15.91 -24.50
CA SER C 394 45.90 14.84 -24.29
C SER C 394 46.40 14.86 -22.86
N VAL C 395 46.34 13.72 -22.20
CA VAL C 395 46.82 13.55 -20.82
C VAL C 395 47.65 12.28 -20.75
N SER C 396 48.83 12.37 -20.14
CA SER C 396 49.70 11.22 -19.95
C SER C 396 49.49 10.66 -18.55
N ILE C 397 49.25 9.34 -18.47
CA ILE C 397 48.99 8.68 -17.19
C ILE C 397 50.17 7.85 -16.70
N GLY C 398 51.26 7.82 -17.45
CA GLY C 398 52.43 7.07 -17.06
C GLY C 398 52.40 5.63 -17.56
N SER C 399 53.54 4.97 -17.40
CA SER C 399 53.71 3.58 -17.85
C SER C 399 53.47 2.57 -16.74
N VAL C 400 53.09 3.02 -15.55
CA VAL C 400 52.86 2.13 -14.41
C VAL C 400 51.38 1.82 -14.32
N LEU C 401 51.02 0.55 -14.45
CA LEU C 401 49.64 0.10 -14.36
C LEU C 401 49.61 -1.27 -13.72
N LYS C 402 48.89 -1.39 -12.61
CA LYS C 402 48.77 -2.63 -11.88
C LYS C 402 47.29 -2.95 -11.67
N GLU C 403 46.91 -4.19 -11.94
CA GLU C 403 45.52 -4.64 -11.80
C GLU C 403 45.43 -5.60 -10.63
N THR C 404 44.56 -5.28 -9.67
CA THR C 404 44.37 -6.08 -8.48
C THR C 404 43.01 -6.76 -8.55
N VAL C 405 43.01 -8.07 -8.37
CA VAL C 405 41.78 -8.89 -8.44
C VAL C 405 41.42 -9.32 -7.04
N VAL C 406 40.19 -9.02 -6.62
CA VAL C 406 39.67 -9.42 -5.32
C VAL C 406 38.48 -10.34 -5.55
N CYS C 407 38.56 -11.56 -5.03
CA CYS C 407 37.50 -12.54 -5.17
C CYS C 407 37.08 -13.04 -3.79
N GLY C 408 35.78 -13.10 -3.57
CA GLY C 408 35.25 -13.54 -2.30
C GLY C 408 33.81 -13.99 -2.45
N GLU C 409 33.06 -13.88 -1.36
CA GLU C 409 31.64 -14.20 -1.34
C GLU C 409 30.90 -13.14 -0.53
N LEU C 410 29.73 -12.74 -1.03
CA LEU C 410 28.86 -11.81 -0.34
C LEU C 410 27.67 -12.58 0.21
N VAL C 411 27.66 -12.81 1.51
CA VAL C 411 26.63 -13.61 2.18
C VAL C 411 25.62 -12.67 2.82
N ALA C 412 24.34 -12.91 2.56
CA ALA C 412 23.29 -12.06 3.10
C ALA C 412 23.06 -12.42 4.56
N LYS C 413 23.46 -11.52 5.46
CA LYS C 413 23.23 -11.72 6.89
C LYS C 413 21.82 -11.34 7.31
N THR C 414 21.12 -10.57 6.48
CA THR C 414 19.74 -10.17 6.72
C THR C 414 18.97 -10.34 5.41
N PRO C 415 17.65 -10.43 5.44
CA PRO C 415 16.89 -10.43 4.18
C PRO C 415 17.17 -9.16 3.39
N PHE C 416 17.20 -9.29 2.06
CA PHE C 416 17.54 -8.17 1.22
C PHE C 416 16.45 -7.93 0.19
N PHE C 417 16.48 -6.74 -0.41
CA PHE C 417 15.43 -6.31 -1.33
C PHE C 417 16.05 -5.41 -2.39
N PHE C 418 16.16 -5.93 -3.62
CA PHE C 418 16.58 -5.14 -4.78
C PHE C 418 15.34 -4.86 -5.61
N GLY C 419 14.87 -3.62 -5.57
CA GLY C 419 13.60 -3.28 -6.19
C GLY C 419 13.66 -3.42 -7.70
N ALA C 420 12.67 -4.15 -8.25
CA ALA C 420 12.52 -4.26 -9.70
C ALA C 420 11.07 -4.60 -9.98
N ILE C 421 10.30 -3.61 -10.38
CA ILE C 421 8.86 -3.79 -10.59
C ILE C 421 8.61 -4.29 -12.00
N ASP C 422 7.84 -5.37 -12.10
CA ASP C 422 7.40 -5.89 -13.39
C ASP C 422 6.04 -5.28 -13.73
N GLU C 423 5.93 -4.66 -14.91
CA GLU C 423 4.70 -4.00 -15.28
C GLU C 423 3.54 -4.98 -15.49
N ASP C 424 3.84 -6.25 -15.75
CA ASP C 424 2.81 -7.26 -15.95
C ASP C 424 2.44 -7.99 -14.67
N ALA C 425 3.04 -7.64 -13.54
CA ALA C 425 2.74 -8.25 -12.25
C ALA C 425 2.13 -7.17 -11.36
N LYS C 426 0.80 -7.09 -11.34
CA LYS C 426 0.09 -6.08 -10.57
C LYS C 426 -0.21 -6.51 -9.15
N GLN C 427 -0.05 -7.80 -8.83
CA GLN C 427 -0.50 -8.31 -7.54
C GLN C 427 0.37 -7.80 -6.40
N THR C 428 1.67 -7.70 -6.61
CA THR C 428 2.62 -7.31 -5.57
C THR C 428 3.06 -5.87 -5.77
N ASP C 429 3.00 -5.08 -4.70
CA ASP C 429 3.38 -3.67 -4.79
C ASP C 429 4.89 -3.50 -4.93
N LEU C 430 5.66 -4.24 -4.13
CA LEU C 430 7.12 -4.17 -4.15
C LEU C 430 7.67 -5.53 -4.52
N GLN C 431 8.55 -5.56 -5.52
CA GLN C 431 9.06 -6.79 -6.09
C GLN C 431 10.59 -6.78 -6.09
N VAL C 432 11.17 -7.97 -5.99
CA VAL C 432 12.62 -8.13 -5.93
C VAL C 432 13.14 -8.43 -7.33
N LEU C 433 14.41 -8.10 -7.55
CA LEU C 433 15.06 -8.38 -8.83
C LEU C 433 15.44 -9.85 -8.92
N LEU C 434 15.05 -10.49 -10.01
CA LEU C 434 15.34 -11.90 -10.24
C LEU C 434 15.84 -12.09 -11.66
N THR C 435 16.60 -13.17 -11.86
CA THR C 435 17.02 -13.59 -13.18
C THR C 435 15.87 -14.29 -13.89
N PRO C 436 15.96 -14.44 -15.22
CA PRO C 436 14.90 -15.15 -15.94
C PRO C 436 14.65 -16.57 -15.45
N ASP C 437 15.67 -17.26 -14.93
CA ASP C 437 15.51 -18.58 -14.34
C ASP C 437 15.14 -18.51 -12.87
N ASN C 438 14.57 -17.40 -12.41
CA ASN C 438 14.07 -17.21 -11.05
C ASN C 438 15.14 -17.31 -9.99
N LYS C 439 16.40 -16.98 -10.32
CA LYS C 439 17.46 -16.91 -9.33
C LYS C 439 17.64 -15.48 -8.88
N TYR C 440 17.93 -15.30 -7.59
CA TYR C 440 18.13 -13.98 -7.03
C TYR C 440 19.39 -13.35 -7.62
N ARG C 441 19.29 -12.07 -7.97
CA ARG C 441 20.34 -11.38 -8.69
C ARG C 441 20.93 -10.26 -7.85
N LEU C 442 22.26 -10.16 -7.87
CA LEU C 442 23.00 -9.07 -7.23
C LEU C 442 23.48 -8.15 -8.35
N PRO C 443 22.72 -7.13 -8.72
CA PRO C 443 23.05 -6.34 -9.91
C PRO C 443 24.36 -5.60 -9.76
N ARG C 444 25.07 -5.45 -10.88
CA ARG C 444 26.33 -4.73 -10.90
C ARG C 444 26.11 -3.24 -10.61
N SER C 445 25.01 -2.68 -11.11
CA SER C 445 24.75 -1.26 -10.90
C SER C 445 24.59 -0.93 -9.43
N ALA C 446 23.87 -1.77 -8.69
CA ALA C 446 23.70 -1.54 -7.25
C ALA C 446 25.02 -1.64 -6.52
N VAL C 447 25.86 -2.62 -6.88
CA VAL C 447 27.16 -2.77 -6.22
C VAL C 447 28.04 -1.57 -6.50
N ARG C 448 28.05 -1.07 -7.74
CA ARG C 448 28.82 0.12 -8.06
C ARG C 448 28.30 1.34 -7.30
N GLY C 449 26.98 1.48 -7.20
CA GLY C 449 26.42 2.60 -6.46
C GLY C 449 26.79 2.57 -4.99
N ILE C 450 26.72 1.38 -4.38
CA ILE C 450 27.09 1.24 -2.97
C ILE C 450 28.58 1.51 -2.78
N LEU C 451 29.40 1.04 -3.71
CA LEU C 451 30.84 1.30 -3.64
C LEU C 451 31.13 2.79 -3.72
N ARG C 452 30.47 3.49 -4.64
CA ARG C 452 30.65 4.94 -4.75
C ARG C 452 30.19 5.65 -3.48
N ARG C 453 29.05 5.23 -2.93
CA ARG C 453 28.55 5.83 -1.71
C ARG C 453 29.54 5.63 -0.55
N ASP C 454 30.09 4.43 -0.42
CA ASP C 454 31.03 4.17 0.66
C ASP C 454 32.34 4.90 0.46
N LEU C 455 32.80 5.05 -0.79
CA LEU C 455 34.00 5.84 -1.03
C LEU C 455 33.79 7.31 -0.68
N GLN C 456 32.62 7.86 -1.05
CA GLN C 456 32.32 9.23 -0.66
C GLN C 456 32.20 9.39 0.85
N THR C 457 31.64 8.37 1.52
CA THR C 457 31.59 8.40 2.99
C THR C 457 32.98 8.39 3.60
N TYR C 458 33.87 7.56 3.06
CA TYR C 458 35.24 7.51 3.57
C TYR C 458 35.94 8.85 3.36
N PHE C 459 35.84 9.42 2.17
CA PHE C 459 36.47 10.71 1.91
C PHE C 459 35.74 11.85 2.61
N ASP C 460 34.49 11.63 3.03
CA ASP C 460 33.67 12.67 3.66
C ASP C 460 33.53 13.89 2.76
N SER C 461 33.45 13.67 1.46
CA SER C 461 33.32 14.74 0.48
C SER C 461 32.39 14.29 -0.63
N PRO C 462 31.14 14.74 -0.66
CA PRO C 462 30.22 14.34 -1.73
C PRO C 462 30.72 14.83 -3.08
N CYS C 463 30.41 14.06 -4.12
CA CYS C 463 30.75 14.42 -5.49
C CYS C 463 29.56 15.15 -6.10
N ASN C 464 29.66 16.48 -6.15
CA ASN C 464 28.59 17.31 -6.71
C ASN C 464 28.81 17.54 -8.19
N ALA C 465 28.81 16.43 -8.93
CA ALA C 465 28.98 16.45 -10.38
C ALA C 465 27.65 16.16 -11.07
N GLU C 466 27.61 16.50 -12.35
CA GLU C 466 26.42 16.31 -13.17
C GLU C 466 26.76 15.48 -14.40
N LEU C 467 25.77 14.75 -14.90
CA LEU C 467 25.97 13.92 -16.08
C LEU C 467 26.36 14.77 -17.28
N GLY C 468 27.32 14.29 -18.05
CA GLY C 468 27.81 15.02 -19.20
C GLY C 468 29.10 15.78 -18.90
N GLY C 469 29.72 16.29 -19.95
CA GLY C 469 30.96 17.01 -19.82
C GLY C 469 32.15 16.09 -19.67
N ARG C 470 33.31 16.71 -19.45
CA ARG C 470 34.54 15.96 -19.27
C ARG C 470 34.49 15.18 -17.96
N PRO C 471 35.24 14.08 -17.87
CA PRO C 471 35.16 13.24 -16.67
C PRO C 471 35.53 14.00 -15.40
N CYS C 472 34.81 13.69 -14.32
CA CYS C 472 35.10 14.30 -13.04
C CYS C 472 36.45 13.84 -12.51
N MET C 473 37.19 14.76 -11.91
CA MET C 473 38.55 14.49 -11.45
C MET C 473 38.63 14.34 -9.93
N CYS C 474 37.49 14.18 -9.26
CA CYS C 474 37.52 13.94 -7.83
C CYS C 474 38.05 12.54 -7.55
N LYS C 475 38.55 12.36 -6.33
CA LYS C 475 39.20 11.10 -5.97
C LYS C 475 38.24 9.92 -6.05
N THR C 476 36.98 10.11 -5.64
CA THR C 476 36.01 9.02 -5.72
C THR C 476 35.78 8.60 -7.17
N CYS C 477 35.60 9.57 -8.06
CA CYS C 477 35.41 9.24 -9.48
C CYS C 477 36.66 8.63 -10.09
N ARG C 478 37.84 9.12 -9.70
CA ARG C 478 39.08 8.52 -10.20
C ARG C 478 39.20 7.07 -9.78
N ILE C 479 38.84 6.75 -8.53
CA ILE C 479 38.86 5.37 -8.09
C ILE C 479 37.82 4.55 -8.85
N MET C 480 36.61 5.09 -9.02
CA MET C 480 35.53 4.33 -9.63
C MET C 480 35.79 4.07 -11.11
N ARG C 481 36.50 4.95 -11.80
CA ARG C 481 36.79 4.73 -13.21
C ARG C 481 37.72 3.53 -13.44
N GLY C 482 38.43 3.08 -12.41
CA GLY C 482 39.23 1.88 -12.49
C GLY C 482 38.65 0.66 -11.81
N ILE C 483 37.38 0.71 -11.40
CA ILE C 483 36.74 -0.36 -10.63
C ILE C 483 35.91 -1.22 -11.59
N THR C 484 36.06 -2.53 -11.47
CA THR C 484 35.26 -3.48 -12.23
C THR C 484 34.66 -4.48 -11.26
N VAL C 485 33.33 -4.54 -11.22
CA VAL C 485 32.59 -5.50 -10.41
C VAL C 485 31.72 -6.34 -11.34
N MET C 486 31.65 -7.63 -11.06
CA MET C 486 30.91 -8.56 -11.92
C MET C 486 29.53 -8.81 -11.36
N ASP C 487 28.52 -8.74 -12.23
CA ASP C 487 27.15 -9.08 -11.85
C ASP C 487 27.09 -10.53 -11.40
N ALA C 488 26.38 -10.78 -10.31
CA ALA C 488 26.33 -12.10 -9.69
C ALA C 488 24.90 -12.53 -9.47
N ARG C 489 24.70 -13.85 -9.42
CA ARG C 489 23.40 -14.44 -9.11
C ARG C 489 23.63 -15.58 -8.12
N SER C 490 22.53 -16.14 -7.64
CA SER C 490 22.57 -17.17 -6.60
C SER C 490 22.00 -18.48 -7.12
N GLU C 491 22.50 -19.58 -6.56
CA GLU C 491 21.95 -20.89 -6.87
C GLU C 491 20.56 -21.07 -6.28
N TYR C 492 20.31 -20.47 -5.12
CA TYR C 492 19.00 -20.53 -4.49
C TYR C 492 17.95 -19.86 -5.36
N ASN C 493 16.82 -20.54 -5.56
CA ASN C 493 15.78 -20.01 -6.44
C ASN C 493 14.36 -20.23 -5.91
N ALA C 494 14.19 -20.37 -4.60
CA ALA C 494 12.85 -20.52 -4.05
C ALA C 494 12.07 -19.21 -4.18
N PRO C 495 10.75 -19.27 -4.23
CA PRO C 495 9.96 -18.06 -4.38
C PRO C 495 10.19 -17.12 -3.21
N PRO C 496 10.21 -15.82 -3.46
CA PRO C 496 10.34 -14.86 -2.35
C PRO C 496 9.12 -14.87 -1.44
N GLU C 497 9.36 -14.57 -0.17
CA GLU C 497 8.28 -14.40 0.78
C GLU C 497 7.64 -13.03 0.61
N ILE C 498 6.33 -12.98 0.81
CA ILE C 498 5.57 -11.73 0.71
C ILE C 498 5.22 -11.27 2.12
N ARG C 499 5.62 -10.06 2.46
CA ARG C 499 5.31 -9.45 3.75
C ARG C 499 4.25 -8.37 3.54
N HIS C 500 3.20 -8.43 4.34
CA HIS C 500 2.18 -7.39 4.34
C HIS C 500 2.64 -6.26 5.25
N ARG C 501 2.45 -5.02 4.81
CA ARG C 501 2.85 -3.85 5.56
C ARG C 501 1.72 -2.83 5.55
N THR C 502 1.59 -2.07 6.63
CA THR C 502 0.57 -1.06 6.76
C THR C 502 1.14 0.18 7.42
N ARG C 503 0.38 1.26 7.36
CA ARG C 503 0.70 2.50 8.06
C ARG C 503 -0.46 2.84 8.99
N ILE C 504 -0.14 3.18 10.23
CA ILE C 504 -1.13 3.38 11.28
C ILE C 504 -1.41 4.87 11.42
N ASN C 505 -2.68 5.22 11.49
CA ASN C 505 -3.09 6.60 11.73
C ASN C 505 -2.76 6.96 13.17
N PRO C 506 -1.93 7.98 13.42
CA PRO C 506 -1.56 8.30 14.80
C PRO C 506 -2.71 8.82 15.65
N PHE C 507 -3.78 9.33 15.03
CA PHE C 507 -4.88 9.91 15.79
C PHE C 507 -5.87 8.85 16.25
N THR C 508 -6.38 8.06 15.31
CA THR C 508 -7.35 7.01 15.63
C THR C 508 -6.72 5.71 16.07
N GLY C 509 -5.41 5.53 15.87
CA GLY C 509 -4.73 4.32 16.26
C GLY C 509 -4.98 3.14 15.35
N THR C 510 -5.67 3.33 14.23
CA THR C 510 -5.99 2.28 13.30
C THR C 510 -5.27 2.50 11.97
N VAL C 511 -5.55 1.63 11.00
CA VAL C 511 -4.91 1.72 9.71
C VAL C 511 -5.36 2.99 8.99
N ALA C 512 -4.39 3.67 8.37
CA ALA C 512 -4.71 4.84 7.55
C ALA C 512 -5.43 4.41 6.28
N GLU C 513 -6.08 5.36 5.64
CA GLU C 513 -6.82 5.09 4.41
C GLU C 513 -5.86 4.77 3.28
N GLY C 514 -6.02 3.60 2.68
CA GLY C 514 -5.18 3.18 1.58
C GLY C 514 -3.82 2.66 1.96
N ALA C 515 -3.57 2.42 3.25
CA ALA C 515 -2.26 1.99 3.74
C ALA C 515 -2.27 0.49 3.97
N LEU C 516 -2.07 -0.25 2.88
CA LEU C 516 -1.97 -1.71 2.94
C LEU C 516 -1.30 -2.17 1.66
N PHE C 517 -0.18 -2.88 1.80
CA PHE C 517 0.60 -3.28 0.63
C PHE C 517 1.45 -4.50 0.96
N ASN C 518 1.88 -5.19 -0.10
CA ASN C 518 2.74 -6.36 -0.02
C ASN C 518 4.18 -5.98 -0.34
N MET C 519 5.08 -6.91 -0.04
CA MET C 519 6.50 -6.67 -0.29
C MET C 519 7.20 -8.02 -0.45
N GLU C 520 7.75 -8.26 -1.64
CA GLU C 520 8.58 -9.45 -1.84
C GLU C 520 9.94 -9.22 -1.18
N VAL C 521 10.38 -10.21 -0.42
CA VAL C 521 11.62 -10.12 0.33
C VAL C 521 12.47 -11.35 0.03
N ALA C 522 13.73 -11.14 -0.33
CA ALA C 522 14.65 -12.23 -0.55
C ALA C 522 15.16 -12.77 0.80
N PRO C 523 15.26 -14.09 0.95
CA PRO C 523 15.65 -14.65 2.25
C PRO C 523 17.12 -14.41 2.57
N GLU C 524 17.42 -14.46 3.86
CA GLU C 524 18.78 -14.34 4.33
C GLU C 524 19.52 -15.67 4.16
N GLY C 525 20.85 -15.60 4.22
CA GLY C 525 21.69 -16.76 4.01
C GLY C 525 22.06 -17.01 2.57
N ILE C 526 21.54 -16.22 1.64
CA ILE C 526 21.88 -16.38 0.23
C ILE C 526 23.31 -15.89 -0.01
N VAL C 527 24.09 -16.69 -0.72
CA VAL C 527 25.50 -16.39 -0.98
C VAL C 527 25.66 -16.02 -2.44
N PHE C 528 26.28 -14.87 -2.70
CA PHE C 528 26.61 -14.39 -4.03
C PHE C 528 28.12 -14.39 -4.22
N PRO C 529 28.62 -14.90 -5.35
CA PRO C 529 30.04 -14.73 -5.65
C PRO C 529 30.39 -13.26 -5.83
N PHE C 530 31.59 -12.90 -5.38
CA PHE C 530 32.06 -11.53 -5.46
C PHE C 530 33.40 -11.50 -6.17
N GLN C 531 33.50 -10.67 -7.21
CA GLN C 531 34.77 -10.45 -7.91
C GLN C 531 34.89 -8.96 -8.20
N LEU C 532 35.98 -8.36 -7.71
CA LEU C 532 36.25 -6.95 -7.92
C LEU C 532 37.66 -6.79 -8.46
N ARG C 533 37.81 -5.93 -9.46
CA ARG C 533 39.10 -5.63 -10.05
C ARG C 533 39.33 -4.14 -10.07
N TYR C 534 40.51 -3.72 -9.62
CA TYR C 534 40.94 -2.33 -9.68
C TYR C 534 42.17 -2.22 -10.56
N ARG C 535 42.12 -1.33 -11.54
CA ARG C 535 43.24 -1.08 -12.44
C ARG C 535 43.69 0.36 -12.26
N GLY C 536 44.94 0.54 -11.85
CA GLY C 536 45.46 1.87 -11.60
C GLY C 536 46.96 1.86 -11.52
N SER C 537 47.52 3.03 -11.19
CA SER C 537 48.96 3.21 -11.10
C SER C 537 49.49 3.01 -9.69
N GLU C 538 48.63 2.76 -8.72
CA GLU C 538 49.09 2.51 -7.35
C GLU C 538 49.75 1.14 -7.26
N ASP C 539 50.52 0.95 -6.19
CA ASP C 539 51.15 -0.34 -5.94
C ASP C 539 50.13 -1.40 -5.54
N GLY C 540 48.91 -1.00 -5.19
CA GLY C 540 47.85 -1.93 -4.87
C GLY C 540 46.50 -1.25 -4.87
N LEU C 541 45.59 -1.70 -4.02
CA LEU C 541 44.32 -1.01 -3.87
C LEU C 541 44.53 0.34 -3.20
N PRO C 542 43.69 1.33 -3.52
CA PRO C 542 43.73 2.59 -2.77
C PRO C 542 43.33 2.36 -1.32
N ASP C 543 43.85 3.21 -0.43
CA ASP C 543 43.51 3.09 0.98
C ASP C 543 42.02 3.23 1.22
N ALA C 544 41.34 4.08 0.44
CA ALA C 544 39.89 4.19 0.55
C ALA C 544 39.21 2.88 0.19
N LEU C 545 39.65 2.25 -0.89
CA LEU C 545 39.06 0.97 -1.30
C LEU C 545 39.36 -0.11 -0.27
N LYS C 546 40.58 -0.13 0.28
CA LYS C 546 40.89 -1.09 1.33
C LYS C 546 39.99 -0.90 2.54
N THR C 547 39.76 0.35 2.94
CA THR C 547 38.89 0.62 4.09
C THR C 547 37.46 0.19 3.80
N VAL C 548 36.96 0.46 2.59
CA VAL C 548 35.60 0.07 2.25
C VAL C 548 35.46 -1.45 2.25
N LEU C 549 36.45 -2.16 1.69
CA LEU C 549 36.40 -3.61 1.68
C LEU C 549 36.51 -4.19 3.08
N LYS C 550 37.27 -3.53 3.97
CA LYS C 550 37.34 -3.99 5.35
C LYS C 550 36.03 -3.74 6.09
N TRP C 551 35.35 -2.63 5.78
CA TRP C 551 34.01 -2.42 6.30
C TRP C 551 33.07 -3.52 5.85
N TRP C 552 33.15 -3.89 4.57
CA TRP C 552 32.29 -4.95 4.04
C TRP C 552 32.60 -6.29 4.70
N ALA C 553 33.89 -6.59 4.93
CA ALA C 553 34.26 -7.85 5.55
C ALA C 553 33.81 -7.94 7.00
N GLU C 554 33.53 -6.81 7.65
CA GLU C 554 33.03 -6.81 9.02
C GLU C 554 31.52 -6.98 9.09
N GLY C 555 30.85 -7.10 7.95
CA GLY C 555 29.41 -7.26 7.92
C GLY C 555 28.62 -5.99 7.69
N GLN C 556 29.29 -4.83 7.59
CA GLN C 556 28.60 -3.56 7.37
C GLN C 556 28.58 -3.22 5.88
N ALA C 557 27.97 -4.12 5.11
CA ALA C 557 27.79 -3.94 3.67
C ALA C 557 26.30 -3.84 3.40
N PHE C 558 25.77 -2.62 3.50
CA PHE C 558 24.36 -2.35 3.23
C PHE C 558 24.23 -2.04 1.74
N MET C 559 23.77 -3.02 0.97
CA MET C 559 23.83 -2.93 -0.49
C MET C 559 22.46 -2.94 -1.16
N SER C 560 21.38 -3.16 -0.43
CA SER C 560 20.05 -3.22 -1.03
C SER C 560 19.17 -2.11 -0.47
N GLY C 561 17.99 -1.96 -1.07
CA GLY C 561 17.04 -0.98 -0.63
C GLY C 561 16.30 -1.41 0.62
N ALA C 562 15.41 -0.53 1.08
CA ALA C 562 14.63 -0.75 2.30
C ALA C 562 15.54 -1.00 3.51
N ALA C 563 16.67 -0.29 3.54
CA ALA C 563 17.65 -0.50 4.60
C ALA C 563 17.13 -0.11 5.98
N SER C 564 16.16 0.81 6.05
CA SER C 564 15.65 1.24 7.34
C SER C 564 14.93 0.09 8.07
N THR C 565 14.41 -0.87 7.33
CA THR C 565 13.76 -2.05 7.91
C THR C 565 14.69 -3.26 7.90
N GLY C 566 15.99 -3.03 8.00
CA GLY C 566 16.95 -4.11 8.09
C GLY C 566 17.07 -4.97 6.85
N LYS C 567 17.09 -4.37 5.67
CA LYS C 567 17.21 -5.10 4.42
C LYS C 567 18.57 -4.84 3.77
N GLY C 568 19.24 -5.92 3.40
CA GLY C 568 20.42 -5.81 2.57
C GLY C 568 21.75 -5.67 3.27
N ARG C 569 21.91 -6.26 4.45
CA ARG C 569 23.20 -6.25 5.14
C ARG C 569 23.97 -7.51 4.76
N PHE C 570 25.08 -7.33 4.06
CA PHE C 570 25.91 -8.42 3.58
C PHE C 570 27.24 -8.44 4.31
N ARG C 571 28.00 -9.50 4.08
CA ARG C 571 29.36 -9.60 4.59
C ARG C 571 30.24 -10.26 3.54
N MET C 572 31.42 -9.70 3.31
CA MET C 572 32.37 -10.29 2.37
C MET C 572 33.19 -11.36 3.09
N GLU C 573 33.03 -12.61 2.68
CA GLU C 573 33.67 -13.73 3.34
C GLU C 573 34.60 -14.45 2.36
N ASN C 574 35.65 -15.05 2.91
CA ASN C 574 36.62 -15.82 2.13
C ASN C 574 37.23 -14.99 1.01
N ALA C 575 37.57 -13.75 1.32
CA ALA C 575 38.12 -12.83 0.33
C ALA C 575 39.59 -13.13 0.06
N LYS C 576 39.97 -13.12 -1.21
CA LYS C 576 41.35 -13.32 -1.62
C LYS C 576 41.71 -12.28 -2.67
N TYR C 577 42.96 -11.83 -2.65
CA TYR C 577 43.40 -10.75 -3.52
C TYR C 577 44.77 -11.08 -4.10
N GLU C 578 45.05 -10.47 -5.26
CA GLU C 578 46.35 -10.57 -5.91
C GLU C 578 46.52 -9.36 -6.82
N THR C 579 47.75 -8.91 -6.96
CA THR C 579 48.08 -7.75 -7.80
C THR C 579 48.90 -8.21 -8.99
N LEU C 580 48.49 -7.79 -10.19
CA LEU C 580 49.17 -8.12 -11.43
C LEU C 580 49.82 -6.87 -12.00
N ASP C 581 51.11 -6.95 -12.29
CA ASP C 581 51.87 -5.80 -12.82
C ASP C 581 51.80 -5.83 -14.34
N LEU C 582 50.82 -5.12 -14.90
CA LEU C 582 50.66 -5.08 -16.35
C LEU C 582 51.78 -4.31 -17.05
N SER C 583 52.60 -3.56 -16.31
CA SER C 583 53.71 -2.85 -16.93
C SER C 583 54.77 -3.82 -17.46
N ASP C 584 55.00 -4.93 -16.76
CA ASP C 584 55.97 -5.92 -17.22
C ASP C 584 55.50 -6.52 -18.54
N GLU C 585 56.43 -6.62 -19.50
CA GLU C 585 56.06 -7.12 -20.82
C GLU C 585 55.61 -8.58 -20.77
N ASN C 586 56.33 -9.41 -20.02
CA ASN C 586 55.95 -10.81 -19.91
C ASN C 586 54.62 -10.97 -19.19
N GLN C 587 54.41 -10.23 -18.10
CA GLN C 587 53.13 -10.29 -17.39
C GLN C 587 52.00 -9.77 -18.25
N ARG C 588 52.24 -8.69 -19.02
CA ARG C 588 51.21 -8.17 -19.91
C ARG C 588 50.87 -9.17 -21.00
N ASN C 589 51.87 -9.84 -21.57
CA ASN C 589 51.61 -10.85 -22.59
C ASN C 589 50.85 -12.03 -22.01
N ASP C 590 51.19 -12.45 -20.79
CA ASP C 590 50.44 -13.53 -20.15
C ASP C 590 49.01 -13.12 -19.85
N TYR C 591 48.80 -11.87 -19.45
CA TYR C 591 47.45 -11.36 -19.24
C TYR C 591 46.65 -11.37 -20.53
N LEU C 592 47.25 -10.92 -21.63
CA LEU C 592 46.56 -10.89 -22.91
C LEU C 592 46.24 -12.30 -23.40
N LYS C 593 47.18 -13.22 -23.23
CA LYS C 593 47.00 -14.58 -23.75
C LYS C 593 45.81 -15.27 -23.09
N ASN C 594 45.57 -15.01 -21.82
CA ASN C 594 44.49 -15.65 -21.07
C ASN C 594 43.24 -14.78 -20.96
N TRP C 595 43.19 -13.69 -21.72
CA TRP C 595 42.04 -12.76 -21.71
C TRP C 595 41.78 -12.22 -20.31
N GLY C 596 42.85 -11.99 -19.55
CA GLY C 596 42.70 -11.48 -18.21
C GLY C 596 42.02 -12.41 -17.25
N TRP C 597 41.89 -13.70 -17.61
CA TRP C 597 41.24 -14.70 -16.77
C TRP C 597 39.81 -14.30 -16.42
N ARG C 598 39.11 -13.70 -17.39
CA ARG C 598 37.74 -13.27 -17.17
C ARG C 598 36.76 -14.44 -17.24
N ASP C 599 37.01 -15.39 -18.14
CA ASP C 599 36.09 -16.50 -18.36
C ASP C 599 36.15 -17.49 -17.20
N GLU C 600 35.32 -18.53 -17.28
CA GLU C 600 35.21 -19.50 -16.19
C GLU C 600 36.51 -20.26 -15.99
N LYS C 601 37.08 -20.80 -17.07
CA LYS C 601 38.34 -21.53 -16.97
C LYS C 601 39.46 -20.60 -16.52
N GLY C 602 39.53 -19.40 -17.09
CA GLY C 602 40.54 -18.46 -16.68
C GLY C 602 40.40 -18.04 -15.21
N LEU C 603 39.16 -17.83 -14.77
CA LEU C 603 38.95 -17.45 -13.37
C LEU C 603 39.32 -18.59 -12.42
N GLU C 604 39.00 -19.83 -12.80
CA GLU C 604 39.39 -20.97 -11.98
C GLU C 604 40.91 -21.10 -11.91
N GLU C 605 41.60 -20.85 -13.03
CA GLU C 605 43.06 -20.87 -13.01
C GLU C 605 43.62 -19.72 -12.18
N LEU C 606 42.98 -18.55 -12.21
CA LEU C 606 43.48 -17.40 -11.48
C LEU C 606 43.25 -17.52 -9.98
N LYS C 607 42.17 -18.18 -9.57
CA LYS C 607 41.89 -18.32 -8.14
C LYS C 607 42.93 -19.18 -7.42
N LYS C 608 43.73 -19.96 -8.15
CA LYS C 608 44.76 -20.76 -7.52
C LYS C 608 45.96 -19.94 -7.06
N ARG C 609 46.11 -18.72 -7.58
CA ARG C 609 47.22 -17.85 -7.23
C ARG C 609 46.77 -16.59 -6.49
N LEU C 610 45.62 -16.65 -5.82
CA LEU C 610 45.13 -15.53 -5.03
C LEU C 610 45.54 -15.70 -3.57
N ASN C 611 46.12 -14.65 -3.00
CA ASN C 611 46.53 -14.67 -1.60
C ASN C 611 45.32 -14.48 -0.70
N SER C 612 45.26 -15.26 0.38
CA SER C 612 44.12 -15.21 1.28
C SER C 612 44.11 -13.90 2.06
N GLY C 613 42.91 -13.47 2.43
CA GLY C 613 42.73 -12.23 3.17
C GLY C 613 42.59 -11.02 2.26
N LEU C 614 42.63 -9.86 2.90
CA LEU C 614 42.52 -8.57 2.25
C LEU C 614 43.70 -7.70 2.65
N PRO C 615 44.09 -6.76 1.80
CA PRO C 615 45.19 -5.85 2.16
C PRO C 615 44.84 -5.03 3.39
N GLU C 616 45.84 -4.80 4.24
CA GLU C 616 45.62 -4.02 5.45
C GLU C 616 45.60 -2.54 5.11
N PRO C 617 44.53 -1.81 5.44
CA PRO C 617 44.48 -0.37 5.11
C PRO C 617 45.43 0.42 5.99
N GLY C 618 46.33 1.18 5.35
CA GLY C 618 47.23 2.03 6.11
C GLY C 618 46.50 3.14 6.86
N ASN C 619 45.51 3.75 6.22
CA ASN C 619 44.68 4.79 6.82
C ASN C 619 43.27 4.23 6.94
N TYR C 620 42.96 3.68 8.11
CA TYR C 620 41.66 3.04 8.35
C TYR C 620 40.77 3.96 9.17
N ARG C 621 39.54 4.13 8.71
CA ARG C 621 38.54 4.92 9.40
C ARG C 621 37.40 4.00 9.84
N ASP C 622 36.95 4.16 11.07
CA ASP C 622 35.96 3.25 11.63
C ASP C 622 34.64 3.37 10.89
N PRO C 623 33.85 2.29 10.83
CA PRO C 623 32.56 2.35 10.14
C PRO C 623 31.62 3.33 10.81
N LYS C 624 30.71 3.88 10.02
CA LYS C 624 29.79 4.91 10.48
C LYS C 624 28.55 4.35 11.17
N TRP C 625 28.37 3.04 11.17
CA TRP C 625 27.20 2.41 11.77
C TRP C 625 27.62 1.53 12.93
N HIS C 626 26.84 1.56 14.00
CA HIS C 626 27.09 0.78 15.20
C HIS C 626 25.89 -0.10 15.51
N GLU C 627 26.13 -1.30 16.01
CA GLU C 627 25.09 -2.28 16.26
C GLU C 627 24.68 -2.26 17.72
N ILE C 628 23.37 -2.23 17.96
CA ILE C 628 22.80 -2.22 19.30
C ILE C 628 21.96 -3.47 19.46
N ASN C 629 22.26 -4.26 20.50
CA ASN C 629 21.54 -5.51 20.75
C ASN C 629 20.32 -5.26 21.62
N VAL C 630 19.22 -5.95 21.30
CA VAL C 630 17.95 -5.78 21.99
C VAL C 630 17.52 -7.12 22.56
N SER C 631 17.10 -7.12 23.82
CA SER C 631 16.57 -8.31 24.49
C SER C 631 15.22 -7.96 25.09
N ILE C 632 14.16 -8.51 24.52
CA ILE C 632 12.79 -8.23 24.95
C ILE C 632 12.22 -9.49 25.58
N GLU C 633 11.66 -9.36 26.77
CA GLU C 633 11.01 -10.46 27.48
C GLU C 633 9.53 -10.16 27.59
N MET C 634 8.71 -11.13 27.18
CA MET C 634 7.26 -10.97 27.16
C MET C 634 6.61 -12.11 27.92
N ALA C 635 5.71 -11.77 28.84
CA ALA C 635 5.00 -12.74 29.66
C ALA C 635 3.53 -12.83 29.22
N SER C 636 3.29 -12.79 27.92
CA SER C 636 1.95 -12.83 27.37
C SER C 636 2.02 -13.40 25.96
N PRO C 637 0.92 -13.92 25.43
CA PRO C 637 0.95 -14.42 24.04
C PRO C 637 1.29 -13.31 23.06
N PHE C 638 1.94 -13.70 21.97
CA PHE C 638 2.39 -12.78 20.94
C PHE C 638 1.92 -13.28 19.58
N ILE C 639 1.34 -12.38 18.79
CA ILE C 639 0.95 -12.72 17.42
C ILE C 639 1.34 -11.55 16.51
N ASN C 640 1.91 -11.88 15.35
CA ASN C 640 2.19 -10.93 14.29
C ASN C 640 1.41 -11.42 13.08
N GLY C 641 0.25 -10.81 12.84
CA GLY C 641 -0.75 -11.37 11.94
C GLY C 641 -0.30 -11.68 10.53
N ASP C 642 -0.60 -12.91 10.09
CA ASP C 642 -0.35 -13.36 8.73
C ASP C 642 -1.59 -14.08 8.23
N PRO C 643 -2.63 -13.33 7.84
CA PRO C 643 -3.88 -13.98 7.43
C PRO C 643 -3.74 -14.89 6.23
N ILE C 644 -2.84 -14.57 5.29
CA ILE C 644 -2.71 -15.37 4.08
C ILE C 644 -2.10 -16.73 4.41
N ARG C 645 -1.09 -16.76 5.29
CA ARG C 645 -0.50 -18.02 5.69
C ARG C 645 -1.47 -18.89 6.48
N ALA C 646 -2.45 -18.27 7.14
CA ALA C 646 -3.45 -19.04 7.89
C ALA C 646 -4.46 -19.72 6.97
N ALA C 647 -4.64 -19.22 5.74
CA ALA C 647 -5.55 -19.82 4.79
C ALA C 647 -4.98 -21.07 4.12
N VAL C 648 -3.68 -21.28 4.20
CA VAL C 648 -3.03 -22.46 3.63
C VAL C 648 -2.42 -23.36 4.71
N ASP C 649 -2.57 -22.99 5.97
CA ASP C 649 -2.03 -23.77 7.07
C ASP C 649 -3.01 -24.87 7.45
N LYS C 650 -2.47 -26.05 7.77
CA LYS C 650 -3.31 -27.17 8.15
C LYS C 650 -4.05 -26.95 9.46
N ARG C 651 -3.61 -25.99 10.27
CA ARG C 651 -4.27 -25.73 11.54
C ARG C 651 -5.71 -25.27 11.34
N GLY C 652 -5.93 -24.41 10.35
CA GLY C 652 -7.27 -23.92 10.07
C GLY C 652 -7.74 -22.87 11.06
N THR C 653 -7.01 -21.77 11.16
CA THR C 653 -7.34 -20.66 12.04
C THR C 653 -7.48 -19.38 11.23
N ASP C 654 -8.05 -18.36 11.86
CA ASP C 654 -8.27 -17.10 11.17
C ASP C 654 -6.97 -16.36 10.90
N VAL C 655 -6.00 -16.45 11.81
CA VAL C 655 -4.75 -15.72 11.67
C VAL C 655 -3.67 -16.46 12.44
N VAL C 656 -2.46 -16.47 11.88
CA VAL C 656 -1.30 -17.10 12.49
C VAL C 656 -0.20 -16.05 12.61
N THR C 657 0.87 -16.42 13.32
CA THR C 657 1.97 -15.51 13.54
C THR C 657 2.91 -15.49 12.34
N PHE C 658 3.65 -14.39 12.21
CA PHE C 658 4.56 -14.20 11.09
C PHE C 658 5.79 -15.09 11.23
N VAL C 659 6.19 -15.73 10.14
CA VAL C 659 7.41 -16.53 10.08
C VAL C 659 8.20 -16.13 8.83
N LYS C 660 9.52 -16.14 8.96
CA LYS C 660 10.41 -15.84 7.85
C LYS C 660 11.22 -17.07 7.49
N TYR C 661 11.79 -17.05 6.29
CA TYR C 661 12.54 -18.18 5.75
C TYR C 661 14.02 -17.82 5.62
N LYS C 662 14.88 -18.74 6.06
CA LYS C 662 16.32 -18.61 5.90
C LYS C 662 16.80 -19.57 4.82
N ALA C 663 17.70 -19.08 3.97
CA ALA C 663 18.23 -19.89 2.87
C ALA C 663 19.44 -20.66 3.38
N GLU C 664 19.22 -21.92 3.74
CA GLU C 664 20.30 -22.80 4.19
C GLU C 664 20.77 -23.61 2.98
N GLY C 665 21.57 -22.97 2.14
CA GLY C 665 21.99 -23.59 0.89
C GLY C 665 20.86 -23.65 -0.12
N GLU C 666 20.35 -24.85 -0.37
CA GLU C 666 19.26 -25.06 -1.31
C GLU C 666 17.92 -25.31 -0.62
N GLU C 667 17.85 -25.13 0.70
CA GLU C 667 16.63 -25.40 1.45
C GLU C 667 16.24 -24.18 2.28
N ALA C 668 14.95 -24.02 2.50
CA ALA C 668 14.39 -22.89 3.23
C ALA C 668 13.94 -23.34 4.61
N LYS C 669 14.34 -22.58 5.63
CA LYS C 669 14.00 -22.89 7.02
C LYS C 669 13.02 -21.86 7.55
N PRO C 670 11.80 -22.24 7.92
CA PRO C 670 10.84 -21.28 8.47
C PRO C 670 11.12 -21.02 9.94
N VAL C 671 11.24 -19.74 10.31
CA VAL C 671 11.54 -19.33 11.66
C VAL C 671 10.56 -18.25 12.09
N CYS C 672 9.96 -18.43 13.26
CA CYS C 672 9.09 -17.40 13.82
C CYS C 672 9.91 -16.17 14.19
N ALA C 673 9.41 -14.99 13.85
CA ALA C 673 10.15 -13.77 14.07
C ALA C 673 9.20 -12.59 14.20
N TYR C 674 9.72 -11.50 14.73
CA TYR C 674 9.02 -10.22 14.83
C TYR C 674 9.52 -9.32 13.71
N LYS C 675 8.60 -8.83 12.88
CA LYS C 675 9.00 -8.07 11.69
C LYS C 675 9.76 -6.81 12.08
N ALA C 676 10.76 -6.47 11.26
CA ALA C 676 11.51 -5.24 11.49
C ALA C 676 10.65 -4.01 11.27
N GLU C 677 9.72 -4.09 10.31
CA GLU C 677 8.83 -2.96 10.06
C GLU C 677 7.95 -2.67 11.27
N SER C 678 7.41 -3.72 11.91
CA SER C 678 6.53 -3.52 13.06
C SER C 678 7.30 -2.95 14.25
N PHE C 679 8.49 -3.48 14.52
CA PHE C 679 9.30 -2.98 15.62
C PHE C 679 9.74 -1.54 15.38
N ARG C 680 10.14 -1.23 14.13
CA ARG C 680 10.50 0.14 13.80
C ARG C 680 9.32 1.08 13.97
N GLY C 681 8.12 0.66 13.57
CA GLY C 681 6.95 1.49 13.75
C GLY C 681 6.63 1.71 15.21
N VAL C 682 6.76 0.67 16.03
CA VAL C 682 6.50 0.82 17.46
C VAL C 682 7.49 1.79 18.09
N ILE C 683 8.77 1.66 17.76
CA ILE C 683 9.77 2.56 18.33
C ILE C 683 9.56 3.99 17.85
N ARG C 684 9.23 4.16 16.57
CA ARG C 684 8.99 5.50 16.02
C ARG C 684 7.77 6.14 16.68
N SER C 685 6.72 5.37 16.92
CA SER C 685 5.57 5.88 17.63
C SER C 685 5.93 6.25 19.07
N ALA C 686 6.79 5.46 19.71
CA ALA C 686 7.23 5.77 21.06
C ALA C 686 7.99 7.09 21.09
N VAL C 687 8.88 7.32 20.12
CA VAL C 687 9.63 8.56 20.07
C VAL C 687 8.70 9.75 19.79
N ALA C 688 7.78 9.58 18.85
CA ALA C 688 7.00 10.72 18.36
C ALA C 688 5.98 11.19 19.38
N ARG C 689 5.35 10.27 20.11
CA ARG C 689 4.27 10.63 21.03
C ARG C 689 4.78 11.33 22.29
N ILE C 690 6.09 11.35 22.51
CA ILE C 690 6.67 11.97 23.70
C ILE C 690 7.13 13.40 23.44
N HIS C 691 7.78 13.63 22.30
CA HIS C 691 8.43 14.89 22.01
C HIS C 691 7.52 15.84 21.23
N MET C 692 7.89 17.11 21.23
CA MET C 692 7.16 18.16 20.54
C MET C 692 8.12 19.03 19.76
N GLU C 693 7.61 19.62 18.68
CA GLU C 693 8.37 20.55 17.85
C GLU C 693 7.67 21.90 17.88
N ASP C 694 8.28 22.87 18.56
CA ASP C 694 7.71 24.21 18.71
C ASP C 694 6.32 24.15 19.34
N GLY C 695 6.16 23.28 20.34
CA GLY C 695 4.90 23.13 21.03
C GLY C 695 3.89 22.22 20.35
N VAL C 696 4.24 21.65 19.20
CA VAL C 696 3.36 20.76 18.45
C VAL C 696 3.93 19.35 18.52
N PRO C 697 3.13 18.33 18.84
CA PRO C 697 3.65 16.97 18.90
C PRO C 697 4.18 16.51 17.55
N LEU C 698 5.19 15.64 17.59
CA LEU C 698 5.78 15.13 16.36
C LEU C 698 4.81 14.26 15.57
N THR C 699 3.78 13.71 16.22
CA THR C 699 2.80 12.90 15.52
C THR C 699 1.86 13.74 14.65
N GLU C 700 1.73 15.03 14.94
CA GLU C 700 0.82 15.90 14.23
C GLU C 700 1.49 16.70 13.12
N LEU C 701 2.81 16.58 12.96
CA LEU C 701 3.53 17.35 11.96
C LEU C 701 3.36 16.70 10.59
N THR C 702 3.40 17.55 9.55
CA THR C 702 3.41 17.07 8.17
C THR C 702 4.81 16.74 7.67
N HIS C 703 5.84 17.12 8.42
CA HIS C 703 7.24 16.79 8.11
C HIS C 703 7.64 17.28 6.71
N SER C 704 7.19 18.49 6.38
CA SER C 704 7.59 19.16 5.15
C SER C 704 8.40 20.39 5.55
N ASP C 705 9.61 20.52 4.99
CA ASP C 705 10.58 21.53 5.42
C ASP C 705 10.84 21.42 6.92
N CYS C 706 10.95 20.18 7.41
CA CYS C 706 11.01 19.89 8.82
C CYS C 706 12.40 19.38 9.19
N GLU C 707 12.85 19.73 10.40
CA GLU C 707 14.14 19.30 10.92
C GLU C 707 14.03 18.78 12.34
N CYS C 708 12.88 18.20 12.68
CA CYS C 708 12.69 17.64 14.01
C CYS C 708 13.52 16.38 14.18
N LEU C 709 13.63 15.91 15.43
CA LEU C 709 14.44 14.73 15.70
C LEU C 709 13.84 13.47 15.10
N LEU C 710 12.53 13.43 14.87
CA LEU C 710 11.95 12.27 14.21
C LEU C 710 12.44 12.15 12.77
N CYS C 711 12.46 13.27 12.05
CA CYS C 711 13.00 13.26 10.68
C CYS C 711 14.50 13.09 10.65
N GLN C 712 15.20 13.43 11.74
CA GLN C 712 16.65 13.34 11.78
C GLN C 712 17.13 11.99 12.28
N ILE C 713 16.27 11.19 12.89
CA ILE C 713 16.62 9.83 13.31
C ILE C 713 15.98 8.79 12.41
N PHE C 714 14.66 8.81 12.28
CA PHE C 714 13.95 7.81 11.49
C PHE C 714 13.77 8.20 10.04
N GLY C 715 14.15 9.42 9.66
CA GLY C 715 14.04 9.86 8.29
C GLY C 715 12.63 10.31 7.94
N SER C 716 12.51 10.84 6.72
CA SER C 716 11.23 11.30 6.21
C SER C 716 11.13 10.87 4.75
N GLU C 717 10.11 11.36 4.06
CA GLU C 717 9.95 11.05 2.65
C GLU C 717 10.96 11.77 1.77
N TYR C 718 11.74 12.70 2.34
CA TYR C 718 12.72 13.48 1.58
C TYR C 718 14.16 13.10 1.91
N GLU C 719 14.38 12.21 2.86
CA GLU C 719 15.74 11.83 3.23
C GLU C 719 15.71 10.47 3.92
N ALA C 720 16.84 9.77 3.86
CA ALA C 720 16.96 8.47 4.48
C ALA C 720 17.14 8.61 5.99
N GLY C 721 16.72 7.57 6.71
CA GLY C 721 16.86 7.56 8.15
C GLY C 721 18.27 7.24 8.59
N LYS C 722 18.52 7.47 9.88
CA LYS C 722 19.82 7.21 10.50
C LYS C 722 19.73 6.11 11.56
N ILE C 723 18.74 5.24 11.44
CA ILE C 723 18.61 4.07 12.31
C ILE C 723 17.95 2.96 11.51
N ARG C 724 18.43 1.73 11.70
CA ARG C 724 17.98 0.60 10.90
C ARG C 724 17.63 -0.55 11.84
N PHE C 725 16.38 -1.01 11.78
CA PHE C 725 15.89 -2.07 12.65
C PHE C 725 15.86 -3.40 11.90
N GLU C 726 16.30 -4.45 12.56
CA GLU C 726 16.29 -5.79 12.00
C GLU C 726 15.20 -6.64 12.63
N ASP C 727 14.94 -7.80 12.04
CA ASP C 727 13.96 -8.73 12.58
C ASP C 727 14.41 -9.24 13.94
N LEU C 728 13.44 -9.46 14.82
CA LEU C 728 13.68 -10.01 16.14
C LEU C 728 13.23 -11.45 16.17
N VAL C 729 14.12 -12.36 16.57
CA VAL C 729 13.82 -13.78 16.60
C VAL C 729 13.76 -14.24 18.05
N PHE C 730 12.96 -15.28 18.27
CA PHE C 730 12.78 -15.81 19.61
C PHE C 730 13.90 -16.79 19.97
N GLU C 731 14.38 -16.69 21.21
CA GLU C 731 15.51 -17.51 21.64
C GLU C 731 15.16 -19.00 21.59
N SER C 732 13.98 -19.37 22.06
CA SER C 732 13.50 -20.75 22.01
C SER C 732 12.27 -20.79 21.11
N ASP C 733 12.25 -21.75 20.19
CA ASP C 733 11.15 -21.83 19.25
C ASP C 733 9.88 -22.33 19.93
N PRO C 734 8.82 -21.54 20.00
CA PRO C 734 7.58 -22.00 20.63
C PRO C 734 6.60 -22.57 19.62
N GLU C 735 5.78 -23.50 20.12
CA GLU C 735 4.72 -24.07 19.31
C GLU C 735 3.45 -23.25 19.48
N PRO C 736 2.90 -22.67 18.41
CA PRO C 736 1.70 -21.83 18.56
C PRO C 736 0.51 -22.62 19.06
N VAL C 737 -0.33 -21.96 19.84
CA VAL C 737 -1.54 -22.55 20.39
C VAL C 737 -2.74 -21.78 19.88
N THR C 738 -3.88 -22.46 19.78
CA THR C 738 -5.09 -21.88 19.23
C THR C 738 -6.02 -21.46 20.34
N PHE C 739 -6.44 -20.20 20.32
CA PHE C 739 -7.41 -19.66 21.27
C PHE C 739 -8.69 -19.32 20.54
N ASP C 740 -9.81 -19.85 21.01
CA ASP C 740 -11.11 -19.62 20.39
C ASP C 740 -11.77 -18.39 20.99
N HIS C 741 -12.43 -17.62 20.13
CA HIS C 741 -13.14 -16.42 20.54
C HIS C 741 -14.53 -16.41 19.92
N VAL C 742 -15.44 -15.67 20.55
CA VAL C 742 -16.79 -15.48 20.03
C VAL C 742 -17.31 -14.15 20.55
N ALA C 743 -18.17 -13.52 19.74
CA ALA C 743 -18.80 -12.26 20.12
C ALA C 743 -20.20 -12.53 20.63
N ILE C 744 -20.54 -11.96 21.78
CA ILE C 744 -21.79 -12.23 22.47
C ILE C 744 -22.75 -11.07 22.24
N ASP C 745 -23.94 -11.38 21.75
CA ASP C 745 -24.96 -10.36 21.54
C ASP C 745 -25.41 -9.78 22.87
N ARG C 746 -25.57 -8.46 22.91
CA ARG C 746 -25.97 -7.79 24.14
C ARG C 746 -27.43 -8.02 24.48
N PHE C 747 -28.26 -8.39 23.50
CA PHE C 747 -29.68 -8.61 23.74
C PHE C 747 -29.97 -10.07 24.04
N THR C 748 -29.62 -10.97 23.11
CA THR C 748 -29.89 -12.38 23.31
C THR C 748 -28.99 -13.03 24.34
N GLY C 749 -27.81 -12.47 24.59
CA GLY C 749 -26.88 -13.08 25.52
C GLY C 749 -26.12 -14.26 24.98
N GLY C 750 -26.32 -14.62 23.72
CA GLY C 750 -25.62 -15.71 23.08
C GLY C 750 -24.68 -15.21 21.99
N ALA C 751 -24.08 -16.18 21.31
CA ALA C 751 -23.12 -15.88 20.26
C ALA C 751 -23.76 -15.06 19.14
N ALA C 752 -23.07 -14.00 18.72
CA ALA C 752 -23.55 -13.20 17.61
C ALA C 752 -23.35 -13.94 16.29
N ASP C 753 -24.21 -13.64 15.33
CA ASP C 753 -24.15 -14.31 14.04
C ASP C 753 -22.89 -13.89 13.27
N LYS C 754 -22.31 -14.85 12.57
CA LYS C 754 -21.15 -14.65 11.68
C LYS C 754 -19.87 -14.34 12.45
N LYS C 755 -19.95 -14.26 13.78
CA LYS C 755 -18.81 -13.84 14.60
C LYS C 755 -18.38 -15.00 15.48
N LYS C 756 -17.48 -15.82 14.95
CA LYS C 756 -16.88 -16.93 15.69
C LYS C 756 -15.51 -17.18 15.06
N PHE C 757 -14.45 -16.93 15.83
CA PHE C 757 -13.11 -16.93 15.27
C PHE C 757 -12.11 -17.48 16.28
N ASP C 758 -10.86 -17.56 15.84
CA ASP C 758 -9.76 -18.02 16.66
C ASP C 758 -8.45 -17.48 16.10
N ASP C 759 -7.43 -17.48 16.94
CA ASP C 759 -6.10 -17.05 16.53
C ASP C 759 -5.07 -18.02 17.09
N SER C 760 -3.89 -18.03 16.48
CA SER C 760 -2.79 -18.93 16.86
C SER C 760 -1.56 -18.09 17.18
N PRO C 761 -1.52 -17.47 18.35
CA PRO C 761 -0.34 -16.70 18.75
C PRO C 761 0.71 -17.63 19.35
N LEU C 762 1.89 -17.06 19.58
CA LEU C 762 2.93 -17.79 20.30
C LEU C 762 2.64 -17.75 21.79
N PRO C 763 2.54 -18.89 22.47
CA PRO C 763 2.16 -18.87 23.89
C PRO C 763 3.23 -18.20 24.74
N GLY C 764 2.76 -17.50 25.77
CA GLY C 764 3.64 -16.85 26.72
C GLY C 764 2.98 -16.61 28.05
N SER C 765 3.63 -17.00 29.13
CA SER C 765 3.09 -16.91 30.47
C SER C 765 4.17 -16.39 31.40
N PRO C 766 3.80 -15.89 32.58
CA PRO C 766 4.83 -15.49 33.55
C PRO C 766 5.78 -16.62 33.91
N ALA C 767 5.30 -17.86 33.96
CA ALA C 767 6.16 -18.99 34.25
C ALA C 767 7.16 -19.23 33.13
N ARG C 768 6.73 -19.12 31.88
CA ARG C 768 7.58 -19.37 30.72
C ARG C 768 7.46 -18.19 29.76
N PRO C 769 8.22 -17.11 30.00
CA PRO C 769 8.11 -15.94 29.14
C PRO C 769 8.68 -16.18 27.75
N LEU C 770 8.25 -15.35 26.81
CA LEU C 770 8.79 -15.34 25.46
C LEU C 770 10.02 -14.44 25.43
N MET C 771 11.15 -14.99 25.02
CA MET C 771 12.39 -14.24 24.90
C MET C 771 12.61 -13.86 23.44
N LEU C 772 12.57 -12.56 23.16
CA LEU C 772 12.71 -12.02 21.81
C LEU C 772 14.01 -11.26 21.72
N LYS C 773 14.88 -11.68 20.81
CA LYS C 773 16.22 -11.11 20.70
C LYS C 773 16.50 -10.64 19.28
N GLY C 774 17.35 -9.64 19.17
CA GLY C 774 17.70 -9.10 17.87
C GLY C 774 18.64 -7.93 18.03
N SER C 775 18.77 -7.14 16.97
CA SER C 775 19.64 -5.97 17.01
C SER C 775 19.14 -4.94 16.01
N PHE C 776 19.52 -3.68 16.26
CA PHE C 776 19.30 -2.61 15.31
C PHE C 776 20.57 -1.78 15.19
N TRP C 777 20.74 -1.14 14.03
CA TRP C 777 21.94 -0.38 13.72
C TRP C 777 21.63 1.10 13.73
N ILE C 778 22.47 1.88 14.40
CA ILE C 778 22.31 3.32 14.51
C ILE C 778 23.61 3.98 14.06
N ARG C 779 23.49 5.03 13.25
CA ARG C 779 24.66 5.73 12.76
C ARG C 779 25.38 6.42 13.91
N ARG C 780 26.72 6.39 13.87
CA ARG C 780 27.49 6.86 15.01
C ARG C 780 27.44 8.37 15.20
N ASP C 781 27.03 9.13 14.17
CA ASP C 781 26.81 10.55 14.38
C ASP C 781 25.60 10.80 15.27
N VAL C 782 24.56 9.97 15.12
CA VAL C 782 23.41 10.05 16.01
C VAL C 782 23.77 9.55 17.40
N LEU C 783 24.55 8.47 17.47
CA LEU C 783 24.91 7.88 18.75
C LEU C 783 25.79 8.79 19.59
N GLU C 784 26.48 9.75 18.96
CA GLU C 784 27.30 10.72 19.68
C GLU C 784 26.57 12.03 19.93
N ASP C 785 25.29 12.11 19.58
CA ASP C 785 24.47 13.29 19.84
C ASP C 785 23.64 13.03 21.09
N GLU C 786 23.78 13.90 22.09
CA GLU C 786 23.13 13.69 23.37
C GLU C 786 21.61 13.82 23.27
N GLU C 787 21.12 14.73 22.43
CA GLU C 787 19.68 14.92 22.32
C GLU C 787 18.99 13.69 21.72
N TYR C 788 19.57 13.13 20.65
CA TYR C 788 18.98 11.94 20.04
C TYR C 788 19.07 10.74 20.96
N CYS C 789 20.17 10.61 21.70
CA CYS C 789 20.29 9.54 22.69
C CYS C 789 19.25 9.69 23.78
N LYS C 790 19.00 10.93 24.23
CA LYS C 790 17.96 11.16 25.22
C LYS C 790 16.59 10.79 24.69
N ALA C 791 16.30 11.15 23.44
CA ALA C 791 15.01 10.82 22.85
C ALA C 791 14.82 9.31 22.76
N LEU C 792 15.84 8.60 22.26
CA LEU C 792 15.75 7.15 22.17
C LEU C 792 15.64 6.51 23.53
N GLY C 793 16.37 7.02 24.53
CA GLY C 793 16.27 6.48 25.87
C GLY C 793 14.91 6.67 26.48
N LYS C 794 14.31 7.85 26.29
CA LYS C 794 12.96 8.08 26.78
C LYS C 794 11.96 7.15 26.12
N ALA C 795 12.07 6.98 24.80
CA ALA C 795 11.15 6.08 24.10
C ALA C 795 11.31 4.65 24.58
N LEU C 796 12.55 4.17 24.72
CA LEU C 796 12.78 2.81 25.17
C LEU C 796 12.43 2.60 26.63
N ALA C 797 12.48 3.67 27.45
CA ALA C 797 12.01 3.56 28.82
C ALA C 797 10.49 3.46 28.87
N ASP C 798 9.80 4.19 27.99
CA ASP C 798 8.34 4.02 27.90
C ASP C 798 7.97 2.64 27.40
N VAL C 799 8.72 2.11 26.44
CA VAL C 799 8.48 0.75 25.97
C VAL C 799 8.76 -0.27 27.08
N ASN C 800 9.83 -0.04 27.84
CA ASN C 800 10.21 -0.95 28.92
C ASN C 800 9.14 -1.00 30.01
N ASN C 801 8.37 0.08 30.16
CA ASN C 801 7.34 0.16 31.18
C ASN C 801 6.02 -0.47 30.75
N GLY C 802 5.96 -1.06 29.56
CA GLY C 802 4.76 -1.73 29.09
C GLY C 802 3.73 -0.84 28.43
N LEU C 803 4.09 0.39 28.05
CA LEU C 803 3.13 1.28 27.42
C LEU C 803 2.95 0.99 25.93
N TYR C 804 3.88 0.26 25.31
CA TYR C 804 3.85 -0.02 23.88
C TYR C 804 3.95 -1.52 23.66
N PRO C 805 2.82 -2.22 23.64
CA PRO C 805 2.85 -3.66 23.37
C PRO C 805 3.24 -3.95 21.93
N LEU C 806 3.83 -5.14 21.74
CA LEU C 806 4.33 -5.56 20.43
C LEU C 806 3.32 -6.52 19.78
N GLY C 807 3.03 -6.27 18.52
CA GLY C 807 2.11 -7.11 17.79
C GLY C 807 0.69 -6.60 17.85
N GLY C 808 -0.23 -7.48 17.45
CA GLY C 808 -1.65 -7.14 17.40
C GLY C 808 -2.43 -7.73 18.56
N LYS C 809 -3.71 -7.36 18.61
CA LYS C 809 -4.65 -7.85 19.61
C LYS C 809 -4.17 -7.58 21.03
N SER C 810 -3.58 -6.40 21.23
CA SER C 810 -3.10 -6.01 22.55
C SER C 810 -4.25 -5.73 23.52
N ALA C 811 -5.46 -5.54 23.00
CA ALA C 811 -6.61 -5.25 23.87
C ALA C 811 -6.95 -6.45 24.75
N ILE C 812 -6.69 -7.66 24.27
CA ILE C 812 -7.04 -8.87 25.00
C ILE C 812 -5.83 -9.47 25.70
N GLY C 813 -4.78 -8.69 25.92
CA GLY C 813 -3.64 -9.13 26.70
C GLY C 813 -2.47 -9.69 25.93
N TYR C 814 -2.43 -9.52 24.61
CA TYR C 814 -1.32 -10.00 23.81
C TYR C 814 -0.21 -8.97 23.76
N GLY C 815 1.03 -9.46 23.64
CA GLY C 815 2.16 -8.60 23.35
C GLY C 815 2.65 -7.75 24.50
N GLN C 816 2.35 -8.11 25.73
CA GLN C 816 2.81 -7.33 26.88
C GLN C 816 4.32 -7.50 27.06
N VAL C 817 5.02 -6.38 27.20
CA VAL C 817 6.47 -6.39 27.33
C VAL C 817 6.83 -6.27 28.82
N LYS C 818 7.50 -7.28 29.35
CA LYS C 818 7.90 -7.24 30.75
C LYS C 818 9.19 -6.44 30.93
N SER C 819 10.12 -6.56 30.00
CA SER C 819 11.38 -5.83 30.09
C SER C 819 11.97 -5.67 28.69
N LEU C 820 12.88 -4.71 28.56
CA LEU C 820 13.58 -4.46 27.31
C LEU C 820 15.02 -4.07 27.65
N GLY C 821 15.98 -4.78 27.08
CA GLY C 821 17.39 -4.56 27.35
C GLY C 821 18.09 -4.00 26.13
N ILE C 822 19.09 -3.16 26.37
CA ILE C 822 19.88 -2.52 25.31
C ILE C 822 21.34 -2.69 25.65
N LYS C 823 22.12 -3.18 24.68
CA LYS C 823 23.56 -3.35 24.85
C LYS C 823 24.28 -2.84 23.61
N GLY C 824 25.55 -2.48 23.79
CA GLY C 824 26.38 -1.99 22.71
C GLY C 824 26.40 -0.47 22.58
N ASP C 825 25.60 0.24 23.35
CA ASP C 825 25.53 1.69 23.28
C ASP C 825 26.46 2.38 24.27
N ASP C 826 27.23 1.62 25.05
CA ASP C 826 28.09 2.17 26.10
C ASP C 826 27.29 3.00 27.10
N LYS C 827 26.08 2.54 27.39
CA LYS C 827 25.15 3.15 28.34
C LYS C 827 24.74 4.56 27.95
N ARG C 828 24.93 4.94 26.69
CA ARG C 828 24.50 6.27 26.26
C ARG C 828 22.99 6.35 26.08
N ILE C 829 22.36 5.27 25.65
CA ILE C 829 20.91 5.19 25.53
C ILE C 829 20.29 4.47 26.73
N SER C 830 20.98 3.46 27.25
CA SER C 830 20.47 2.68 28.36
C SER C 830 20.45 3.45 29.68
N ARG C 831 21.06 4.64 29.72
CA ARG C 831 21.04 5.43 30.95
C ARG C 831 19.63 5.82 31.35
N LEU C 832 18.81 6.23 30.38
CA LEU C 832 17.46 6.69 30.69
C LEU C 832 16.51 5.54 31.01
N MET C 833 16.79 4.34 30.53
CA MET C 833 15.93 3.19 30.78
C MET C 833 16.14 2.72 32.21
N ASN C 834 15.29 3.18 33.13
CA ASN C 834 15.37 2.78 34.52
C ASN C 834 14.04 3.05 35.23
N VAL C 842 -0.11 3.16 50.35
CA VAL C 842 -1.51 3.46 50.61
C VAL C 842 -2.38 2.30 50.17
N ALA C 843 -3.27 1.86 51.07
CA ALA C 843 -4.18 0.76 50.77
C ALA C 843 -5.38 1.26 49.99
N VAL C 844 -5.86 0.45 49.06
CA VAL C 844 -7.04 0.82 48.27
C VAL C 844 -8.25 0.88 49.18
N PRO C 845 -9.08 1.92 49.09
CA PRO C 845 -10.28 2.00 49.94
C PRO C 845 -11.22 0.83 49.67
N GLU C 846 -11.91 0.40 50.72
CA GLU C 846 -12.87 -0.68 50.60
C GLU C 846 -14.03 -0.27 49.71
N LYS C 847 -14.54 -1.22 48.95
CA LYS C 847 -15.70 -0.97 48.11
C LYS C 847 -16.93 -0.72 48.99
N PRO C 848 -17.80 0.21 48.62
CA PRO C 848 -18.97 0.48 49.45
C PRO C 848 -19.95 -0.69 49.46
N LYS C 849 -20.68 -0.80 50.56
CA LYS C 849 -21.71 -1.82 50.65
C LYS C 849 -22.90 -1.46 49.76
N THR C 850 -23.52 -2.47 49.16
CA THR C 850 -24.60 -2.23 48.23
C THR C 850 -25.86 -1.76 48.95
N ASP C 851 -26.70 -1.03 48.21
CA ASP C 851 -28.00 -0.59 48.71
C ASP C 851 -29.15 -1.31 48.03
N ALA C 852 -28.86 -2.31 47.21
CA ALA C 852 -29.91 -3.06 46.53
C ALA C 852 -30.43 -4.17 47.42
N GLU C 853 -31.76 -4.30 47.49
CA GLU C 853 -32.41 -5.33 48.29
C GLU C 853 -33.33 -6.13 47.39
N VAL C 854 -33.16 -7.45 47.39
CA VAL C 854 -34.00 -8.37 46.65
C VAL C 854 -34.62 -9.35 47.62
N ARG C 855 -35.95 -9.45 47.61
CA ARG C 855 -36.69 -10.33 48.51
C ARG C 855 -36.95 -11.64 47.79
N ILE C 856 -36.36 -12.72 48.33
CA ILE C 856 -36.49 -14.06 47.75
C ILE C 856 -37.42 -14.88 48.61
N GLU C 857 -38.37 -15.57 47.97
CA GLU C 857 -39.34 -16.41 48.64
C GLU C 857 -39.09 -17.86 48.30
N ALA C 858 -39.23 -18.74 49.30
CA ALA C 858 -38.94 -20.15 49.09
C ALA C 858 -39.90 -20.81 48.11
N GLU C 859 -41.18 -20.43 48.17
CA GLU C 859 -42.20 -21.04 47.34
C GLU C 859 -42.27 -20.45 45.93
N LYS C 860 -41.29 -19.66 45.52
CA LYS C 860 -41.29 -19.02 44.22
C LYS C 860 -40.15 -19.55 43.37
N VAL C 861 -40.39 -19.63 42.06
CA VAL C 861 -39.40 -20.04 41.08
C VAL C 861 -39.15 -18.86 40.15
N TYR C 862 -37.88 -18.50 39.99
CA TYR C 862 -37.50 -17.30 39.27
C TYR C 862 -36.85 -17.65 37.94
N TYR C 863 -36.93 -16.70 37.00
CA TYR C 863 -36.39 -16.92 35.67
C TYR C 863 -34.87 -16.76 35.69
N PRO C 864 -34.15 -17.55 34.89
CA PRO C 864 -32.67 -17.46 34.91
C PRO C 864 -32.12 -16.11 34.53
N HIS C 865 -32.77 -15.39 33.62
CA HIS C 865 -32.24 -14.12 33.14
C HIS C 865 -33.34 -13.07 33.07
N TYR C 866 -32.94 -11.81 33.18
CA TYR C 866 -33.84 -10.67 33.05
C TYR C 866 -33.15 -9.61 32.22
N PHE C 867 -33.93 -8.63 31.77
CA PHE C 867 -33.45 -7.57 30.89
C PHE C 867 -33.46 -6.23 31.61
N VAL C 868 -32.44 -5.42 31.33
CA VAL C 868 -32.33 -4.08 31.89
C VAL C 868 -32.78 -3.09 30.81
N GLU C 869 -33.85 -2.37 31.08
CA GLU C 869 -34.35 -1.40 30.11
C GLU C 869 -33.44 -0.18 30.09
N PRO C 870 -32.87 0.18 28.94
CA PRO C 870 -31.95 1.31 28.89
C PRO C 870 -32.67 2.65 28.99
N HIS C 871 -31.91 3.67 29.34
CA HIS C 871 -32.41 5.03 29.33
C HIS C 871 -32.56 5.51 27.88
N LYS C 872 -33.46 6.48 27.68
CA LYS C 872 -33.71 6.99 26.34
C LYS C 872 -32.50 7.73 25.78
N LYS C 873 -31.71 8.36 26.63
CA LYS C 873 -30.62 9.23 26.20
C LYS C 873 -29.31 8.45 26.17
N VAL C 874 -28.61 8.53 25.04
CA VAL C 874 -27.25 8.00 24.91
C VAL C 874 -26.33 9.17 24.57
N GLU C 875 -25.35 9.42 25.44
CA GLU C 875 -24.43 10.53 25.23
C GLU C 875 -23.36 10.13 24.22
N ARG C 876 -23.17 10.98 23.21
CA ARG C 876 -22.20 10.71 22.16
C ARG C 876 -21.36 11.94 21.91
N GLU C 877 -20.12 11.71 21.47
CA GLU C 877 -19.20 12.77 21.08
C GLU C 877 -18.64 12.48 19.71
N GLU C 878 -18.55 13.51 18.88
CA GLU C 878 -18.09 13.33 17.50
C GLU C 878 -16.60 13.05 17.43
N LYS C 879 -15.81 13.66 18.31
CA LYS C 879 -14.36 13.47 18.31
C LYS C 879 -13.92 12.81 19.61
N PRO C 880 -13.49 11.55 19.60
CA PRO C 880 -12.93 10.95 20.81
C PRO C 880 -11.52 11.45 21.09
N CYS C 881 -10.93 10.99 22.19
CA CYS C 881 -9.56 11.37 22.51
C CYS C 881 -8.59 10.76 21.52
N GLY C 882 -7.69 11.57 20.98
CA GLY C 882 -6.73 11.07 20.02
C GLY C 882 -5.62 10.27 20.67
N HIS C 883 -5.03 9.37 19.89
CA HIS C 883 -3.95 8.51 20.35
C HIS C 883 -2.56 9.09 20.06
N GLN C 884 -2.48 10.31 19.56
CA GLN C 884 -1.20 10.84 19.08
C GLN C 884 -0.31 11.36 20.20
N LYS C 885 -0.80 11.45 21.43
CA LYS C 885 -0.01 11.97 22.54
C LYS C 885 -0.66 11.55 23.84
N PHE C 886 0.02 11.85 24.95
CA PHE C 886 -0.52 11.70 26.29
C PHE C 886 -1.09 13.05 26.70
N HIS C 887 -2.42 13.18 26.61
CA HIS C 887 -3.06 14.47 26.84
C HIS C 887 -3.03 14.84 28.31
N GLU C 888 -2.94 16.14 28.57
CA GLU C 888 -3.02 16.66 29.93
C GLU C 888 -4.43 16.52 30.47
N GLY C 889 -4.53 16.29 31.78
CA GLY C 889 -5.82 16.03 32.38
C GLY C 889 -6.33 14.64 32.13
N ARG C 890 -5.51 13.77 31.56
CA ARG C 890 -5.86 12.38 31.29
C ARG C 890 -4.97 11.47 32.10
N LEU C 891 -5.49 10.30 32.44
CA LEU C 891 -4.81 9.36 33.32
C LEU C 891 -4.32 8.16 32.53
N THR C 892 -3.06 7.78 32.73
CA THR C 892 -2.45 6.63 32.10
C THR C 892 -1.75 5.78 33.15
N GLY C 893 -1.93 4.47 33.07
CA GLY C 893 -1.30 3.59 34.04
C GLY C 893 -1.86 2.18 33.99
N LYS C 894 -1.74 1.49 35.11
CA LYS C 894 -2.16 0.10 35.23
C LYS C 894 -3.04 -0.07 36.47
N ILE C 895 -4.02 -0.96 36.37
CA ILE C 895 -4.88 -1.32 37.49
C ILE C 895 -4.64 -2.80 37.80
N ARG C 896 -4.24 -3.10 39.03
CA ARG C 896 -4.00 -4.46 39.46
C ARG C 896 -5.23 -4.96 40.21
N CYS C 897 -5.82 -6.04 39.72
CA CYS C 897 -7.09 -6.54 40.23
C CYS C 897 -6.94 -7.97 40.71
N LYS C 898 -7.82 -8.35 41.65
CA LYS C 898 -7.89 -9.70 42.18
C LYS C 898 -9.29 -10.24 41.97
N LEU C 899 -9.40 -11.42 41.38
CA LEU C 899 -10.68 -12.05 41.08
C LEU C 899 -10.85 -13.29 41.93
N ILE C 900 -11.97 -13.37 42.64
CA ILE C 900 -12.28 -14.49 43.53
C ILE C 900 -13.60 -15.09 43.08
N THR C 901 -13.62 -16.42 42.91
CA THR C 901 -14.83 -17.11 42.49
C THR C 901 -15.74 -17.37 43.69
N LYS C 902 -17.04 -17.10 43.49
CA LYS C 902 -18.04 -17.37 44.50
C LYS C 902 -18.88 -18.60 44.23
N THR C 903 -18.96 -19.02 42.97
CA THR C 903 -19.57 -20.27 42.54
C THR C 903 -18.61 -20.95 41.59
N PRO C 904 -18.81 -22.24 41.31
CA PRO C 904 -17.90 -22.94 40.39
C PRO C 904 -17.80 -22.22 39.05
N LEU C 905 -16.57 -22.17 38.52
CA LEU C 905 -16.25 -21.43 37.32
C LEU C 905 -15.88 -22.38 36.19
N ILE C 906 -16.41 -22.11 34.99
CA ILE C 906 -16.17 -22.93 33.81
C ILE C 906 -15.60 -22.03 32.73
N VAL C 907 -14.30 -22.11 32.50
CA VAL C 907 -13.65 -21.49 31.36
C VAL C 907 -12.96 -22.59 30.56
N PRO C 908 -13.63 -23.13 29.54
CA PRO C 908 -13.13 -24.33 28.89
C PRO C 908 -11.88 -24.08 28.06
N ASP C 909 -11.07 -25.13 27.92
CA ASP C 909 -9.95 -25.15 26.99
C ASP C 909 -10.42 -25.95 25.78
N THR C 910 -10.96 -25.25 24.78
CA THR C 910 -11.65 -25.88 23.67
C THR C 910 -10.71 -26.38 22.58
N SER C 911 -9.40 -26.39 22.83
CA SER C 911 -8.47 -26.96 21.87
C SER C 911 -8.71 -28.45 21.70
N ASN C 912 -8.99 -29.15 22.80
CA ASN C 912 -9.31 -30.58 22.78
C ASN C 912 -10.73 -30.76 23.30
N ASP C 913 -11.60 -31.32 22.45
CA ASP C 913 -13.00 -31.49 22.80
C ASP C 913 -13.32 -32.90 23.27
N ASP C 914 -12.30 -33.72 23.53
CA ASP C 914 -12.46 -35.09 24.02
C ASP C 914 -11.53 -35.34 25.18
N PHE C 915 -11.51 -34.40 26.14
CA PHE C 915 -10.57 -34.49 27.25
C PHE C 915 -10.86 -35.69 28.14
N PHE C 916 -12.13 -35.93 28.45
CA PHE C 916 -12.51 -37.05 29.29
C PHE C 916 -12.97 -38.24 28.46
N TYR C 930 -20.24 -36.81 18.82
CA TYR C 930 -20.02 -37.49 20.08
C TYR C 930 -20.06 -36.51 21.25
N HIS C 931 -20.00 -37.05 22.47
CA HIS C 931 -20.03 -36.22 23.66
C HIS C 931 -18.73 -35.42 23.77
N LYS C 932 -18.87 -34.12 24.01
CA LYS C 932 -17.72 -33.21 24.05
C LYS C 932 -17.31 -32.95 25.49
N SER C 933 -16.04 -33.17 25.78
CA SER C 933 -15.47 -32.97 27.11
C SER C 933 -14.38 -31.91 27.05
N TYR C 934 -14.38 -31.01 28.02
CA TYR C 934 -13.43 -29.90 28.06
C TYR C 934 -12.75 -29.84 29.41
N ALA C 935 -11.51 -29.37 29.39
CA ALA C 935 -10.77 -29.06 30.61
C ALA C 935 -10.74 -27.55 30.81
N PHE C 936 -10.31 -27.13 31.99
CA PHE C 936 -10.19 -25.71 32.27
C PHE C 936 -9.06 -25.10 31.43
N PHE C 937 -9.20 -23.82 31.11
CA PHE C 937 -8.21 -23.15 30.28
C PHE C 937 -6.86 -23.15 30.98
N ARG C 938 -5.82 -23.53 30.22
CA ARG C 938 -4.46 -23.58 30.74
C ARG C 938 -3.51 -23.03 29.69
N LEU C 939 -2.39 -22.48 30.16
CA LEU C 939 -1.32 -21.99 29.30
C LEU C 939 0.00 -22.41 29.93
N HIS C 940 0.68 -23.37 29.31
CA HIS C 940 1.94 -23.92 29.83
C HIS C 940 1.74 -24.51 31.22
N LYS C 941 0.73 -25.38 31.34
CA LYS C 941 0.39 -26.10 32.57
C LYS C 941 0.02 -25.14 33.71
N GLN C 942 -0.38 -23.91 33.38
CA GLN C 942 -0.77 -22.92 34.36
C GLN C 942 -2.22 -22.51 34.10
N ILE C 943 -3.05 -22.59 35.13
CA ILE C 943 -4.46 -22.26 35.01
C ILE C 943 -4.61 -20.75 34.88
N MET C 944 -5.20 -20.30 33.78
CA MET C 944 -5.36 -18.88 33.50
C MET C 944 -6.75 -18.62 32.94
N ILE C 945 -7.15 -17.36 32.99
CA ILE C 945 -8.36 -16.87 32.34
C ILE C 945 -7.94 -15.90 31.24
N PRO C 946 -8.34 -16.11 29.99
CA PRO C 946 -7.93 -15.18 28.93
C PRO C 946 -8.48 -13.78 29.17
N GLY C 947 -7.72 -12.78 28.72
CA GLY C 947 -8.13 -11.40 28.89
C GLY C 947 -9.34 -10.99 28.08
N SER C 948 -9.67 -11.73 27.02
CA SER C 948 -10.84 -11.41 26.21
C SER C 948 -12.15 -11.63 26.96
N GLU C 949 -12.24 -12.73 27.72
CA GLU C 949 -13.45 -12.99 28.50
C GLU C 949 -13.65 -11.92 29.57
N LEU C 950 -12.58 -11.56 30.28
CA LEU C 950 -12.67 -10.49 31.26
C LEU C 950 -13.02 -9.17 30.61
N ARG C 951 -12.44 -8.88 29.44
CA ARG C 951 -12.74 -7.65 28.73
C ARG C 951 -14.21 -7.57 28.37
N GLY C 952 -14.77 -8.66 27.83
CA GLY C 952 -16.19 -8.66 27.50
C GLY C 952 -17.10 -8.56 28.72
N MET C 953 -16.74 -9.28 29.78
CA MET C 953 -17.55 -9.26 31.00
C MET C 953 -17.59 -7.86 31.60
N VAL C 954 -16.44 -7.19 31.68
CA VAL C 954 -16.41 -5.83 32.20
C VAL C 954 -17.05 -4.85 31.23
N SER C 955 -16.92 -5.10 29.92
CA SER C 955 -17.50 -4.21 28.93
C SER C 955 -19.01 -4.20 29.00
N SER C 956 -19.63 -5.35 29.24
CA SER C 956 -21.09 -5.38 29.37
C SER C 956 -21.56 -4.52 30.54
N VAL C 957 -20.90 -4.65 31.69
CA VAL C 957 -21.28 -3.86 32.86
C VAL C 957 -21.00 -2.38 32.62
N TYR C 958 -19.92 -2.05 31.91
CA TYR C 958 -19.63 -0.66 31.62
C TYR C 958 -20.64 -0.06 30.66
N GLU C 959 -21.08 -0.83 29.67
CA GLU C 959 -22.15 -0.39 28.78
C GLU C 959 -23.47 -0.20 29.52
N THR C 960 -23.75 -1.03 30.51
CA THR C 960 -24.99 -0.86 31.26
C THR C 960 -24.91 0.33 32.22
N VAL C 961 -23.79 0.52 32.92
CA VAL C 961 -23.67 1.62 33.88
C VAL C 961 -23.70 2.96 33.16
N THR C 962 -22.86 3.10 32.13
CA THR C 962 -22.87 4.28 31.27
C THR C 962 -23.77 3.96 30.09
N ASN C 963 -25.00 4.49 30.12
CA ASN C 963 -26.01 4.10 29.15
C ASN C 963 -25.49 4.30 27.74
N SER C 964 -25.22 3.20 27.04
CA SER C 964 -24.52 3.21 25.76
C SER C 964 -25.27 2.34 24.77
N CYS C 965 -24.74 2.30 23.55
CA CYS C 965 -25.33 1.46 22.51
C CYS C 965 -25.06 -0.01 22.82
N PHE C 966 -25.89 -0.87 22.24
CA PHE C 966 -25.64 -2.30 22.28
C PHE C 966 -24.48 -2.58 21.34
N ARG C 967 -23.27 -2.73 21.90
CA ARG C 967 -22.07 -2.80 21.07
C ARG C 967 -22.12 -3.99 20.11
N ILE C 968 -22.56 -5.14 20.59
CA ILE C 968 -22.74 -6.32 19.76
C ILE C 968 -24.24 -6.57 19.65
N PHE C 969 -24.77 -6.46 18.44
CA PHE C 969 -26.19 -6.64 18.21
C PHE C 969 -26.42 -6.96 16.73
N ASP C 970 -27.11 -8.06 16.46
CA ASP C 970 -27.40 -8.47 15.09
C ASP C 970 -28.57 -7.64 14.58
N GLU C 971 -28.24 -6.51 13.97
CA GLU C 971 -29.28 -5.57 13.52
C GLU C 971 -30.10 -6.11 12.36
N THR C 972 -29.48 -6.90 11.48
CA THR C 972 -30.14 -7.34 10.26
C THR C 972 -31.02 -8.57 10.47
N LYS C 973 -31.09 -9.10 11.68
CA LYS C 973 -31.96 -10.24 11.94
C LYS C 973 -33.42 -9.87 11.70
N ARG C 974 -34.14 -10.74 10.99
CA ARG C 974 -35.55 -10.55 10.71
C ARG C 974 -36.31 -11.70 11.35
N LEU C 975 -37.17 -11.38 12.32
CA LEU C 975 -37.85 -12.40 13.10
C LEU C 975 -38.99 -13.04 12.32
N SER C 976 -39.41 -14.21 12.78
CA SER C 976 -40.52 -14.93 12.18
C SER C 976 -41.25 -15.68 13.29
N TRP C 977 -42.57 -15.78 13.16
CA TRP C 977 -43.41 -16.46 14.15
C TRP C 977 -44.34 -17.43 13.44
N ARG C 978 -44.62 -18.55 14.11
CA ARG C 978 -45.53 -19.54 13.55
C ARG C 978 -46.97 -19.10 13.70
N MET C 979 -47.78 -19.36 12.67
CA MET C 979 -49.21 -19.14 12.76
C MET C 979 -49.85 -20.21 13.64
N ASP C 980 -51.00 -19.86 14.22
CA ASP C 980 -51.74 -20.77 15.09
C ASP C 980 -53.10 -21.07 14.49
N ALA C 981 -53.65 -22.22 14.86
CA ALA C 981 -54.96 -22.64 14.39
C ALA C 981 -56.04 -22.27 15.39
N GLN C 988 -56.86 -16.49 9.41
CA GLN C 988 -58.18 -16.42 8.82
C GLN C 988 -58.25 -15.29 7.78
N ASP C 989 -57.38 -14.30 7.93
CA ASP C 989 -57.31 -13.20 6.98
C ASP C 989 -56.64 -13.60 5.67
N PHE C 990 -55.87 -14.69 5.67
CA PHE C 990 -55.21 -15.13 4.45
C PHE C 990 -56.23 -15.65 3.44
N LEU C 991 -56.00 -15.35 2.17
CA LEU C 991 -56.90 -15.73 1.10
C LEU C 991 -56.14 -16.47 0.01
N PRO C 992 -56.80 -17.38 -0.70
CA PRO C 992 -56.13 -18.09 -1.80
C PRO C 992 -55.78 -17.14 -2.93
N GLY C 993 -54.72 -17.49 -3.65
CA GLY C 993 -54.27 -16.67 -4.76
C GLY C 993 -53.37 -17.43 -5.70
N ARG C 994 -53.19 -16.87 -6.89
CA ARG C 994 -52.31 -17.43 -7.90
C ARG C 994 -51.48 -16.32 -8.51
N VAL C 995 -50.17 -16.56 -8.61
CA VAL C 995 -49.25 -15.55 -9.15
C VAL C 995 -49.44 -15.46 -10.66
N THR C 996 -49.60 -14.24 -11.16
CA THR C 996 -49.85 -14.03 -12.58
C THR C 996 -48.60 -14.35 -13.40
N ALA C 997 -48.79 -14.45 -14.72
CA ALA C 997 -47.68 -14.74 -15.62
C ALA C 997 -46.61 -13.66 -15.56
N ASP C 998 -46.99 -12.42 -15.24
CA ASP C 998 -46.00 -11.37 -15.06
C ASP C 998 -45.09 -11.65 -13.87
N GLY C 999 -45.62 -12.31 -12.84
CA GLY C 999 -44.87 -12.60 -11.64
C GLY C 999 -44.90 -11.51 -10.60
N LYS C 1000 -45.52 -10.37 -10.89
CA LYS C 1000 -45.59 -9.25 -9.95
C LYS C 1000 -46.98 -9.03 -9.40
N HIS C 1001 -47.93 -9.92 -9.70
CA HIS C 1001 -49.30 -9.77 -9.25
C HIS C 1001 -49.85 -11.12 -8.80
N ILE C 1002 -50.86 -11.06 -7.95
CA ILE C 1002 -51.56 -12.24 -7.45
C ILE C 1002 -53.05 -12.06 -7.67
N GLN C 1003 -53.69 -13.07 -8.24
CA GLN C 1003 -55.12 -13.03 -8.52
C GLN C 1003 -55.85 -13.87 -7.46
N LYS C 1004 -56.87 -13.26 -6.84
CA LYS C 1004 -57.56 -13.89 -5.73
C LYS C 1004 -58.52 -14.98 -6.21
N PHE C 1005 -58.58 -16.06 -5.45
CA PHE C 1005 -59.58 -17.11 -5.63
C PHE C 1005 -60.77 -16.86 -4.72
N SER C 1006 -61.92 -17.39 -5.11
CA SER C 1006 -63.16 -17.12 -4.38
C SER C 1006 -63.39 -18.07 -3.22
N GLU C 1007 -63.11 -19.37 -3.38
CA GLU C 1007 -63.45 -20.34 -2.35
C GLU C 1007 -62.54 -21.56 -2.52
N THR C 1008 -62.51 -22.39 -1.49
CA THR C 1008 -61.67 -23.58 -1.45
C THR C 1008 -62.48 -24.78 -0.99
N ALA C 1009 -61.99 -25.96 -1.38
CA ALA C 1009 -62.57 -27.23 -0.94
C ALA C 1009 -61.44 -28.22 -0.73
N ARG C 1010 -61.67 -29.19 0.16
CA ARG C 1010 -60.67 -30.20 0.49
C ARG C 1010 -60.82 -31.40 -0.43
N VAL C 1011 -59.71 -31.82 -1.03
CA VAL C 1011 -59.68 -32.94 -1.96
C VAL C 1011 -58.96 -34.09 -1.27
N PRO C 1012 -59.65 -35.16 -0.87
CA PRO C 1012 -58.98 -36.30 -0.23
C PRO C 1012 -58.00 -36.96 -1.20
N PHE C 1013 -56.73 -36.95 -0.83
CA PHE C 1013 -55.67 -37.46 -1.68
C PHE C 1013 -54.96 -38.68 -1.14
N TYR C 1014 -54.91 -38.86 0.19
CA TYR C 1014 -54.12 -39.92 0.79
C TYR C 1014 -54.95 -40.97 1.51
N ASP C 1015 -56.26 -41.02 1.26
CA ASP C 1015 -57.10 -42.08 1.76
C ASP C 1015 -57.37 -43.08 0.63
N LYS C 1016 -58.26 -44.04 0.88
CA LYS C 1016 -58.61 -45.05 -0.11
C LYS C 1016 -59.95 -44.80 -0.78
N THR C 1017 -60.52 -43.60 -0.61
CA THR C 1017 -61.83 -43.33 -1.21
C THR C 1017 -61.74 -43.21 -2.72
N GLN C 1018 -60.74 -42.49 -3.23
CA GLN C 1018 -60.59 -42.28 -4.67
C GLN C 1018 -59.14 -42.49 -5.07
N LYS C 1019 -58.87 -42.36 -6.37
CA LYS C 1019 -57.55 -42.64 -6.93
C LYS C 1019 -57.00 -41.41 -7.63
N HIS C 1020 -57.02 -40.26 -6.94
CA HIS C 1020 -56.63 -39.00 -7.57
C HIS C 1020 -55.21 -39.04 -8.14
N PHE C 1021 -54.28 -39.66 -7.41
CA PHE C 1021 -52.91 -39.75 -7.91
C PHE C 1021 -52.82 -40.54 -9.20
N ASP C 1022 -53.73 -41.51 -9.40
CA ASP C 1022 -53.72 -42.31 -10.61
C ASP C 1022 -54.39 -41.58 -11.78
N ILE C 1023 -55.56 -40.99 -11.52
CA ILE C 1023 -56.33 -40.37 -12.59
C ILE C 1023 -55.65 -39.10 -13.09
N LEU C 1024 -55.15 -38.27 -12.18
CA LEU C 1024 -54.66 -36.95 -12.54
C LEU C 1024 -53.31 -37.05 -13.25
N ASP C 1025 -52.81 -35.91 -13.69
CA ASP C 1025 -51.57 -35.80 -14.45
C ASP C 1025 -50.52 -35.05 -13.64
N GLU C 1026 -49.27 -35.16 -14.08
CA GLU C 1026 -48.17 -34.49 -13.37
C GLU C 1026 -48.39 -32.98 -13.36
N GLN C 1027 -48.76 -32.40 -14.50
CA GLN C 1027 -49.04 -30.97 -14.56
C GLN C 1027 -50.23 -30.60 -13.69
N GLU C 1028 -51.27 -31.45 -13.69
CA GLU C 1028 -52.44 -31.20 -12.87
C GLU C 1028 -52.11 -31.25 -11.38
N ILE C 1029 -51.27 -32.21 -10.98
CA ILE C 1029 -50.84 -32.29 -9.59
C ILE C 1029 -50.01 -31.07 -9.22
N ALA C 1030 -49.11 -30.65 -10.11
CA ALA C 1030 -48.30 -29.46 -9.85
C ALA C 1030 -49.15 -28.19 -9.84
N GLY C 1031 -50.37 -28.22 -10.37
CA GLY C 1031 -51.23 -27.07 -10.39
C GLY C 1031 -51.00 -26.10 -11.53
N GLU C 1032 -50.07 -26.41 -12.44
CA GLU C 1032 -49.79 -25.48 -13.54
C GLU C 1032 -50.96 -25.35 -14.48
N LYS C 1033 -51.66 -26.46 -14.77
CA LYS C 1033 -52.81 -26.38 -15.66
C LYS C 1033 -54.10 -26.55 -14.89
N PRO C 1034 -55.19 -25.92 -15.34
CA PRO C 1034 -56.46 -26.02 -14.61
C PRO C 1034 -57.05 -27.42 -14.69
N VAL C 1035 -57.88 -27.73 -13.69
CA VAL C 1035 -58.57 -29.01 -13.61
C VAL C 1035 -60.05 -28.74 -13.35
N ARG C 1036 -60.87 -29.75 -13.62
CA ARG C 1036 -62.31 -29.68 -13.39
C ARG C 1036 -62.69 -30.75 -12.37
N MET C 1037 -63.28 -30.33 -11.26
CA MET C 1037 -63.67 -31.24 -10.20
C MET C 1037 -65.04 -30.84 -9.66
N TRP C 1038 -65.83 -31.85 -9.28
CA TRP C 1038 -67.14 -31.60 -8.70
C TRP C 1038 -66.98 -31.14 -7.25
N VAL C 1039 -67.64 -30.05 -6.91
CA VAL C 1039 -67.55 -29.46 -5.57
C VAL C 1039 -68.92 -29.49 -4.93
N LYS C 1040 -68.95 -29.83 -3.64
CA LYS C 1040 -70.15 -29.81 -2.83
C LYS C 1040 -69.96 -28.82 -1.69
N ARG C 1041 -71.02 -28.11 -1.34
CA ARG C 1041 -70.98 -27.11 -0.29
C ARG C 1041 -71.71 -27.53 0.98
N PHE C 1042 -72.76 -28.33 0.87
CA PHE C 1042 -73.48 -28.82 2.04
C PHE C 1042 -73.90 -30.28 1.85
N ARG C 1125 -72.34 -28.48 7.16
CA ARG C 1125 -71.37 -27.98 6.18
C ARG C 1125 -70.49 -29.12 5.68
N TYR C 1126 -70.24 -29.13 4.36
CA TYR C 1126 -69.47 -30.21 3.74
C TYR C 1126 -68.74 -29.61 2.53
N GLN C 1127 -67.49 -29.22 2.73
CA GLN C 1127 -66.67 -28.60 1.70
C GLN C 1127 -65.62 -29.61 1.24
N LYS C 1128 -65.97 -30.42 0.25
CA LYS C 1128 -65.04 -31.37 -0.34
C LYS C 1128 -65.22 -31.36 -1.86
N ALA C 1129 -64.13 -31.66 -2.56
CA ALA C 1129 -64.10 -31.59 -4.03
C ALA C 1129 -63.49 -32.88 -4.57
N PHE C 1130 -64.34 -33.86 -4.86
CA PHE C 1130 -63.91 -35.09 -5.50
C PHE C 1130 -63.94 -34.91 -7.02
N GLN C 1131 -62.90 -35.40 -7.69
CA GLN C 1131 -62.83 -35.27 -9.14
C GLN C 1131 -63.97 -36.00 -9.82
N GLU C 1132 -64.29 -37.20 -9.35
CA GLU C 1132 -65.44 -37.96 -9.82
C GLU C 1132 -66.43 -38.13 -8.68
N ILE C 1133 -67.71 -38.03 -9.00
CA ILE C 1133 -68.74 -38.13 -7.95
C ILE C 1133 -68.70 -39.52 -7.34
N PRO C 1134 -68.60 -39.66 -6.02
CA PRO C 1134 -68.56 -40.99 -5.41
C PRO C 1134 -69.87 -41.73 -5.65
N GLU C 1135 -69.75 -43.06 -5.75
CA GLU C 1135 -70.92 -43.91 -5.98
C GLU C 1135 -71.86 -43.95 -4.78
N ASN C 1136 -71.42 -43.45 -3.63
CA ASN C 1136 -72.28 -43.46 -2.43
C ASN C 1136 -73.31 -42.34 -2.47
N ASP C 1137 -72.86 -41.11 -2.67
CA ASP C 1137 -73.74 -39.94 -2.69
C ASP C 1137 -73.66 -39.26 -4.04
N PRO C 1138 -74.59 -39.55 -4.95
CA PRO C 1138 -74.57 -38.94 -6.30
C PRO C 1138 -75.43 -37.69 -6.46
N ASP C 1139 -75.94 -37.11 -5.38
CA ASP C 1139 -76.83 -35.96 -5.45
C ASP C 1139 -76.21 -34.77 -4.75
N GLY C 1140 -76.36 -33.59 -5.35
CA GLY C 1140 -75.93 -32.35 -4.73
C GLY C 1140 -74.57 -31.83 -5.16
N TRP C 1141 -73.96 -32.42 -6.20
CA TRP C 1141 -72.64 -32.01 -6.64
C TRP C 1141 -72.72 -31.00 -7.77
N GLU C 1142 -71.79 -30.06 -7.76
CA GLU C 1142 -71.68 -29.02 -8.78
C GLU C 1142 -70.28 -29.02 -9.35
N CYS C 1143 -70.17 -28.86 -10.66
CA CYS C 1143 -68.88 -28.88 -11.35
C CYS C 1143 -68.34 -27.46 -11.46
N LYS C 1144 -67.09 -27.26 -11.01
CA LYS C 1144 -66.42 -25.99 -11.13
C LYS C 1144 -64.98 -26.22 -11.55
N GLU C 1145 -64.40 -25.22 -12.21
CA GLU C 1145 -63.04 -25.29 -12.73
C GLU C 1145 -62.11 -24.46 -11.85
N GLY C 1146 -60.93 -25.00 -11.59
CA GLY C 1146 -59.94 -24.29 -10.78
C GLY C 1146 -58.57 -24.92 -10.82
N TYR C 1147 -57.83 -24.81 -9.71
CA TYR C 1147 -56.47 -25.32 -9.62
C TYR C 1147 -56.30 -26.11 -8.34
N LEU C 1148 -55.35 -27.04 -8.36
CA LEU C 1148 -55.06 -27.90 -7.22
C LEU C 1148 -53.81 -27.42 -6.49
N HIS C 1149 -53.91 -27.35 -5.17
CA HIS C 1149 -52.79 -26.95 -4.31
C HIS C 1149 -52.34 -28.19 -3.55
N VAL C 1150 -51.43 -28.95 -4.16
CA VAL C 1150 -50.92 -30.19 -3.59
C VAL C 1150 -49.46 -29.95 -3.19
N VAL C 1151 -49.18 -30.07 -1.90
CA VAL C 1151 -47.83 -29.86 -1.39
C VAL C 1151 -47.20 -31.14 -0.84
N GLY C 1152 -47.97 -32.21 -0.69
CA GLY C 1152 -47.47 -33.44 -0.13
C GLY C 1152 -47.91 -33.63 1.30
N PRO C 1153 -47.82 -34.87 1.80
CA PRO C 1153 -48.21 -35.14 3.20
C PRO C 1153 -47.16 -34.62 4.16
N SER C 1154 -47.47 -33.51 4.83
CA SER C 1154 -46.51 -32.83 5.68
C SER C 1154 -46.96 -32.63 7.12
N LYS C 1155 -48.23 -32.90 7.44
CA LYS C 1155 -48.71 -32.83 8.81
C LYS C 1155 -48.36 -34.14 9.50
N VAL C 1156 -47.11 -34.24 9.94
CA VAL C 1156 -46.54 -35.46 10.48
C VAL C 1156 -46.16 -35.24 11.94
N GLU C 1157 -46.44 -36.23 12.78
CA GLU C 1157 -46.04 -36.23 14.18
C GLU C 1157 -45.05 -37.38 14.37
N PHE C 1158 -43.79 -37.03 14.65
CA PHE C 1158 -42.72 -38.02 14.72
C PHE C 1158 -42.08 -38.02 16.09
N SER C 1159 -41.68 -39.21 16.53
CA SER C 1159 -41.06 -39.37 17.84
C SER C 1159 -40.23 -40.65 17.84
N ASP C 1160 -39.31 -40.72 18.80
CA ASP C 1160 -38.54 -41.94 19.02
C ASP C 1160 -39.21 -42.88 20.00
N LYS C 1161 -40.33 -42.48 20.58
CA LYS C 1161 -41.14 -43.30 21.48
C LYS C 1161 -42.45 -43.66 20.78
N LYS C 1162 -43.30 -44.39 21.49
CA LYS C 1162 -44.57 -44.84 20.96
C LYS C 1162 -45.70 -44.14 21.70
N GLY C 1163 -46.59 -43.51 20.95
CA GLY C 1163 -47.74 -42.82 21.50
C GLY C 1163 -49.00 -43.65 21.42
N ASP C 1164 -50.12 -42.98 21.71
CA ASP C 1164 -51.42 -43.66 21.70
C ASP C 1164 -51.76 -44.20 20.33
N VAL C 1165 -51.52 -43.42 19.28
CA VAL C 1165 -51.85 -43.86 17.92
C VAL C 1165 -50.98 -45.03 17.51
N ILE C 1166 -49.70 -45.01 17.88
CA ILE C 1166 -48.80 -46.10 17.52
C ILE C 1166 -49.16 -47.36 18.29
N ASN C 1167 -49.48 -47.22 19.58
CA ASN C 1167 -49.81 -48.40 20.39
C ASN C 1167 -51.09 -49.05 19.90
N ASN C 1168 -52.11 -48.26 19.55
CA ASN C 1168 -53.38 -48.82 19.10
C ASN C 1168 -53.29 -49.44 17.71
N PHE C 1169 -52.20 -49.22 16.98
CA PHE C 1169 -52.06 -49.82 15.66
C PHE C 1169 -51.88 -51.33 15.79
N GLN C 1170 -52.60 -52.08 14.97
CA GLN C 1170 -52.58 -53.54 15.00
C GLN C 1170 -51.74 -54.05 13.85
N GLY C 1171 -50.73 -54.86 14.17
CA GLY C 1171 -49.84 -55.42 13.18
C GLY C 1171 -48.46 -54.81 13.24
N THR C 1172 -47.76 -54.89 12.11
CA THR C 1172 -46.43 -54.34 11.98
C THR C 1172 -46.48 -52.98 11.28
N LEU C 1173 -45.74 -52.02 11.82
CA LEU C 1173 -45.69 -50.69 11.22
C LEU C 1173 -44.96 -50.76 9.88
N PRO C 1174 -45.55 -50.28 8.79
CA PRO C 1174 -44.87 -50.33 7.49
C PRO C 1174 -43.63 -49.44 7.49
N SER C 1175 -42.68 -49.80 6.64
CA SER C 1175 -41.49 -48.98 6.47
C SER C 1175 -41.84 -47.69 5.75
N VAL C 1176 -40.98 -46.69 5.91
CA VAL C 1176 -41.21 -45.36 5.33
C VAL C 1176 -41.17 -45.48 3.81
N PRO C 1177 -42.23 -45.07 3.12
CA PRO C 1177 -42.23 -45.16 1.66
C PRO C 1177 -41.24 -44.19 1.02
N ASN C 1178 -40.80 -44.56 -0.18
CA ASN C 1178 -39.79 -43.80 -0.91
C ASN C 1178 -40.40 -42.68 -1.75
N ASP C 1179 -41.71 -42.63 -1.89
CA ASP C 1179 -42.37 -41.60 -2.69
C ASP C 1179 -43.58 -41.08 -1.93
N TRP C 1180 -43.76 -39.75 -1.95
CA TRP C 1180 -44.89 -39.15 -1.25
C TRP C 1180 -46.21 -39.37 -1.98
N LYS C 1181 -46.17 -39.74 -3.26
CA LYS C 1181 -47.40 -40.00 -4.01
C LYS C 1181 -48.01 -41.36 -3.67
N THR C 1182 -47.23 -42.26 -3.08
CA THR C 1182 -47.68 -43.60 -2.76
C THR C 1182 -48.15 -43.76 -1.32
N ILE C 1183 -48.19 -42.68 -0.55
CA ILE C 1183 -48.58 -42.76 0.85
C ILE C 1183 -50.09 -42.85 0.95
N ARG C 1184 -50.58 -43.81 1.73
CA ARG C 1184 -52.00 -44.02 1.94
C ARG C 1184 -52.28 -44.19 3.42
N THR C 1185 -53.51 -43.83 3.82
CA THR C 1185 -53.91 -43.93 5.21
C THR C 1185 -53.95 -45.39 5.66
N ASN C 1186 -53.41 -45.65 6.85
CA ASN C 1186 -53.38 -46.99 7.42
C ASN C 1186 -54.29 -47.17 8.63
N ASP C 1187 -54.65 -46.09 9.33
CA ASP C 1187 -55.43 -46.21 10.55
C ASP C 1187 -56.17 -44.90 10.78
N PHE C 1188 -56.99 -44.88 11.84
CA PHE C 1188 -57.76 -43.71 12.22
C PHE C 1188 -57.51 -43.39 13.68
N LYS C 1189 -57.33 -42.11 13.99
CA LYS C 1189 -57.25 -41.69 15.39
C LYS C 1189 -58.57 -41.93 16.09
N ASN C 1190 -59.69 -41.61 15.43
CA ASN C 1190 -61.04 -41.83 15.96
C ASN C 1190 -61.61 -43.02 15.19
N ARG C 1191 -61.32 -44.23 15.69
CA ARG C 1191 -61.73 -45.44 14.98
C ARG C 1191 -63.25 -45.61 14.98
N LYS C 1192 -63.91 -45.29 16.09
CA LYS C 1192 -65.34 -45.55 16.19
C LYS C 1192 -66.14 -44.75 15.16
N ARG C 1193 -65.77 -43.50 14.94
CA ARG C 1193 -66.47 -42.66 13.97
C ARG C 1193 -65.82 -42.69 12.58
N LYS C 1194 -64.73 -43.45 12.42
CA LYS C 1194 -64.07 -43.63 11.12
C LYS C 1194 -63.66 -42.30 10.50
N ASN C 1195 -63.17 -41.38 11.32
CA ASN C 1195 -62.59 -40.13 10.85
C ASN C 1195 -61.16 -40.01 11.38
N GLU C 1196 -60.55 -38.85 11.14
CA GLU C 1196 -59.16 -38.57 11.48
C GLU C 1196 -58.23 -39.62 10.87
N PRO C 1197 -58.14 -39.70 9.54
CA PRO C 1197 -57.25 -40.69 8.93
C PRO C 1197 -55.79 -40.36 9.18
N VAL C 1198 -55.00 -41.39 9.49
CA VAL C 1198 -53.58 -41.23 9.75
C VAL C 1198 -52.81 -42.36 9.07
N PHE C 1199 -51.53 -42.09 8.82
CA PHE C 1199 -50.60 -43.06 8.23
C PHE C 1199 -49.47 -43.30 9.22
N CYS C 1200 -49.44 -44.50 9.81
CA CYS C 1200 -48.44 -44.85 10.81
C CYS C 1200 -47.35 -45.69 10.17
N CYS C 1201 -46.11 -45.26 10.31
CA CYS C 1201 -44.97 -45.97 9.76
C CYS C 1201 -43.80 -45.86 10.72
N GLU C 1202 -42.83 -46.77 10.54
CA GLU C 1202 -41.66 -46.82 11.40
C GLU C 1202 -40.40 -46.75 10.55
N ASP C 1203 -39.39 -46.05 11.05
CA ASP C 1203 -38.13 -45.87 10.38
C ASP C 1203 -37.13 -46.92 10.86
N ASP C 1204 -36.10 -47.15 10.04
CA ASP C 1204 -35.06 -48.11 10.40
C ASP C 1204 -34.23 -47.64 11.59
N LYS C 1205 -34.25 -46.34 11.90
CA LYS C 1205 -33.50 -45.80 13.03
C LYS C 1205 -34.31 -45.77 14.32
N GLY C 1206 -35.54 -46.28 14.30
CA GLY C 1206 -36.38 -46.32 15.47
C GLY C 1206 -37.39 -45.20 15.59
N ASN C 1207 -37.43 -44.27 14.65
CA ASN C 1207 -38.37 -43.16 14.69
C ASN C 1207 -39.75 -43.61 14.22
N TYR C 1208 -40.77 -43.26 14.98
CA TYR C 1208 -42.16 -43.57 14.63
C TYR C 1208 -42.83 -42.33 14.08
N TYR C 1209 -43.40 -42.44 12.88
CA TYR C 1209 -43.99 -41.31 12.18
C TYR C 1209 -45.51 -41.50 12.12
N THR C 1210 -46.24 -40.46 12.51
CA THR C 1210 -47.70 -40.44 12.43
C THR C 1210 -48.12 -39.24 11.60
N MET C 1211 -48.53 -39.50 10.36
CA MET C 1211 -48.93 -38.44 9.44
C MET C 1211 -50.45 -38.34 9.44
N ALA C 1212 -50.95 -37.16 9.82
CA ALA C 1212 -52.39 -36.96 10.05
C ALA C 1212 -53.01 -36.01 9.03
N LYS C 1213 -52.59 -36.09 7.78
CA LYS C 1213 -53.15 -35.29 6.70
C LYS C 1213 -53.63 -36.20 5.58
N TYR C 1214 -54.85 -35.96 5.09
CA TYR C 1214 -55.40 -36.76 4.01
C TYR C 1214 -56.13 -35.94 2.96
N CYS C 1215 -56.11 -34.62 3.03
CA CYS C 1215 -56.82 -33.76 2.10
C CYS C 1215 -55.91 -32.67 1.56
N GLU C 1216 -56.09 -32.33 0.29
CA GLU C 1216 -55.47 -31.17 -0.32
C GLU C 1216 -56.55 -30.14 -0.67
N THR C 1217 -56.12 -28.90 -0.87
CA THR C 1217 -57.03 -27.78 -1.12
C THR C 1217 -57.19 -27.56 -2.61
N PHE C 1218 -58.42 -27.27 -3.03
CA PHE C 1218 -58.76 -27.02 -4.42
C PHE C 1218 -59.17 -25.56 -4.57
N PHE C 1219 -58.38 -24.79 -5.32
CA PHE C 1219 -58.66 -23.38 -5.55
C PHE C 1219 -59.46 -23.24 -6.84
N PHE C 1220 -60.65 -22.66 -6.73
CA PHE C 1220 -61.51 -22.49 -7.90
C PHE C 1220 -62.09 -21.08 -7.91
N ASP C 1221 -62.72 -20.73 -9.03
CA ASP C 1221 -63.32 -19.42 -9.26
C ASP C 1221 -62.27 -18.31 -9.14
N LEU C 1222 -61.30 -18.35 -10.05
CA LEU C 1222 -60.26 -17.34 -10.09
C LEU C 1222 -60.83 -16.00 -10.55
N LYS C 1223 -60.33 -14.92 -9.95
CA LYS C 1223 -60.75 -13.56 -10.29
C LYS C 1223 -59.62 -12.89 -11.07
N GLU C 1224 -59.84 -12.70 -12.37
CA GLU C 1224 -58.82 -12.07 -13.21
C GLU C 1224 -58.78 -10.56 -13.03
N ASN C 1225 -59.85 -9.96 -12.50
CA ASN C 1225 -59.94 -8.52 -12.34
C ASN C 1225 -59.49 -8.04 -10.96
N GLU C 1226 -59.08 -8.95 -10.08
CA GLU C 1226 -58.65 -8.59 -8.73
C GLU C 1226 -57.15 -8.71 -8.54
N GLU C 1227 -56.37 -8.35 -9.56
CA GLU C 1227 -54.92 -8.41 -9.46
C GLU C 1227 -54.42 -7.46 -8.38
N TYR C 1228 -53.51 -7.95 -7.53
CA TYR C 1228 -52.90 -7.16 -6.48
C TYR C 1228 -51.39 -7.15 -6.66
N GLU C 1229 -50.81 -5.96 -6.57
CA GLU C 1229 -49.37 -5.79 -6.81
C GLU C 1229 -48.57 -6.45 -5.68
N ILE C 1230 -47.41 -6.98 -6.05
CA ILE C 1230 -46.48 -7.57 -5.09
C ILE C 1230 -45.34 -6.59 -4.84
N PRO C 1231 -45.30 -5.91 -3.69
CA PRO C 1231 -44.15 -5.07 -3.38
C PRO C 1231 -42.92 -5.91 -3.10
N GLU C 1232 -41.75 -5.31 -3.30
CA GLU C 1232 -40.51 -6.02 -3.03
C GLU C 1232 -40.35 -6.36 -1.55
N LYS C 1233 -41.02 -5.62 -0.67
CA LYS C 1233 -40.98 -5.96 0.76
C LYS C 1233 -41.59 -7.33 1.01
N ALA C 1234 -42.73 -7.62 0.39
CA ALA C 1234 -43.33 -8.93 0.49
C ALA C 1234 -42.47 -10.02 -0.14
N ARG C 1235 -41.77 -9.71 -1.24
CA ARG C 1235 -40.84 -10.66 -1.83
C ARG C 1235 -39.68 -10.97 -0.89
N ILE C 1236 -39.14 -9.97 -0.20
CA ILE C 1236 -38.08 -10.21 0.78
C ILE C 1236 -38.61 -11.05 1.93
N LYS C 1237 -39.83 -10.75 2.40
CA LYS C 1237 -40.43 -11.53 3.48
C LYS C 1237 -40.61 -12.99 3.06
N TYR C 1238 -41.07 -13.23 1.83
CA TYR C 1238 -41.24 -14.60 1.36
C TYR C 1238 -39.91 -15.31 1.17
N LYS C 1239 -38.88 -14.58 0.74
CA LYS C 1239 -37.54 -15.16 0.65
C LYS C 1239 -37.03 -15.58 2.03
N GLU C 1240 -37.25 -14.75 3.04
CA GLU C 1240 -36.87 -15.12 4.40
C GLU C 1240 -37.67 -16.31 4.90
N LEU C 1241 -38.96 -16.38 4.57
CA LEU C 1241 -39.76 -17.53 4.95
C LEU C 1241 -39.21 -18.81 4.33
N LEU C 1242 -38.86 -18.76 3.04
CA LEU C 1242 -38.27 -19.92 2.38
C LEU C 1242 -36.93 -20.28 2.99
N ARG C 1243 -36.10 -19.29 3.33
CA ARG C 1243 -34.82 -19.58 3.95
C ARG C 1243 -35.00 -20.28 5.28
N VAL C 1244 -35.96 -19.83 6.09
CA VAL C 1244 -36.21 -20.49 7.37
C VAL C 1244 -36.75 -21.90 7.15
N TYR C 1245 -37.61 -22.08 6.14
CA TYR C 1245 -38.16 -23.41 5.86
C TYR C 1245 -37.05 -24.38 5.45
N ASN C 1246 -36.13 -23.94 4.61
CA ASN C 1246 -35.10 -24.85 4.08
C ASN C 1246 -33.97 -25.11 5.05
N ASN C 1247 -33.77 -24.27 6.05
CA ASN C 1247 -32.73 -24.44 7.06
C ASN C 1247 -33.40 -24.62 8.41
N ASN C 1248 -33.76 -25.86 8.72
CA ASN C 1248 -34.48 -26.18 9.95
C ASN C 1248 -33.82 -27.36 10.66
N PRO C 1249 -33.11 -27.13 11.77
CA PRO C 1249 -32.54 -28.26 12.51
C PRO C 1249 -33.58 -29.25 13.02
N GLN C 1250 -34.79 -28.76 13.36
CA GLN C 1250 -35.83 -29.61 13.91
C GLN C 1250 -36.74 -30.19 12.84
N ALA C 1251 -36.27 -30.23 11.59
CA ALA C 1251 -37.09 -30.77 10.51
C ALA C 1251 -37.25 -32.28 10.66
N VAL C 1252 -38.33 -32.80 10.09
CA VAL C 1252 -38.56 -34.25 10.12
C VAL C 1252 -37.44 -34.94 9.33
N PRO C 1253 -36.86 -36.02 9.85
CA PRO C 1253 -35.74 -36.66 9.14
C PRO C 1253 -36.08 -37.12 7.73
N GLU C 1254 -37.30 -37.59 7.50
CA GLU C 1254 -37.71 -38.06 6.18
C GLU C 1254 -38.26 -36.89 5.37
N SER C 1255 -37.72 -36.70 4.17
CA SER C 1255 -38.15 -35.60 3.33
C SER C 1255 -39.54 -35.83 2.74
N VAL C 1256 -40.04 -37.06 2.73
CA VAL C 1256 -41.37 -37.34 2.22
C VAL C 1256 -42.44 -36.72 3.10
N PHE C 1257 -42.11 -36.37 4.34
CA PHE C 1257 -43.05 -35.75 5.27
C PHE C 1257 -42.84 -34.25 5.39
N GLN C 1258 -42.30 -33.62 4.35
CA GLN C 1258 -42.10 -32.18 4.30
C GLN C 1258 -42.99 -31.56 3.24
N SER C 1259 -43.18 -30.25 3.36
CA SER C 1259 -43.93 -29.52 2.35
C SER C 1259 -43.11 -29.37 1.07
N ARG C 1260 -43.78 -28.94 0.01
CA ARG C 1260 -43.09 -28.81 -1.28
C ARG C 1260 -41.98 -27.78 -1.21
N VAL C 1261 -42.19 -26.70 -0.46
CA VAL C 1261 -41.17 -25.65 -0.36
C VAL C 1261 -39.92 -26.18 0.32
N ALA C 1262 -40.10 -27.08 1.31
CA ALA C 1262 -38.96 -27.65 2.02
C ALA C 1262 -38.43 -28.90 1.32
N ARG C 1263 -39.31 -29.78 0.83
CA ARG C 1263 -38.86 -31.01 0.19
C ARG C 1263 -38.13 -30.73 -1.12
N GLU C 1264 -38.67 -29.81 -1.94
CA GLU C 1264 -38.11 -29.53 -3.25
C GLU C 1264 -37.18 -28.32 -3.25
N ASN C 1265 -36.92 -27.73 -2.09
CA ASN C 1265 -35.97 -26.62 -1.94
C ASN C 1265 -36.34 -25.45 -2.85
N VAL C 1266 -37.50 -24.87 -2.59
CA VAL C 1266 -37.96 -23.69 -3.31
C VAL C 1266 -37.21 -22.48 -2.78
N GLU C 1267 -36.58 -21.72 -3.67
CA GLU C 1267 -35.75 -20.59 -3.29
C GLU C 1267 -36.34 -19.24 -3.63
N LYS C 1268 -37.37 -19.19 -4.47
CA LYS C 1268 -37.97 -17.91 -4.84
C LYS C 1268 -39.41 -18.15 -5.30
N LEU C 1269 -40.20 -17.08 -5.26
CA LEU C 1269 -41.57 -17.13 -5.74
C LEU C 1269 -41.59 -17.02 -7.25
N LYS C 1270 -42.35 -17.90 -7.90
CA LYS C 1270 -42.39 -17.98 -9.35
C LYS C 1270 -43.83 -17.76 -9.83
N SER C 1271 -43.96 -17.60 -11.14
CA SER C 1271 -45.26 -17.40 -11.76
C SER C 1271 -46.11 -18.66 -11.65
N GLY C 1272 -47.41 -18.47 -11.43
CA GLY C 1272 -48.35 -19.57 -11.34
C GLY C 1272 -48.40 -20.28 -10.01
N ASP C 1273 -47.64 -19.81 -9.01
CA ASP C 1273 -47.66 -20.46 -7.71
C ASP C 1273 -49.00 -20.25 -7.01
N LEU C 1274 -49.43 -21.27 -6.28
CA LEU C 1274 -50.66 -21.21 -5.50
C LEU C 1274 -50.30 -20.97 -4.04
N VAL C 1275 -50.61 -19.79 -3.53
CA VAL C 1275 -50.22 -19.39 -2.18
C VAL C 1275 -51.40 -18.73 -1.48
N TYR C 1276 -51.31 -18.69 -0.16
CA TYR C 1276 -52.24 -17.93 0.68
C TYR C 1276 -51.63 -16.56 0.95
N PHE C 1277 -52.40 -15.51 0.76
CA PHE C 1277 -51.89 -14.15 0.92
C PHE C 1277 -52.94 -13.27 1.56
N LYS C 1278 -52.47 -12.23 2.25
CA LYS C 1278 -53.30 -11.15 2.73
C LYS C 1278 -52.91 -9.88 2.00
N HIS C 1279 -53.91 -9.04 1.73
CA HIS C 1279 -53.72 -7.90 0.84
C HIS C 1279 -54.38 -6.66 1.41
N ASN C 1280 -53.82 -5.50 1.07
CA ASN C 1280 -54.47 -4.23 1.28
C ASN C 1280 -55.25 -3.86 0.02
N GLU C 1281 -55.66 -2.60 -0.10
CA GLU C 1281 -56.49 -2.19 -1.22
C GLU C 1281 -55.78 -2.39 -2.56
N LYS C 1282 -54.44 -2.25 -2.57
CA LYS C 1282 -53.69 -2.33 -3.81
C LYS C 1282 -52.53 -3.30 -3.80
N TYR C 1283 -51.99 -3.65 -2.63
CA TYR C 1283 -50.78 -4.46 -2.54
C TYR C 1283 -51.00 -5.64 -1.60
N VAL C 1284 -50.18 -6.67 -1.77
CA VAL C 1284 -50.18 -7.81 -0.87
C VAL C 1284 -49.29 -7.51 0.32
N GLU C 1285 -49.54 -8.20 1.44
CA GLU C 1285 -48.79 -7.97 2.67
C GLU C 1285 -47.94 -9.17 3.07
N ASP C 1286 -48.54 -10.35 3.21
CA ASP C 1286 -47.81 -11.54 3.63
C ASP C 1286 -48.19 -12.71 2.74
N ILE C 1287 -47.19 -13.51 2.37
CA ILE C 1287 -47.38 -14.66 1.48
C ILE C 1287 -46.88 -15.91 2.19
N VAL C 1288 -47.73 -16.93 2.25
CA VAL C 1288 -47.35 -18.20 2.86
C VAL C 1288 -47.69 -19.33 1.89
N PRO C 1289 -46.93 -20.43 1.89
CA PRO C 1289 -47.20 -21.50 0.92
C PRO C 1289 -48.26 -22.49 1.37
N VAL C 1290 -48.44 -22.65 2.68
CA VAL C 1290 -49.37 -23.63 3.23
C VAL C 1290 -50.41 -22.89 4.09
N ARG C 1291 -51.40 -23.66 4.56
CA ARG C 1291 -52.50 -23.06 5.30
C ARG C 1291 -52.01 -22.42 6.59
N ILE C 1292 -51.16 -23.12 7.34
CA ILE C 1292 -50.56 -22.60 8.57
C ILE C 1292 -49.06 -22.59 8.36
N SER C 1293 -48.46 -21.41 8.45
CA SER C 1293 -47.05 -21.24 8.12
C SER C 1293 -46.48 -20.14 9.01
N ARG C 1294 -45.34 -19.57 8.60
CA ARG C 1294 -44.67 -18.55 9.38
C ARG C 1294 -45.09 -17.16 8.93
N THR C 1295 -45.15 -16.23 9.88
CA THR C 1295 -45.37 -14.82 9.60
C THR C 1295 -44.05 -14.09 9.77
N VAL C 1296 -43.50 -13.59 8.68
CA VAL C 1296 -42.20 -12.93 8.69
C VAL C 1296 -42.39 -11.48 9.07
N ASP C 1297 -41.50 -10.97 9.92
CA ASP C 1297 -41.56 -9.58 10.37
C ASP C 1297 -41.32 -8.64 9.20
N ASP C 1298 -42.02 -7.50 9.23
CA ASP C 1298 -41.86 -6.50 8.18
C ASP C 1298 -40.53 -5.76 8.27
N ARG C 1299 -39.97 -5.63 9.47
CA ARG C 1299 -38.75 -4.86 9.68
C ARG C 1299 -37.69 -5.74 10.33
N MET C 1300 -36.43 -5.39 10.09
CA MET C 1300 -35.34 -6.05 10.79
C MET C 1300 -35.40 -5.70 12.28
N ILE C 1301 -34.83 -6.57 13.11
CA ILE C 1301 -34.88 -6.39 14.55
C ILE C 1301 -34.15 -5.12 14.98
N GLY C 1302 -33.29 -4.57 14.12
CA GLY C 1302 -32.65 -3.31 14.42
C GLY C 1302 -33.63 -2.16 14.51
N LYS C 1303 -34.71 -2.22 13.74
CA LYS C 1303 -35.74 -1.19 13.77
C LYS C 1303 -36.71 -1.34 14.93
N ARG C 1304 -36.60 -2.41 15.71
CA ARG C 1304 -37.49 -2.63 16.85
C ARG C 1304 -36.98 -2.02 18.13
N MET C 1305 -35.82 -1.35 18.10
CA MET C 1305 -35.27 -0.67 19.26
C MET C 1305 -35.07 0.81 18.93
N SER C 1306 -34.70 1.57 19.94
CA SER C 1306 -34.44 2.99 19.74
C SER C 1306 -33.26 3.18 18.79
N ALA C 1307 -33.34 4.22 17.97
CA ALA C 1307 -32.28 4.49 17.00
C ALA C 1307 -30.97 4.84 17.67
N ASP C 1308 -31.00 5.29 18.93
CA ASP C 1308 -29.78 5.62 19.66
C ASP C 1308 -29.14 4.42 20.34
N LEU C 1309 -29.91 3.37 20.61
CA LEU C 1309 -29.36 2.18 21.27
C LEU C 1309 -28.67 1.23 20.30
N ARG C 1310 -28.83 1.43 18.99
CA ARG C 1310 -28.15 0.62 18.02
C ARG C 1310 -26.65 0.93 18.02
N PRO C 1311 -25.82 0.00 17.56
CA PRO C 1311 -24.38 0.24 17.56
C PRO C 1311 -24.00 1.50 16.80
N CYS C 1312 -23.01 2.22 17.31
CA CYS C 1312 -22.61 3.49 16.69
C CYS C 1312 -22.16 3.27 15.26
N HIS C 1313 -21.35 2.25 15.02
CA HIS C 1313 -20.93 1.85 13.67
C HIS C 1313 -21.48 0.44 13.43
N GLY C 1314 -22.64 0.37 12.81
CA GLY C 1314 -23.33 -0.88 12.59
C GLY C 1314 -23.57 -1.15 11.12
N ASP C 1315 -24.65 -1.86 10.85
CA ASP C 1315 -25.01 -2.29 9.51
C ASP C 1315 -26.09 -1.37 8.95
N TRP C 1316 -26.55 -1.70 7.73
CA TRP C 1316 -27.57 -0.94 7.04
C TRP C 1316 -28.91 -1.63 7.23
N VAL C 1317 -29.81 -0.98 7.98
CA VAL C 1317 -31.12 -1.54 8.27
C VAL C 1317 -32.22 -0.94 7.39
N GLU C 1318 -32.02 0.26 6.86
CA GLU C 1318 -33.03 0.88 6.01
C GLU C 1318 -33.20 0.08 4.71
N ASP C 1319 -34.36 0.28 4.08
CA ASP C 1319 -34.69 -0.42 2.85
C ASP C 1319 -33.78 0.07 1.73
N GLY C 1320 -32.91 -0.81 1.24
CA GLY C 1320 -31.98 -0.45 0.20
C GLY C 1320 -30.92 -1.51 0.04
N ASP C 1321 -29.94 -1.21 -0.80
CA ASP C 1321 -28.83 -2.11 -1.07
C ASP C 1321 -27.49 -1.59 -0.58
N LEU C 1322 -27.23 -0.30 -0.72
CA LEU C 1322 -26.00 0.38 -0.31
C LEU C 1322 -24.78 -0.07 -1.12
N SER C 1323 -24.95 -0.99 -2.06
CA SER C 1323 -23.85 -1.47 -2.88
C SER C 1323 -23.48 -0.51 -4.00
N ALA C 1324 -24.31 0.50 -4.25
CA ALA C 1324 -24.02 1.49 -5.29
C ALA C 1324 -22.93 2.48 -4.89
N LEU C 1325 -22.51 2.47 -3.63
CA LEU C 1325 -21.49 3.40 -3.14
C LEU C 1325 -20.26 2.69 -2.61
N ASN C 1326 -20.01 1.46 -3.05
CA ASN C 1326 -18.86 0.72 -2.55
C ASN C 1326 -17.55 1.39 -2.94
N ALA C 1327 -17.46 1.91 -4.16
CA ALA C 1327 -16.23 2.51 -4.65
C ALA C 1327 -16.05 3.96 -4.20
N TYR C 1328 -16.80 4.41 -3.19
CA TYR C 1328 -16.71 5.78 -2.74
C TYR C 1328 -16.56 5.83 -1.23
N PRO C 1329 -15.86 6.84 -0.71
CA PRO C 1329 -15.60 6.89 0.74
C PRO C 1329 -16.76 7.39 1.59
N GLU C 1330 -17.87 7.80 0.98
CA GLU C 1330 -19.01 8.29 1.74
C GLU C 1330 -19.95 7.18 2.18
N LYS C 1331 -19.72 5.95 1.75
CA LYS C 1331 -20.57 4.85 2.20
C LYS C 1331 -20.41 4.60 3.68
N ARG C 1332 -19.22 4.87 4.23
CA ARG C 1332 -19.01 4.70 5.66
C ARG C 1332 -19.84 5.68 6.49
N LEU C 1333 -20.10 6.88 5.94
CA LEU C 1333 -20.86 7.88 6.68
C LEU C 1333 -22.31 7.49 6.87
N LEU C 1334 -22.83 6.59 6.04
CA LEU C 1334 -24.20 6.11 6.17
C LEU C 1334 -24.32 4.96 7.16
N LEU C 1335 -23.22 4.47 7.69
CA LEU C 1335 -23.20 3.39 8.66
C LEU C 1335 -22.80 3.86 10.06
N ARG C 1336 -22.72 5.16 10.27
CA ARG C 1336 -22.28 5.73 11.54
C ARG C 1336 -23.35 6.67 12.08
N HIS C 1337 -23.46 6.72 13.40
CA HIS C 1337 -24.45 7.57 14.04
C HIS C 1337 -24.10 9.04 13.80
N PRO C 1338 -25.12 9.89 13.60
CA PRO C 1338 -24.85 11.31 13.33
C PRO C 1338 -24.16 12.05 14.48
N LYS C 1339 -24.22 11.52 15.71
CA LYS C 1339 -23.73 12.26 16.86
C LYS C 1339 -22.35 11.83 17.35
N GLY C 1340 -21.84 10.68 16.88
CA GLY C 1340 -20.50 10.24 17.23
C GLY C 1340 -20.52 8.87 17.89
N LEU C 1341 -19.76 8.74 18.98
CA LEU C 1341 -19.56 7.47 19.67
C LEU C 1341 -20.02 7.57 21.11
N CYS C 1342 -20.61 6.49 21.61
CA CYS C 1342 -21.07 6.38 22.99
C CYS C 1342 -19.86 6.19 23.92
N PRO C 1343 -20.06 6.37 25.23
CA PRO C 1343 -18.91 6.21 26.15
C PRO C 1343 -18.24 4.85 26.07
N ALA C 1344 -19.00 3.79 25.81
CA ALA C 1344 -18.41 2.46 25.68
C ALA C 1344 -17.54 2.34 24.43
N CYS C 1345 -17.99 2.90 23.31
CA CYS C 1345 -17.21 2.84 22.08
C CYS C 1345 -16.02 3.77 22.11
N ARG C 1346 -16.05 4.81 22.94
CA ARG C 1346 -14.88 5.67 23.09
C ARG C 1346 -13.81 5.02 23.97
N LEU C 1347 -14.22 4.20 24.94
CA LEU C 1347 -13.28 3.55 25.84
C LEU C 1347 -12.78 2.22 25.29
N PHE C 1348 -13.70 1.32 24.92
CA PHE C 1348 -13.33 0.01 24.42
C PHE C 1348 -13.09 -0.01 22.91
N GLY C 1349 -13.39 1.07 22.21
CA GLY C 1349 -13.01 1.22 20.82
C GLY C 1349 -14.03 0.68 19.84
N THR C 1350 -13.80 1.03 18.57
CA THR C 1350 -14.61 0.54 17.46
C THR C 1350 -13.70 0.08 16.33
N GLY C 1351 -14.28 -0.30 15.19
CA GLY C 1351 -13.46 -0.66 14.05
C GLY C 1351 -12.62 0.49 13.53
N SER C 1352 -13.12 1.72 13.67
CA SER C 1352 -12.39 2.89 13.20
C SER C 1352 -11.57 3.57 14.28
N TYR C 1353 -11.89 3.32 15.55
CA TYR C 1353 -11.22 3.96 16.68
C TYR C 1353 -10.66 2.90 17.60
N LYS C 1354 -9.36 2.99 17.90
CA LYS C 1354 -8.72 2.03 18.78
C LYS C 1354 -9.16 2.26 20.23
N GLY C 1355 -9.30 1.18 20.98
CA GLY C 1355 -9.68 1.27 22.36
C GLY C 1355 -8.58 1.85 23.23
N ARG C 1356 -8.97 2.22 24.46
CA ARG C 1356 -8.07 2.85 25.41
C ARG C 1356 -7.87 2.03 26.67
N VAL C 1357 -8.26 0.76 26.66
CA VAL C 1357 -8.05 -0.15 27.78
C VAL C 1357 -7.54 -1.47 27.25
N ARG C 1358 -6.61 -2.08 27.99
CA ARG C 1358 -6.07 -3.39 27.64
C ARG C 1358 -6.23 -4.33 28.83
N PHE C 1359 -6.89 -5.46 28.61
CA PHE C 1359 -7.15 -6.44 29.65
C PHE C 1359 -6.18 -7.61 29.52
N GLY C 1360 -5.47 -7.92 30.60
CA GLY C 1360 -4.50 -8.99 30.60
C GLY C 1360 -5.08 -10.32 31.08
N PHE C 1361 -4.28 -11.37 30.91
CA PHE C 1361 -4.67 -12.69 31.37
C PHE C 1361 -4.67 -12.73 32.90
N ALA C 1362 -5.63 -13.48 33.45
CA ALA C 1362 -5.74 -13.67 34.90
C ALA C 1362 -5.21 -15.04 35.25
N SER C 1363 -4.24 -15.09 36.17
CA SER C 1363 -3.57 -16.32 36.55
C SER C 1363 -3.93 -16.72 37.97
N LEU C 1364 -4.16 -18.02 38.17
CA LEU C 1364 -4.51 -18.54 39.47
C LEU C 1364 -3.35 -18.34 40.44
N GLU C 1365 -3.67 -17.95 41.68
CA GLU C 1365 -2.66 -17.59 42.66
C GLU C 1365 -2.25 -18.75 43.56
N ASN C 1366 -3.14 -19.72 43.78
CA ASN C 1366 -2.85 -20.81 44.72
C ASN C 1366 -3.08 -22.13 44.00
N ASP C 1367 -2.98 -23.22 44.75
CA ASP C 1367 -3.28 -24.53 44.19
C ASP C 1367 -4.77 -24.63 43.88
N PRO C 1368 -5.15 -25.28 42.78
CA PRO C 1368 -6.56 -25.33 42.40
C PRO C 1368 -7.41 -26.06 43.43
N GLU C 1369 -8.64 -25.58 43.60
CA GLU C 1369 -9.66 -26.22 44.42
C GLU C 1369 -10.78 -26.64 43.49
N TRP C 1370 -10.74 -27.90 43.05
CA TRP C 1370 -11.66 -28.38 42.04
C TRP C 1370 -13.02 -28.73 42.64
N LEU C 1371 -14.07 -28.54 41.83
CA LEU C 1371 -15.41 -28.88 42.27
C LEU C 1371 -15.55 -30.40 42.49
N ILE C 1372 -14.98 -31.19 41.60
CA ILE C 1372 -15.04 -32.64 41.66
C ILE C 1372 -13.62 -33.16 41.76
N PRO C 1373 -13.28 -33.99 42.75
CA PRO C 1373 -11.93 -34.55 42.83
C PRO C 1373 -11.63 -35.43 41.63
N GLY C 1374 -10.37 -35.41 41.19
CA GLY C 1374 -9.97 -36.17 40.03
C GLY C 1374 -9.88 -37.66 40.32
N LYS C 1375 -9.79 -38.43 39.23
CA LYS C 1375 -9.68 -39.88 39.38
C LYS C 1375 -8.34 -40.30 39.96
N ASN C 1376 -7.32 -39.48 39.81
CA ASN C 1376 -6.00 -39.77 40.37
C ASN C 1376 -5.77 -38.90 41.60
N PRO C 1377 -5.77 -39.47 42.80
CA PRO C 1377 -5.52 -38.66 44.00
C PRO C 1377 -4.13 -38.05 44.07
N GLY C 1378 -3.17 -38.57 43.31
CA GLY C 1378 -1.82 -38.05 43.30
C GLY C 1378 -1.58 -36.87 42.39
N ASP C 1379 -2.63 -36.39 41.70
CA ASP C 1379 -2.51 -35.29 40.75
C ASP C 1379 -3.52 -34.21 41.14
N PRO C 1380 -3.19 -33.34 42.09
CA PRO C 1380 -4.12 -32.29 42.52
C PRO C 1380 -4.25 -31.12 41.55
N PHE C 1381 -3.65 -31.20 40.37
CA PHE C 1381 -3.71 -30.13 39.39
C PHE C 1381 -4.71 -30.41 38.27
N HIS C 1382 -5.46 -31.50 38.36
CA HIS C 1382 -6.54 -31.79 37.44
C HIS C 1382 -7.78 -32.19 38.24
N GLY C 1383 -8.94 -31.71 37.80
CA GLY C 1383 -10.18 -31.96 38.49
C GLY C 1383 -11.02 -33.04 37.84
N GLY C 1384 -12.10 -33.40 38.52
CA GLY C 1384 -13.00 -34.42 38.05
C GLY C 1384 -14.01 -33.86 37.06
N PRO C 1385 -14.64 -34.75 36.29
CA PRO C 1385 -15.61 -34.30 35.30
C PRO C 1385 -16.99 -34.10 35.90
N VAL C 1386 -17.67 -33.06 35.42
CA VAL C 1386 -19.07 -32.80 35.74
C VAL C 1386 -19.82 -32.57 34.44
N MET C 1387 -20.96 -33.21 34.29
CA MET C 1387 -21.75 -33.14 33.07
C MET C 1387 -22.86 -32.11 33.23
N LEU C 1388 -22.98 -31.21 32.26
CA LEU C 1388 -23.97 -30.15 32.27
C LEU C 1388 -25.18 -30.55 31.43
N SER C 1389 -26.27 -29.80 31.61
CA SER C 1389 -27.47 -30.00 30.82
C SER C 1389 -27.25 -29.42 29.42
N LEU C 1390 -28.29 -29.50 28.60
CA LEU C 1390 -28.21 -28.95 27.25
C LEU C 1390 -28.19 -27.43 27.30
N LEU C 1391 -27.20 -26.85 26.63
CA LEU C 1391 -27.13 -25.40 26.45
C LEU C 1391 -27.67 -25.07 25.05
N GLU C 1392 -28.74 -24.30 25.00
CA GLU C 1392 -29.49 -24.08 23.77
C GLU C 1392 -29.53 -22.60 23.42
N ARG C 1393 -29.80 -22.35 22.15
CA ARG C 1393 -29.70 -21.00 21.60
C ARG C 1393 -30.74 -20.08 22.24
N PRO C 1394 -30.37 -18.84 22.56
CA PRO C 1394 -31.37 -17.87 23.00
C PRO C 1394 -32.41 -17.62 21.91
N ARG C 1395 -33.65 -17.40 22.33
CA ARG C 1395 -34.75 -17.19 21.39
C ARG C 1395 -35.27 -15.76 21.50
N PRO C 1396 -34.95 -14.88 20.56
CA PRO C 1396 -35.51 -13.52 20.59
C PRO C 1396 -37.02 -13.48 20.47
N THR C 1397 -37.65 -14.51 19.87
CA THR C 1397 -39.09 -14.52 19.71
C THR C 1397 -39.83 -14.61 21.04
N TRP C 1398 -39.18 -15.13 22.09
CA TRP C 1398 -39.81 -15.12 23.41
C TRP C 1398 -39.91 -13.71 23.95
N SER C 1399 -38.82 -12.95 23.88
CA SER C 1399 -38.83 -11.57 24.37
C SER C 1399 -39.66 -10.66 23.47
N ILE C 1400 -39.71 -10.93 22.18
CA ILE C 1400 -40.53 -10.18 21.24
C ILE C 1400 -41.67 -11.08 20.78
N PRO C 1401 -42.80 -11.07 21.48
CA PRO C 1401 -43.84 -12.08 21.20
C PRO C 1401 -44.40 -12.03 19.79
N GLY C 1402 -44.53 -10.86 19.17
CA GLY C 1402 -45.16 -10.79 17.88
C GLY C 1402 -44.70 -9.63 17.01
N SER C 1403 -45.48 -9.33 15.97
CA SER C 1403 -45.14 -8.28 15.01
C SER C 1403 -45.67 -6.91 15.41
N ASP C 1404 -46.36 -6.81 16.55
CA ASP C 1404 -46.93 -5.53 16.95
C ASP C 1404 -45.83 -4.54 17.28
N ASN C 1405 -46.06 -3.27 16.92
CA ASN C 1405 -45.07 -2.24 17.15
C ASN C 1405 -44.83 -1.95 18.63
N LYS C 1406 -45.76 -2.36 19.50
CA LYS C 1406 -45.55 -2.21 20.93
C LYS C 1406 -44.46 -3.13 21.46
N PHE C 1407 -44.11 -4.18 20.70
CA PHE C 1407 -43.07 -5.12 21.10
C PHE C 1407 -41.72 -4.59 20.66
N LYS C 1408 -40.92 -4.15 21.62
CA LYS C 1408 -39.59 -3.61 21.40
C LYS C 1408 -38.55 -4.59 21.91
N VAL C 1409 -37.28 -4.19 21.82
CA VAL C 1409 -36.20 -4.96 22.43
C VAL C 1409 -36.22 -4.67 23.92
N PRO C 1410 -36.40 -5.69 24.77
CA PRO C 1410 -36.52 -5.42 26.20
C PRO C 1410 -35.30 -4.77 26.82
N GLY C 1411 -34.11 -5.09 26.36
CA GLY C 1411 -32.92 -4.47 26.91
C GLY C 1411 -31.75 -5.45 26.89
N ARG C 1412 -30.86 -5.29 27.86
CA ARG C 1412 -29.64 -6.08 27.97
C ARG C 1412 -29.89 -7.25 28.92
N LYS C 1413 -29.52 -8.45 28.49
CA LYS C 1413 -29.76 -9.64 29.29
C LYS C 1413 -28.65 -9.85 30.30
N PHE C 1414 -29.02 -10.02 31.57
CA PHE C 1414 -28.10 -10.39 32.63
C PHE C 1414 -28.64 -11.61 33.35
N TYR C 1415 -27.73 -12.50 33.74
CA TYR C 1415 -28.10 -13.74 34.43
C TYR C 1415 -27.99 -13.56 35.94
N VAL C 1416 -28.98 -14.08 36.65
CA VAL C 1416 -29.02 -13.91 38.10
C VAL C 1416 -28.11 -14.93 38.77
N HIS C 1417 -27.80 -14.67 40.04
CA HIS C 1417 -26.94 -15.55 40.82
C HIS C 1417 -27.78 -16.52 41.63
N HIS C 1418 -27.46 -17.80 41.55
CA HIS C 1418 -28.17 -18.84 42.28
C HIS C 1418 -27.24 -20.03 42.44
N HIS C 1419 -27.79 -21.13 42.96
CA HIS C 1419 -27.00 -22.30 43.33
C HIS C 1419 -27.58 -23.58 42.74
N ALA C 1420 -27.91 -23.57 41.45
CA ALA C 1420 -28.28 -24.80 40.76
C ALA C 1420 -27.07 -25.66 40.44
N TRP C 1421 -25.86 -25.12 40.56
CA TRP C 1421 -24.66 -25.90 40.35
C TRP C 1421 -24.54 -27.05 41.35
N LYS C 1422 -25.13 -26.93 42.54
CA LYS C 1422 -25.17 -28.04 43.47
C LYS C 1422 -26.00 -29.20 42.90
N THR C 1423 -27.16 -28.88 42.33
CA THR C 1423 -27.99 -29.91 41.70
C THR C 1423 -27.26 -30.54 40.51
N ILE C 1424 -26.58 -29.72 39.71
CA ILE C 1424 -25.83 -30.26 38.58
C ILE C 1424 -24.69 -31.15 39.06
N LYS C 1425 -24.01 -30.75 40.14
CA LYS C 1425 -22.95 -31.57 40.70
C LYS C 1425 -23.49 -32.90 41.20
N ASP C 1426 -24.70 -32.91 41.75
CA ASP C 1426 -25.33 -34.17 42.12
C ASP C 1426 -25.69 -35.02 40.91
N GLY C 1427 -25.62 -34.47 39.70
CA GLY C 1427 -25.94 -35.22 38.50
C GLY C 1427 -27.37 -35.15 38.06
N ASN C 1428 -28.14 -34.18 38.56
CA ASN C 1428 -29.57 -34.07 38.27
C ASN C 1428 -29.84 -32.84 37.43
N HIS C 1429 -30.91 -32.90 36.65
CA HIS C 1429 -31.33 -31.76 35.85
C HIS C 1429 -31.83 -30.65 36.74
N PRO C 1430 -31.40 -29.39 36.54
CA PRO C 1430 -31.83 -28.31 37.44
C PRO C 1430 -33.34 -28.09 37.45
N THR C 1431 -34.01 -28.31 36.32
CA THR C 1431 -35.45 -28.02 36.27
C THR C 1431 -36.27 -29.20 36.81
N THR C 1432 -36.06 -30.39 36.27
CA THR C 1432 -36.88 -31.53 36.64
C THR C 1432 -36.36 -32.27 37.87
N GLY C 1433 -35.04 -32.42 37.99
CA GLY C 1433 -34.44 -33.21 39.04
C GLY C 1433 -34.01 -34.60 38.61
N LYS C 1434 -34.38 -35.02 37.40
CA LYS C 1434 -33.95 -36.31 36.89
C LYS C 1434 -32.47 -36.27 36.52
N ALA C 1435 -31.85 -37.45 36.49
CA ALA C 1435 -30.44 -37.55 36.19
C ALA C 1435 -30.17 -37.11 34.75
N ILE C 1436 -29.07 -36.37 34.57
CA ILE C 1436 -28.69 -35.91 33.24
C ILE C 1436 -28.14 -37.08 32.45
N GLU C 1437 -28.62 -37.23 31.21
CA GLU C 1437 -28.25 -38.33 30.34
C GLU C 1437 -27.28 -37.82 29.28
N GLN C 1438 -26.18 -38.56 29.07
CA GLN C 1438 -25.17 -38.17 28.10
C GLN C 1438 -25.75 -38.19 26.69
N SER C 1439 -25.49 -37.13 25.93
CA SER C 1439 -25.99 -36.98 24.58
C SER C 1439 -24.93 -36.27 23.77
N PRO C 1440 -25.00 -36.35 22.43
CA PRO C 1440 -24.06 -35.59 21.60
C PRO C 1440 -24.23 -34.08 21.67
N ASN C 1441 -25.23 -33.58 22.40
CA ASN C 1441 -25.53 -32.15 22.43
C ASN C 1441 -25.18 -31.47 23.75
N ASN C 1442 -24.89 -32.23 24.80
CA ASN C 1442 -24.51 -31.65 26.08
C ASN C 1442 -23.02 -31.91 26.31
N ARG C 1443 -22.45 -31.19 27.28
CA ARG C 1443 -21.02 -31.15 27.49
C ARG C 1443 -20.65 -31.55 28.91
N THR C 1444 -19.47 -32.17 29.03
CA THR C 1444 -18.84 -32.46 30.31
C THR C 1444 -17.62 -31.57 30.45
N VAL C 1445 -17.52 -30.87 31.57
CA VAL C 1445 -16.49 -29.85 31.75
C VAL C 1445 -15.75 -30.09 33.06
N GLU C 1446 -14.54 -29.53 33.13
CA GLU C 1446 -13.75 -29.49 34.35
C GLU C 1446 -13.87 -28.08 34.94
N ALA C 1447 -14.45 -27.98 36.13
CA ALA C 1447 -14.80 -26.70 36.72
C ALA C 1447 -14.10 -26.53 38.06
N LEU C 1448 -13.62 -25.31 38.31
CA LEU C 1448 -13.10 -24.96 39.62
C LEU C 1448 -14.26 -24.81 40.60
N ALA C 1449 -13.92 -24.52 41.85
CA ALA C 1449 -14.90 -24.28 42.90
C ALA C 1449 -14.76 -22.85 43.42
N GLY C 1450 -15.61 -22.51 44.38
CA GLY C 1450 -15.51 -21.21 45.02
C GLY C 1450 -14.25 -21.12 45.88
N GLY C 1451 -13.71 -19.91 45.97
CA GLY C 1451 -12.52 -19.67 46.75
C GLY C 1451 -11.22 -19.66 45.96
N ASN C 1452 -11.28 -19.66 44.63
CA ASN C 1452 -10.08 -19.58 43.80
C ASN C 1452 -9.80 -18.14 43.45
N SER C 1453 -8.55 -17.71 43.65
CA SER C 1453 -8.14 -16.33 43.45
C SER C 1453 -7.30 -16.22 42.18
N PHE C 1454 -7.66 -15.24 41.34
CA PHE C 1454 -6.92 -14.93 40.12
C PHE C 1454 -6.39 -13.51 40.22
N SER C 1455 -5.30 -13.24 39.51
CA SER C 1455 -4.68 -11.92 39.47
C SER C 1455 -4.47 -11.49 38.03
N PHE C 1456 -4.87 -10.25 37.73
CA PHE C 1456 -4.69 -9.71 36.39
C PHE C 1456 -4.54 -8.20 36.48
N GLU C 1457 -4.04 -7.60 35.40
CA GLU C 1457 -3.83 -6.17 35.32
C GLU C 1457 -4.53 -5.59 34.11
N ILE C 1458 -4.99 -4.36 34.24
CA ILE C 1458 -5.64 -3.62 33.16
C ILE C 1458 -4.83 -2.35 32.91
N ALA C 1459 -4.45 -2.12 31.66
CA ALA C 1459 -3.70 -0.95 31.27
C ALA C 1459 -4.62 0.03 30.56
N PHE C 1460 -4.67 1.27 31.04
CA PHE C 1460 -5.51 2.30 30.48
C PHE C 1460 -4.67 3.48 30.03
N GLU C 1461 -5.08 4.11 28.92
CA GLU C 1461 -4.34 5.22 28.34
C GLU C 1461 -5.31 6.34 27.99
N ASN C 1462 -4.99 7.56 28.44
CA ASN C 1462 -5.78 8.76 28.14
C ASN C 1462 -7.23 8.61 28.59
N LEU C 1463 -7.39 8.36 29.89
CA LEU C 1463 -8.71 8.22 30.50
C LEU C 1463 -8.99 9.44 31.38
N LYS C 1464 -10.17 10.01 31.23
CA LYS C 1464 -10.59 11.07 32.13
C LYS C 1464 -10.88 10.49 33.52
N GLU C 1465 -10.90 11.37 34.51
CA GLU C 1465 -11.08 10.91 35.89
C GLU C 1465 -12.43 10.25 36.08
N TRP C 1466 -13.49 10.78 35.46
CA TRP C 1466 -14.78 10.12 35.54
C TRP C 1466 -14.79 8.79 34.80
N GLU C 1467 -14.09 8.70 33.66
CA GLU C 1467 -13.99 7.43 32.96
C GLU C 1467 -13.30 6.37 33.80
N LEU C 1468 -12.19 6.74 34.44
CA LEU C 1468 -11.48 5.78 35.30
C LEU C 1468 -12.31 5.42 36.52
N GLY C 1469 -13.01 6.39 37.09
CA GLY C 1469 -13.88 6.10 38.22
C GLY C 1469 -14.99 5.13 37.86
N LEU C 1470 -15.64 5.34 36.71
CA LEU C 1470 -16.68 4.42 36.27
C LEU C 1470 -16.13 3.05 35.89
N LEU C 1471 -14.93 3.00 35.33
CA LEU C 1471 -14.31 1.71 35.05
C LEU C 1471 -14.02 0.95 36.34
N ILE C 1472 -13.49 1.63 37.35
CA ILE C 1472 -13.23 0.98 38.64
C ILE C 1472 -14.55 0.55 39.28
N HIS C 1473 -15.60 1.36 39.15
CA HIS C 1473 -16.90 0.97 39.67
C HIS C 1473 -17.44 -0.27 38.98
N SER C 1474 -17.30 -0.35 37.65
CA SER C 1474 -17.74 -1.52 36.91
C SER C 1474 -16.88 -2.74 37.21
N LEU C 1475 -15.63 -2.55 37.65
CA LEU C 1475 -14.79 -3.67 38.03
C LEU C 1475 -15.14 -4.18 39.42
N GLN C 1476 -14.99 -3.34 40.45
CA GLN C 1476 -15.15 -3.79 41.82
C GLN C 1476 -16.61 -3.96 42.22
N LEU C 1477 -17.51 -3.19 41.60
CA LEU C 1477 -18.95 -3.19 41.93
C LEU C 1477 -19.07 -2.82 43.41
N GLU C 1478 -19.86 -3.55 44.20
CA GLU C 1478 -20.08 -3.24 45.60
C GLU C 1478 -20.21 -4.54 46.38
N LYS C 1479 -20.03 -4.45 47.70
CA LYS C 1479 -20.16 -5.63 48.56
C LYS C 1479 -21.59 -6.16 48.49
N GLY C 1480 -21.73 -7.44 48.14
CA GLY C 1480 -23.02 -8.02 47.88
C GLY C 1480 -23.35 -8.16 46.41
N LEU C 1481 -22.52 -7.62 45.53
CA LEU C 1481 -22.70 -7.73 44.09
C LEU C 1481 -21.56 -8.56 43.51
N ALA C 1482 -21.83 -9.21 42.37
CA ALA C 1482 -20.83 -10.06 41.75
C ALA C 1482 -21.05 -10.08 40.24
N HIS C 1483 -20.00 -10.44 39.52
CA HIS C 1483 -20.06 -10.62 38.08
C HIS C 1483 -20.44 -12.07 37.75
N LYS C 1484 -20.67 -12.31 36.46
CA LYS C 1484 -20.86 -13.67 35.94
C LYS C 1484 -19.89 -13.88 34.79
N LEU C 1485 -19.11 -14.96 34.85
CA LEU C 1485 -18.08 -15.24 33.87
C LEU C 1485 -18.13 -16.70 33.47
N GLY C 1486 -17.86 -16.97 32.20
CA GLY C 1486 -17.70 -18.34 31.74
C GLY C 1486 -19.00 -18.99 31.27
N MET C 1487 -18.95 -20.31 31.23
CA MET C 1487 -20.03 -21.13 30.70
C MET C 1487 -21.09 -21.39 31.76
N ALA C 1488 -22.31 -21.68 31.28
CA ALA C 1488 -23.43 -22.11 32.13
C ALA C 1488 -23.75 -21.06 33.19
N LYS C 1489 -23.86 -19.80 32.75
CA LYS C 1489 -24.25 -18.73 33.67
C LYS C 1489 -25.68 -18.91 34.16
N SER C 1490 -26.56 -19.45 33.32
CA SER C 1490 -27.94 -19.70 33.72
C SER C 1490 -28.09 -20.87 34.68
N MET C 1491 -27.05 -21.69 34.85
CA MET C 1491 -27.09 -22.84 35.72
C MET C 1491 -26.46 -22.58 37.09
N GLY C 1492 -26.06 -21.33 37.35
CA GLY C 1492 -25.48 -20.97 38.63
C GLY C 1492 -23.97 -20.90 38.65
N PHE C 1493 -23.30 -21.15 37.53
CA PHE C 1493 -21.86 -21.10 37.46
C PHE C 1493 -21.38 -19.70 37.13
N GLY C 1494 -20.20 -19.36 37.63
CA GLY C 1494 -19.49 -18.18 37.18
C GLY C 1494 -19.61 -16.92 38.01
N SER C 1495 -20.20 -17.00 39.20
CA SER C 1495 -20.28 -15.82 40.07
C SER C 1495 -18.90 -15.50 40.60
N VAL C 1496 -18.35 -14.34 40.21
CA VAL C 1496 -17.02 -13.94 40.58
C VAL C 1496 -17.06 -12.53 41.16
N GLU C 1497 -16.05 -12.21 41.97
CA GLU C 1497 -15.91 -10.90 42.59
C GLU C 1497 -14.53 -10.35 42.28
N ILE C 1498 -14.47 -9.07 41.94
CA ILE C 1498 -13.22 -8.40 41.57
C ILE C 1498 -12.92 -7.33 42.62
N ASP C 1499 -11.68 -7.33 43.11
CA ASP C 1499 -11.22 -6.34 44.08
C ASP C 1499 -10.01 -5.62 43.50
N VAL C 1500 -10.00 -4.30 43.61
CA VAL C 1500 -8.88 -3.49 43.13
C VAL C 1500 -7.80 -3.49 44.22
N GLU C 1501 -6.59 -3.88 43.84
CA GLU C 1501 -5.49 -3.99 44.78
C GLU C 1501 -4.51 -2.83 44.71
N SER C 1502 -4.23 -2.32 43.51
CA SER C 1502 -3.31 -1.21 43.36
C SER C 1502 -3.57 -0.51 42.03
N VAL C 1503 -3.44 0.81 42.03
CA VAL C 1503 -3.52 1.62 40.82
C VAL C 1503 -2.23 2.44 40.74
N ARG C 1504 -1.52 2.30 39.63
CA ARG C 1504 -0.30 3.06 39.37
C ARG C 1504 -0.52 4.00 38.19
N LEU C 1505 -0.08 5.24 38.34
CA LEU C 1505 -0.28 6.26 37.34
C LEU C 1505 1.05 6.69 36.73
N ARG C 1506 1.03 7.01 35.45
CA ARG C 1506 2.22 7.45 34.72
C ARG C 1506 2.26 8.98 34.76
N LYS C 1507 3.03 9.52 35.71
CA LYS C 1507 3.21 10.97 35.76
C LYS C 1507 4.07 11.45 34.60
N ASP C 1508 5.15 10.74 34.29
CA ASP C 1508 6.08 11.15 33.26
C ASP C 1508 6.65 9.89 32.61
N TRP C 1509 7.57 10.09 31.66
CA TRP C 1509 8.23 8.95 31.03
C TRP C 1509 9.09 8.18 32.00
N LYS C 1510 9.59 8.84 33.05
CA LYS C 1510 10.49 8.21 34.01
C LYS C 1510 9.84 7.91 35.35
N GLN C 1511 8.82 8.67 35.75
CA GLN C 1511 8.25 8.57 37.08
C GLN C 1511 6.84 7.99 37.02
N TRP C 1512 6.60 6.94 37.79
CA TRP C 1512 5.28 6.39 38.02
C TRP C 1512 4.92 6.58 39.48
N ARG C 1513 3.66 6.93 39.74
CA ARG C 1513 3.21 7.25 41.09
C ARG C 1513 2.01 6.38 41.45
N ASN C 1514 1.87 6.13 42.75
CA ASN C 1514 0.75 5.33 43.25
C ASN C 1514 -0.53 6.15 43.23
N GLY C 1515 -1.61 5.55 42.73
CA GLY C 1515 -2.87 6.26 42.60
C GLY C 1515 -3.98 5.75 43.49
N ASN C 1516 -3.61 5.02 44.55
CA ASN C 1516 -4.62 4.46 45.45
C ASN C 1516 -5.36 5.55 46.21
N SER C 1517 -4.75 6.72 46.39
CA SER C 1517 -5.37 7.77 47.18
C SER C 1517 -6.51 8.45 46.43
N GLU C 1518 -6.47 8.45 45.10
CA GLU C 1518 -7.41 9.19 44.28
C GLU C 1518 -8.59 8.34 43.81
N ILE C 1519 -8.69 7.09 44.26
CA ILE C 1519 -9.81 6.24 43.86
C ILE C 1519 -11.16 6.81 44.31
N PRO C 1520 -11.34 7.25 45.56
CA PRO C 1520 -12.62 7.87 45.92
C PRO C 1520 -12.95 9.11 45.10
N ASN C 1521 -11.94 9.93 44.77
CA ASN C 1521 -12.19 11.09 43.93
C ASN C 1521 -12.64 10.68 42.54
N TRP C 1522 -12.01 9.66 41.97
CA TRP C 1522 -12.42 9.17 40.65
C TRP C 1522 -13.84 8.63 40.68
N LEU C 1523 -14.18 7.87 41.74
CA LEU C 1523 -15.53 7.34 41.86
C LEU C 1523 -16.55 8.47 41.98
N GLY C 1524 -16.23 9.49 42.78
CA GLY C 1524 -17.13 10.63 42.91
C GLY C 1524 -17.32 11.37 41.60
N LYS C 1525 -16.24 11.55 40.84
CA LYS C 1525 -16.37 12.20 39.54
C LYS C 1525 -17.18 11.38 38.56
N GLY C 1526 -17.02 10.06 38.57
CA GLY C 1526 -17.84 9.21 37.72
C GLY C 1526 -19.32 9.30 38.08
N PHE C 1527 -19.63 9.27 39.38
CA PHE C 1527 -21.02 9.42 39.81
C PHE C 1527 -21.58 10.79 39.45
N ALA C 1528 -20.76 11.84 39.56
CA ALA C 1528 -21.20 13.17 39.16
C ALA C 1528 -21.47 13.23 37.66
N LYS C 1529 -20.64 12.57 36.85
CA LYS C 1529 -20.90 12.52 35.42
C LYS C 1529 -22.20 11.79 35.12
N LEU C 1530 -22.45 10.67 35.81
CA LEU C 1530 -23.71 9.95 35.63
C LEU C 1530 -24.91 10.83 36.01
N LYS C 1531 -24.78 11.59 37.10
CA LYS C 1531 -25.85 12.50 37.50
C LYS C 1531 -26.06 13.59 36.46
N GLU C 1532 -24.96 14.11 35.89
CA GLU C 1532 -25.06 15.15 34.88
C GLU C 1532 -25.79 14.63 33.64
N TRP C 1533 -25.45 13.43 33.19
CA TRP C 1533 -26.11 12.87 32.01
C TRP C 1533 -27.58 12.59 32.28
N PHE C 1534 -27.88 11.95 33.40
CA PHE C 1534 -29.24 11.57 33.76
C PHE C 1534 -29.54 12.16 35.14
N ARG C 1535 -30.35 13.22 35.16
CA ARG C 1535 -30.61 13.95 36.39
C ARG C 1535 -31.54 13.14 37.27
N ASP C 1536 -30.95 12.26 38.09
CA ASP C 1536 -31.62 11.45 39.10
C ASP C 1536 -32.55 10.39 38.53
N GLU C 1537 -32.70 10.31 37.20
CA GLU C 1537 -33.53 9.29 36.58
C GLU C 1537 -32.71 8.05 36.25
N LEU C 1538 -32.02 7.54 37.26
CA LEU C 1538 -31.14 6.38 37.15
C LEU C 1538 -31.91 5.16 37.62
N ASP C 1539 -32.77 4.63 36.75
CA ASP C 1539 -33.52 3.42 37.05
C ASP C 1539 -32.84 2.17 36.50
N PHE C 1540 -32.02 2.30 35.46
CA PHE C 1540 -31.29 1.15 34.94
C PHE C 1540 -30.16 0.73 35.86
N ILE C 1541 -29.58 1.67 36.61
CA ILE C 1541 -28.55 1.32 37.58
C ILE C 1541 -29.12 0.44 38.67
N GLU C 1542 -30.31 0.78 39.17
CA GLU C 1542 -30.94 -0.02 40.20
C GLU C 1542 -31.28 -1.43 39.70
N ASN C 1543 -31.79 -1.53 38.48
CA ASN C 1543 -32.09 -2.84 37.92
C ASN C 1543 -30.83 -3.66 37.72
N LEU C 1544 -29.74 -3.02 37.27
CA LEU C 1544 -28.47 -3.73 37.13
C LEU C 1544 -27.97 -4.22 38.48
N LYS C 1545 -28.06 -3.38 39.52
CA LYS C 1545 -27.62 -3.80 40.84
C LYS C 1545 -28.49 -4.93 41.38
N LYS C 1546 -29.78 -4.92 41.08
CA LYS C 1546 -30.64 -6.03 41.46
C LYS C 1546 -30.24 -7.32 40.75
N LEU C 1547 -29.89 -7.22 39.47
CA LEU C 1547 -29.48 -8.41 38.73
C LEU C 1547 -28.08 -8.87 39.11
N LEU C 1548 -27.23 -7.96 39.58
CA LEU C 1548 -25.90 -8.32 40.06
C LEU C 1548 -25.90 -8.75 41.52
N TRP C 1549 -27.04 -8.64 42.20
CA TRP C 1549 -27.13 -9.01 43.61
C TRP C 1549 -26.85 -10.49 43.80
N PHE C 1550 -25.98 -10.81 44.76
CA PHE C 1550 -25.62 -12.19 45.08
C PHE C 1550 -26.38 -12.64 46.32
N PRO C 1551 -26.95 -13.84 46.32
CA PRO C 1551 -27.77 -14.27 47.46
C PRO C 1551 -26.98 -14.30 48.76
N GLU C 1552 -27.64 -13.93 49.85
CA GLU C 1552 -27.01 -13.89 51.15
C GLU C 1552 -26.97 -15.28 51.77
N GLY C 1553 -26.47 -15.36 53.00
CA GLY C 1553 -26.41 -16.64 53.69
C GLY C 1553 -27.80 -17.16 54.02
N ASP C 1554 -27.93 -18.49 53.97
CA ASP C 1554 -29.19 -19.17 54.23
C ASP C 1554 -30.31 -18.64 53.33
N GLN C 1555 -29.99 -18.37 52.06
CA GLN C 1555 -30.95 -17.80 51.11
C GLN C 1555 -30.62 -18.39 49.74
N ALA C 1556 -31.36 -19.44 49.36
CA ALA C 1556 -31.11 -20.15 48.10
C ALA C 1556 -32.32 -20.02 47.19
N PRO C 1557 -32.30 -19.11 46.22
CA PRO C 1557 -33.42 -19.00 45.29
C PRO C 1557 -33.53 -20.23 44.39
N ARG C 1558 -34.76 -20.52 43.98
CA ARG C 1558 -35.04 -21.60 43.03
C ARG C 1558 -35.16 -20.97 41.65
N VAL C 1559 -34.14 -21.16 40.83
CA VAL C 1559 -34.05 -20.52 39.51
C VAL C 1559 -33.83 -21.60 38.47
N CYS C 1560 -34.75 -21.68 37.50
CA CYS C 1560 -34.64 -22.67 36.43
C CYS C 1560 -35.56 -22.26 35.29
N TYR C 1561 -35.21 -22.72 34.08
CA TYR C 1561 -36.06 -22.50 32.92
C TYR C 1561 -37.29 -23.41 32.98
N PRO C 1562 -38.45 -22.94 32.55
CA PRO C 1562 -39.62 -23.82 32.49
C PRO C 1562 -39.44 -24.92 31.46
N MET C 1563 -40.10 -26.05 31.70
CA MET C 1563 -40.11 -27.12 30.72
C MET C 1563 -40.97 -26.73 29.53
N LEU C 1564 -40.86 -27.53 28.47
CA LEU C 1564 -41.66 -27.27 27.27
C LEU C 1564 -43.15 -27.39 27.58
N ARG C 1565 -43.53 -28.40 28.36
CA ARG C 1565 -44.92 -28.58 28.76
C ARG C 1565 -44.94 -29.11 30.19
N LYS C 1566 -46.05 -28.86 30.89
CA LYS C 1566 -46.15 -29.25 32.29
C LYS C 1566 -46.08 -30.76 32.46
N LYS C 1567 -46.52 -31.53 31.45
CA LYS C 1567 -46.43 -32.98 31.53
C LYS C 1567 -45.00 -33.47 31.59
N ASP C 1568 -44.04 -32.65 31.16
CA ASP C 1568 -42.62 -33.00 31.21
C ASP C 1568 -41.95 -32.59 32.51
N ASP C 1569 -42.66 -31.94 33.42
CA ASP C 1569 -42.07 -31.44 34.65
C ASP C 1569 -42.60 -32.24 35.84
N PRO C 1570 -41.78 -33.11 36.45
CA PRO C 1570 -42.25 -33.84 37.64
C PRO C 1570 -42.62 -32.94 38.80
N ASN C 1571 -42.00 -31.76 38.93
CA ASN C 1571 -42.28 -30.87 40.03
C ASN C 1571 -43.67 -30.26 39.97
N GLY C 1572 -44.37 -30.38 38.85
CA GLY C 1572 -45.71 -29.85 38.70
C GLY C 1572 -45.78 -28.40 38.24
N ASN C 1573 -44.64 -27.74 38.05
CA ASN C 1573 -44.65 -26.37 37.57
C ASN C 1573 -45.13 -26.31 36.13
N SER C 1574 -45.75 -25.18 35.78
CA SER C 1574 -46.27 -25.01 34.43
C SER C 1574 -45.12 -24.90 33.43
N GLY C 1575 -45.36 -25.42 32.22
CA GLY C 1575 -44.39 -25.38 31.16
C GLY C 1575 -44.47 -24.09 30.35
N TYR C 1576 -43.67 -24.05 29.29
CA TYR C 1576 -43.67 -22.88 28.41
C TYR C 1576 -45.02 -22.70 27.73
N GLU C 1577 -45.65 -23.81 27.33
CA GLU C 1577 -46.95 -23.71 26.68
C GLU C 1577 -48.01 -23.17 27.64
N GLU C 1578 -47.99 -23.60 28.89
CA GLU C 1578 -48.95 -23.09 29.88
C GLU C 1578 -48.68 -21.61 30.18
N LEU C 1579 -47.41 -21.23 30.29
CA LEU C 1579 -47.07 -19.83 30.54
C LEU C 1579 -47.38 -18.94 29.35
N LYS C 1580 -47.42 -19.51 28.15
CA LYS C 1580 -47.71 -18.71 26.95
C LYS C 1580 -49.07 -18.04 27.03
N ASP C 1581 -50.03 -18.69 27.68
CA ASP C 1581 -51.37 -18.15 27.84
C ASP C 1581 -51.72 -17.86 29.30
N GLY C 1582 -50.73 -17.90 30.19
CA GLY C 1582 -50.99 -17.71 31.61
C GLY C 1582 -50.33 -16.49 32.20
N GLU C 1583 -49.33 -16.68 33.05
CA GLU C 1583 -48.65 -15.56 33.69
C GLU C 1583 -47.74 -14.81 32.74
N PHE C 1584 -47.44 -15.37 31.57
CA PHE C 1584 -46.54 -14.73 30.62
C PHE C 1584 -47.25 -14.45 29.30
N LYS C 1585 -48.46 -13.89 29.37
CA LYS C 1585 -49.18 -13.52 28.16
C LYS C 1585 -48.39 -12.45 27.39
N LYS C 1586 -48.63 -12.40 26.07
CA LYS C 1586 -47.92 -11.45 25.24
C LYS C 1586 -48.22 -10.01 25.64
N GLU C 1587 -49.36 -9.77 26.28
CA GLU C 1587 -49.70 -8.41 26.69
C GLU C 1587 -48.73 -7.87 27.73
N ASP C 1588 -48.34 -8.71 28.69
CA ASP C 1588 -47.48 -8.29 29.80
C ASP C 1588 -46.33 -9.27 29.99
N ARG C 1589 -45.68 -9.64 28.89
CA ARG C 1589 -44.51 -10.52 28.98
C ARG C 1589 -43.21 -9.74 29.10
N GLN C 1590 -43.04 -8.69 28.29
CA GLN C 1590 -41.84 -7.87 28.40
C GLN C 1590 -41.76 -7.14 29.72
N LYS C 1591 -42.91 -6.75 30.28
CA LYS C 1591 -42.91 -6.09 31.57
C LYS C 1591 -42.39 -7.01 32.66
N LYS C 1592 -42.77 -8.29 32.62
CA LYS C 1592 -42.28 -9.25 33.61
C LYS C 1592 -40.82 -9.63 33.34
N LEU C 1593 -40.43 -9.68 32.07
CA LEU C 1593 -39.05 -10.03 31.74
C LEU C 1593 -38.08 -8.90 32.04
N THR C 1594 -38.53 -7.66 32.06
CA THR C 1594 -37.67 -6.52 32.36
C THR C 1594 -37.68 -6.14 33.83
N THR C 1595 -38.45 -6.84 34.67
CA THR C 1595 -38.46 -6.59 36.09
C THR C 1595 -37.60 -7.65 36.77
N PRO C 1596 -36.47 -7.30 37.37
CA PRO C 1596 -35.57 -8.31 37.94
C PRO C 1596 -36.26 -9.12 39.04
N TRP C 1597 -35.95 -10.42 39.06
CA TRP C 1597 -36.44 -11.36 40.08
C TRP C 1597 -37.96 -11.37 40.15
N THR C 1598 -38.58 -11.66 39.00
CA THR C 1598 -40.02 -11.83 38.91
C THR C 1598 -40.36 -13.30 38.81
N PRO C 1599 -41.04 -13.88 39.80
CA PRO C 1599 -41.33 -15.31 39.75
C PRO C 1599 -42.23 -15.68 38.58
N TRP C 1600 -41.98 -16.86 38.01
CA TRP C 1600 -42.89 -17.43 37.01
C TRP C 1600 -43.69 -18.60 37.55
N ALA C 1601 -43.43 -19.03 38.78
CA ALA C 1601 -44.18 -20.10 39.42
C ALA C 1601 -44.36 -19.76 40.89
N SER C 1602 -45.35 -20.38 41.51
CA SER C 1602 -45.70 -20.16 42.91
C SER C 1602 -45.90 -21.48 43.63
N SER C 1603 -44.95 -22.39 43.47
CA SER C 1603 -45.01 -23.70 44.10
C SER C 1603 -44.98 -23.59 45.63
N ASN D 3 -14.62 20.24 10.15
CA ASN D 3 -15.61 19.17 10.13
C ASN D 3 -16.13 18.93 8.73
N PRO D 4 -15.42 18.12 7.95
CA PRO D 4 -15.85 17.83 6.58
C PRO D 4 -17.21 17.16 6.51
N ILE D 5 -17.54 16.33 7.50
CA ILE D 5 -18.83 15.63 7.48
C ILE D 5 -19.98 16.62 7.61
N ARG D 6 -19.83 17.63 8.45
CA ARG D 6 -20.87 18.66 8.55
C ARG D 6 -20.99 19.45 7.26
N ASP D 7 -19.87 19.69 6.58
CA ASP D 7 -19.92 20.36 5.28
C ASP D 7 -20.70 19.53 4.27
N ILE D 8 -20.45 18.22 4.24
CA ILE D 8 -21.17 17.33 3.32
C ILE D 8 -22.66 17.32 3.67
N GLN D 9 -22.98 17.29 4.97
CA GLN D 9 -24.37 17.33 5.39
C GLN D 9 -25.05 18.62 4.94
N ASP D 10 -24.37 19.75 5.08
CA ASP D 10 -24.92 21.02 4.63
C ASP D 10 -25.14 21.04 3.13
N ARG D 11 -24.18 20.49 2.37
CA ARG D 11 -24.33 20.43 0.91
C ARG D 11 -25.52 19.56 0.53
N LEU D 12 -25.70 18.42 1.21
CA LEU D 12 -26.81 17.53 0.88
C LEU D 12 -28.15 18.05 1.39
N LYS D 13 -28.14 18.97 2.37
CA LYS D 13 -29.40 19.46 2.92
C LYS D 13 -30.27 20.13 1.87
N THR D 14 -29.66 20.98 1.03
CA THR D 14 -30.36 21.65 -0.07
C THR D 14 -29.51 21.47 -1.32
N ALA D 15 -29.74 20.38 -2.04
CA ALA D 15 -29.00 20.07 -3.26
C ALA D 15 -29.96 19.82 -4.40
N LYS D 16 -29.76 20.53 -5.50
CA LYS D 16 -30.53 20.33 -6.72
C LYS D 16 -29.59 19.81 -7.81
N PHE D 17 -29.95 18.68 -8.40
CA PHE D 17 -29.06 17.97 -9.32
C PHE D 17 -29.13 18.50 -10.74
N ASP D 18 -30.00 19.47 -11.01
CA ASP D 18 -29.97 20.19 -12.28
C ASP D 18 -29.18 21.49 -12.20
N ASN D 19 -28.64 21.83 -11.02
CA ASN D 19 -27.93 23.07 -10.82
C ASN D 19 -26.42 22.80 -10.81
N LYS D 20 -25.66 23.67 -11.48
CA LYS D 20 -24.22 23.48 -11.59
C LYS D 20 -23.52 23.83 -10.28
N ASP D 21 -23.93 24.91 -9.63
CA ASP D 21 -23.23 25.38 -8.43
C ASP D 21 -23.35 24.39 -7.28
N ASP D 22 -24.56 23.83 -7.08
CA ASP D 22 -24.73 22.87 -5.99
C ASP D 22 -23.92 21.61 -6.22
N MET D 23 -23.89 21.11 -7.46
CA MET D 23 -23.08 19.93 -7.76
C MET D 23 -21.60 20.21 -7.59
N MET D 24 -21.15 21.41 -7.99
CA MET D 24 -19.75 21.78 -7.79
C MET D 24 -19.41 21.82 -6.31
N ASN D 25 -20.27 22.42 -5.49
CA ASN D 25 -20.03 22.48 -4.05
C ASN D 25 -20.00 21.09 -3.42
N LEU D 26 -20.94 20.23 -3.81
CA LEU D 26 -20.97 18.88 -3.27
C LEU D 26 -19.72 18.09 -3.67
N ALA D 27 -19.30 18.20 -4.93
CA ALA D 27 -18.09 17.51 -5.37
C ALA D 27 -16.86 18.03 -4.62
N SER D 28 -16.77 19.34 -4.42
CA SER D 28 -15.65 19.90 -3.68
C SER D 28 -15.64 19.39 -2.24
N SER D 29 -16.80 19.34 -1.60
CA SER D 29 -16.86 18.85 -0.23
C SER D 29 -16.45 17.38 -0.14
N LEU D 30 -16.93 16.55 -1.07
CA LEU D 30 -16.57 15.14 -1.06
C LEU D 30 -15.08 14.95 -1.32
N TYR D 31 -14.52 15.71 -2.26
CA TYR D 31 -13.09 15.60 -2.54
C TYR D 31 -12.27 16.03 -1.33
N LYS D 32 -12.68 17.11 -0.65
CA LYS D 32 -11.95 17.55 0.53
C LYS D 32 -12.02 16.52 1.65
N TYR D 33 -13.19 15.92 1.86
CA TYR D 33 -13.31 14.87 2.86
C TYR D 33 -12.41 13.69 2.55
N GLU D 34 -12.40 13.25 1.29
CA GLU D 34 -11.53 12.14 0.92
C GLU D 34 -10.05 12.50 1.06
N LYS D 35 -9.68 13.72 0.70
CA LYS D 35 -8.30 14.16 0.84
C LYS D 35 -7.87 14.16 2.30
N GLN D 36 -8.73 14.67 3.19
CA GLN D 36 -8.40 14.66 4.61
C GLN D 36 -8.36 13.24 5.17
N LEU D 37 -9.15 12.32 4.61
CA LEU D 37 -9.02 10.91 5.00
C LEU D 37 -7.69 10.34 4.58
N MET D 38 -7.23 10.66 3.36
CA MET D 38 -6.05 10.02 2.80
C MET D 38 -4.78 10.38 3.59
N ASP D 39 -4.62 11.65 3.95
CA ASP D 39 -3.38 12.10 4.58
C ASP D 39 -3.38 11.96 6.10
N SER D 40 -4.44 11.40 6.68
CA SER D 40 -4.50 11.09 8.11
C SER D 40 -4.29 12.35 8.95
N SER D 41 -5.15 13.33 8.73
CA SER D 41 -5.11 14.58 9.47
C SER D 41 -5.89 14.42 10.79
N GLU D 42 -5.91 15.49 11.58
CA GLU D 42 -6.64 15.47 12.84
C GLU D 42 -8.14 15.36 12.65
N ALA D 43 -8.66 15.66 11.46
CA ALA D 43 -10.08 15.58 11.18
C ALA D 43 -10.56 14.14 11.00
N THR D 44 -9.66 13.17 10.94
CA THR D 44 -10.06 11.76 10.88
C THR D 44 -10.67 11.28 12.19
N LEU D 45 -10.55 12.05 13.26
CA LEU D 45 -11.17 11.71 14.54
C LEU D 45 -12.68 11.91 14.53
N CYS D 46 -13.24 12.53 13.49
CA CYS D 46 -14.68 12.70 13.38
C CYS D 46 -15.31 11.34 13.12
N GLN D 47 -15.95 10.77 14.13
CA GLN D 47 -16.52 9.43 14.06
C GLN D 47 -18.02 9.43 13.78
N GLN D 48 -18.60 10.58 13.46
CA GLN D 48 -20.03 10.67 13.24
C GLN D 48 -20.36 10.43 11.76
N GLY D 49 -21.66 10.30 11.49
CA GLY D 49 -22.13 10.07 10.13
C GLY D 49 -23.08 11.13 9.64
N LEU D 50 -24.04 10.74 8.80
CA LEU D 50 -25.00 11.67 8.22
C LEU D 50 -26.34 11.57 8.95
N SER D 51 -27.01 12.72 9.06
CA SER D 51 -28.18 12.82 9.92
C SER D 51 -29.35 11.97 9.42
N ASN D 52 -29.70 12.12 8.14
CA ASN D 52 -30.89 11.47 7.58
C ASN D 52 -30.43 10.42 6.57
N ARG D 53 -30.34 9.18 7.03
CA ARG D 53 -29.84 8.10 6.17
C ARG D 53 -30.70 7.88 4.93
N PRO D 54 -32.03 7.71 5.01
CA PRO D 54 -32.80 7.41 3.79
C PRO D 54 -32.69 8.46 2.71
N ASN D 55 -32.59 9.75 3.07
CA ASN D 55 -32.49 10.80 2.09
C ASN D 55 -31.06 11.07 1.65
N SER D 56 -30.10 10.99 2.59
CA SER D 56 -28.70 11.18 2.22
C SER D 56 -28.23 10.07 1.29
N PHE D 57 -28.68 8.82 1.51
CA PHE D 57 -28.31 7.74 0.62
C PHE D 57 -28.82 7.99 -0.79
N SER D 58 -30.07 8.43 -0.91
CA SER D 58 -30.63 8.71 -2.23
C SER D 58 -29.90 9.85 -2.91
N GLN D 59 -29.60 10.92 -2.17
CA GLN D 59 -28.89 12.05 -2.75
C GLN D 59 -27.49 11.65 -3.22
N LEU D 60 -26.77 10.86 -2.40
CA LEU D 60 -25.45 10.42 -2.80
C LEU D 60 -25.51 9.49 -4.01
N SER D 61 -26.52 8.63 -4.08
CA SER D 61 -26.68 7.75 -5.23
C SER D 61 -26.95 8.55 -6.49
N GLN D 62 -27.80 9.58 -6.39
CA GLN D 62 -28.07 10.43 -7.53
C GLN D 62 -26.81 11.18 -7.97
N PHE D 63 -26.03 11.68 -7.01
CA PHE D 63 -24.80 12.40 -7.35
C PHE D 63 -23.78 11.49 -8.01
N ARG D 64 -23.66 10.25 -7.53
CA ARG D 64 -22.64 9.33 -8.02
C ARG D 64 -23.00 8.70 -9.35
N ASP D 65 -24.13 9.07 -9.95
CA ASP D 65 -24.42 8.63 -11.32
C ASP D 65 -23.40 9.25 -12.28
N SER D 66 -23.15 8.54 -13.38
CA SER D 66 -21.94 8.80 -14.17
C SER D 66 -21.92 10.20 -14.76
N ASP D 67 -22.97 10.60 -15.46
CA ASP D 67 -22.89 11.84 -16.24
C ASP D 67 -22.89 13.07 -15.34
N ILE D 68 -23.63 13.04 -14.23
CA ILE D 68 -23.64 14.17 -13.30
C ILE D 68 -22.27 14.33 -12.64
N GLN D 69 -21.69 13.21 -12.19
CA GLN D 69 -20.39 13.27 -11.53
C GLN D 69 -19.30 13.73 -12.49
N SER D 70 -19.32 13.24 -13.73
CA SER D 70 -18.30 13.62 -14.69
C SER D 70 -18.37 15.10 -15.03
N LYS D 71 -19.58 15.62 -15.23
CA LYS D 71 -19.74 17.03 -15.59
C LYS D 71 -19.37 17.92 -14.41
N ALA D 72 -19.74 17.53 -13.19
CA ALA D 72 -19.43 18.34 -12.01
C ALA D 72 -17.93 18.42 -11.77
N GLY D 73 -17.19 17.37 -12.13
CA GLY D 73 -15.75 17.39 -11.95
C GLY D 73 -15.08 18.42 -12.83
N GLY D 74 -15.47 18.50 -14.09
CA GLY D 74 -14.89 19.48 -14.99
C GLY D 74 -15.20 20.91 -14.59
N GLN D 75 -16.44 21.17 -14.20
CA GLN D 75 -16.82 22.51 -13.77
C GLN D 75 -16.08 22.91 -12.50
N THR D 76 -15.90 21.98 -11.56
CA THR D 76 -15.15 22.27 -10.35
C THR D 76 -13.69 22.59 -10.66
N GLY D 77 -13.09 21.83 -11.58
CA GLY D 77 -11.71 22.09 -11.97
C GLY D 77 -11.55 23.43 -12.66
N LYS D 78 -12.50 23.79 -13.53
CA LYS D 78 -12.45 25.07 -14.20
C LYS D 78 -12.58 26.23 -13.20
N PHE D 79 -13.46 26.09 -12.22
CA PHE D 79 -13.64 27.15 -11.23
C PHE D 79 -12.36 27.37 -10.42
N TRP D 80 -11.70 26.28 -10.02
CA TRP D 80 -10.42 26.41 -9.31
C TRP D 80 -9.35 27.03 -10.18
N GLN D 81 -9.30 26.67 -11.47
CA GLN D 81 -8.32 27.27 -12.36
C GLN D 81 -8.57 28.76 -12.54
N ASN D 82 -9.83 29.15 -12.68
CA ASN D 82 -10.16 30.57 -12.82
C ASN D 82 -9.77 31.35 -11.57
N GLU D 83 -10.03 30.79 -10.38
CA GLU D 83 -9.64 31.46 -9.15
C GLU D 83 -8.12 31.58 -9.04
N TYR D 84 -7.39 30.53 -9.45
CA TYR D 84 -5.94 30.57 -9.36
C TYR D 84 -5.35 31.67 -10.25
N GLU D 85 -5.90 31.82 -11.46
CA GLU D 85 -5.36 32.80 -12.39
C GLU D 85 -5.48 34.23 -11.86
N ALA D 86 -6.51 34.50 -11.06
CA ALA D 86 -6.68 35.84 -10.51
C ALA D 86 -5.96 35.99 -9.17
N CYS D 87 -5.80 34.91 -8.41
CA CYS D 87 -5.22 34.95 -7.09
C CYS D 87 -3.78 34.46 -7.05
N LYS D 88 -3.17 34.23 -8.22
CA LYS D 88 -1.78 33.74 -8.23
C LYS D 88 -0.81 34.79 -7.68
N ASN D 89 -1.08 36.07 -7.91
CA ASN D 89 -0.19 37.11 -7.40
C ASN D 89 -0.22 37.17 -5.88
N PHE D 90 -1.37 36.91 -5.26
CA PHE D 90 -1.49 36.98 -3.82
C PHE D 90 -0.82 35.80 -3.13
N GLN D 91 -0.97 34.60 -3.69
CA GLN D 91 -0.43 33.40 -3.06
C GLN D 91 1.09 33.34 -3.23
N THR D 92 1.73 32.59 -2.32
CA THR D 92 3.16 32.38 -2.38
C THR D 92 3.50 31.21 -3.30
N HIS D 93 4.76 30.77 -3.30
CA HIS D 93 5.14 29.66 -4.17
C HIS D 93 4.51 28.35 -3.69
N LYS D 94 4.62 28.06 -2.40
CA LYS D 94 4.04 26.82 -1.87
C LYS D 94 2.52 26.82 -2.02
N GLU D 95 1.88 27.95 -1.76
CA GLU D 95 0.43 28.03 -1.90
C GLU D 95 -0.01 27.82 -3.35
N ARG D 96 0.71 28.45 -4.29
CA ARG D 96 0.38 28.24 -5.70
C ARG D 96 0.68 26.80 -6.13
N ARG D 97 1.81 26.26 -5.70
CA ARG D 97 2.18 24.90 -6.07
C ARG D 97 1.17 23.89 -5.54
N GLU D 98 0.74 24.06 -4.29
CA GLU D 98 -0.25 23.16 -3.72
C GLU D 98 -1.61 23.31 -4.41
N THR D 99 -1.98 24.55 -4.76
CA THR D 99 -3.26 24.78 -5.40
C THR D 99 -3.33 24.12 -6.77
N LEU D 100 -2.26 24.23 -7.55
CA LEU D 100 -2.25 23.64 -8.89
C LEU D 100 -2.25 22.12 -8.83
N GLU D 101 -1.48 21.54 -7.90
CA GLU D 101 -1.45 20.09 -7.78
C GLU D 101 -2.77 19.52 -7.31
N GLN D 102 -3.54 20.29 -6.54
CA GLN D 102 -4.88 19.85 -6.15
C GLN D 102 -5.78 19.75 -7.37
N ILE D 103 -5.69 20.70 -8.30
CA ILE D 103 -6.50 20.66 -9.51
C ILE D 103 -6.13 19.46 -10.35
N ILE D 104 -4.83 19.17 -10.47
CA ILE D 104 -4.37 18.06 -11.30
C ILE D 104 -4.90 16.73 -10.77
N ARG D 105 -4.81 16.51 -9.45
CA ARG D 105 -5.30 15.27 -8.87
C ARG D 105 -6.80 15.11 -9.05
N PHE D 106 -7.54 16.21 -8.91
CA PHE D 106 -8.99 16.14 -9.03
C PHE D 106 -9.42 15.73 -10.43
N LEU D 107 -8.61 16.07 -11.45
CA LEU D 107 -8.97 15.79 -12.83
C LEU D 107 -8.22 14.61 -13.42
N GLN D 108 -7.05 14.25 -12.87
CA GLN D 108 -6.23 13.21 -13.47
C GLN D 108 -6.92 11.85 -13.43
N ASN D 109 -7.78 11.62 -12.44
CA ASN D 109 -8.45 10.33 -12.30
C ASN D 109 -9.52 10.09 -13.34
N GLY D 110 -9.89 11.11 -14.11
CA GLY D 110 -10.94 10.97 -15.11
C GLY D 110 -10.50 11.19 -16.54
N ALA D 111 -9.33 11.81 -16.71
CA ALA D 111 -8.86 12.15 -18.05
C ALA D 111 -8.34 10.95 -18.83
N GLU D 112 -8.14 9.80 -18.18
CA GLU D 112 -7.59 8.64 -18.87
C GLU D 112 -8.59 8.00 -19.82
N GLU D 113 -9.88 8.22 -19.61
CA GLU D 113 -10.90 7.60 -20.44
C GLU D 113 -11.07 8.35 -21.76
N LYS D 114 -11.79 7.72 -22.69
CA LYS D 114 -12.11 8.32 -23.97
C LYS D 114 -13.36 9.20 -23.91
N ASP D 115 -14.20 9.01 -22.89
CA ASP D 115 -15.44 9.78 -22.75
C ASP D 115 -15.21 11.12 -22.07
N ALA D 116 -13.98 11.43 -21.67
CA ALA D 116 -13.70 12.69 -20.99
C ALA D 116 -13.99 13.87 -21.92
N ASP D 117 -14.60 14.91 -21.35
CA ASP D 117 -14.93 16.10 -22.11
C ASP D 117 -13.68 16.95 -22.35
N ASP D 118 -13.79 17.89 -23.29
CA ASP D 118 -12.68 18.77 -23.59
C ASP D 118 -12.34 19.69 -22.42
N LEU D 119 -13.35 20.13 -21.67
CA LEU D 119 -13.10 21.01 -20.53
C LEU D 119 -12.22 20.32 -19.49
N LEU D 120 -12.39 19.01 -19.32
CA LEU D 120 -11.51 18.26 -18.44
C LEU D 120 -10.07 18.29 -18.94
N LEU D 121 -9.88 18.11 -20.25
CA LEU D 121 -8.53 18.11 -20.80
C LEU D 121 -7.95 19.52 -20.85
N LYS D 122 -8.77 20.52 -21.22
CA LYS D 122 -8.28 21.89 -21.30
C LYS D 122 -7.82 22.39 -19.94
N THR D 123 -8.60 22.13 -18.89
CA THR D 123 -8.21 22.57 -17.56
C THR D 123 -6.97 21.82 -17.07
N LEU D 124 -6.91 20.51 -17.32
CA LEU D 124 -5.76 19.73 -16.88
C LEU D 124 -4.50 20.13 -17.64
N ALA D 125 -4.61 20.37 -18.95
CA ALA D 125 -3.47 20.85 -19.72
C ALA D 125 -3.04 22.23 -19.26
N ARG D 126 -3.99 23.11 -18.99
CA ARG D 126 -3.65 24.45 -18.48
C ARG D 126 -3.05 24.37 -17.09
N ALA D 127 -3.53 23.44 -16.26
CA ALA D 127 -2.97 23.27 -14.93
C ALA D 127 -1.51 22.84 -14.99
N TYR D 128 -1.18 21.92 -15.90
CA TYR D 128 0.21 21.49 -16.06
C TYR D 128 1.07 22.63 -16.60
N PHE D 129 0.53 23.44 -17.51
CA PHE D 129 1.30 24.54 -18.07
C PHE D 129 1.70 25.55 -16.99
N HIS D 130 0.77 25.89 -16.10
CA HIS D 130 1.08 26.82 -15.03
C HIS D 130 1.92 26.18 -13.92
N ARG D 131 1.79 24.87 -13.71
CA ARG D 131 2.64 24.18 -12.75
C ARG D 131 4.09 24.20 -13.21
N GLY D 132 4.33 24.03 -14.51
CA GLY D 132 5.68 24.05 -15.04
C GLY D 132 6.30 25.43 -15.05
N LEU D 133 5.49 26.49 -15.06
CA LEU D 133 6.01 27.85 -15.02
C LEU D 133 6.53 28.24 -13.64
N LEU D 134 6.13 27.51 -12.59
CA LEU D 134 6.59 27.82 -11.24
C LEU D 134 8.04 27.45 -11.00
N TYR D 135 8.66 26.70 -11.90
CA TYR D 135 10.05 26.28 -11.73
C TYR D 135 10.98 27.41 -12.13
N ARG D 136 11.72 27.93 -11.15
CA ARG D 136 12.70 28.98 -11.43
C ARG D 136 13.96 28.36 -12.02
N PRO D 137 14.38 28.75 -13.22
CA PRO D 137 15.63 28.21 -13.77
C PRO D 137 16.84 28.70 -13.00
N LYS D 138 17.50 27.80 -12.27
CA LYS D 138 18.66 28.15 -11.46
C LYS D 138 19.92 27.60 -12.13
N GLY D 139 20.89 28.46 -12.35
CA GLY D 139 22.09 28.06 -13.04
C GLY D 139 21.85 27.82 -14.52
N PHE D 140 22.84 27.19 -15.16
CA PHE D 140 22.71 26.86 -16.57
C PHE D 140 21.79 25.67 -16.79
N SER D 141 21.69 24.76 -15.80
CA SER D 141 20.89 23.55 -15.96
C SER D 141 19.41 23.88 -15.81
N VAL D 142 18.65 23.66 -16.87
CA VAL D 142 17.19 23.84 -16.80
C VAL D 142 16.60 22.72 -15.96
N PRO D 143 15.60 23.00 -15.12
CA PRO D 143 14.94 21.91 -14.38
C PRO D 143 14.33 20.89 -15.33
N ALA D 144 14.44 19.62 -14.95
CA ALA D 144 13.93 18.55 -15.79
C ALA D 144 12.44 18.33 -15.65
N ARG D 145 11.81 18.91 -14.62
CA ARG D 145 10.37 18.77 -14.44
C ARG D 145 9.56 19.86 -15.10
N LYS D 146 10.19 21.00 -15.41
CA LYS D 146 9.51 22.00 -16.23
C LYS D 146 9.29 21.48 -17.64
N VAL D 147 10.29 20.79 -18.21
CA VAL D 147 10.13 20.19 -19.53
C VAL D 147 9.05 19.13 -19.50
N GLU D 148 9.03 18.31 -18.45
CA GLU D 148 8.01 17.26 -18.34
C GLU D 148 6.61 17.86 -18.23
N ALA D 149 6.47 18.95 -17.48
CA ALA D 149 5.16 19.58 -17.34
C ALA D 149 4.67 20.13 -18.67
N MET D 150 5.56 20.78 -19.43
CA MET D 150 5.16 21.31 -20.73
C MET D 150 4.83 20.19 -21.71
N LYS D 151 5.62 19.10 -21.69
CA LYS D 151 5.32 17.97 -22.55
C LYS D 151 4.02 17.29 -22.16
N LYS D 152 3.73 17.20 -20.86
CA LYS D 152 2.49 16.60 -20.41
C LYS D 152 1.28 17.44 -20.79
N ALA D 153 1.43 18.77 -20.72
CA ALA D 153 0.36 19.66 -21.16
C ALA D 153 0.10 19.53 -22.66
N ILE D 154 1.18 19.38 -23.44
CA ILE D 154 1.04 19.22 -24.89
C ILE D 154 0.26 17.95 -25.21
N ALA D 155 0.56 16.85 -24.52
CA ALA D 155 -0.09 15.59 -24.82
C ALA D 155 -1.60 15.67 -24.61
N TYR D 156 -2.04 16.35 -23.54
CA TYR D 156 -3.47 16.53 -23.33
C TYR D 156 -4.09 17.37 -24.44
N CYS D 157 -3.40 18.42 -24.88
CA CYS D 157 -3.92 19.26 -25.96
C CYS D 157 -3.95 18.51 -27.28
N GLU D 158 -3.00 17.60 -27.51
CA GLU D 158 -2.98 16.86 -28.77
C GLU D 158 -4.20 15.97 -28.93
N ILE D 159 -4.78 15.49 -27.83
CA ILE D 159 -6.00 14.69 -27.91
C ILE D 159 -7.14 15.51 -28.49
N ILE D 160 -7.30 16.74 -28.01
CA ILE D 160 -8.35 17.61 -28.52
C ILE D 160 -8.06 18.05 -29.94
N LEU D 161 -6.79 18.41 -30.22
CA LEU D 161 -6.44 18.94 -31.53
C LEU D 161 -6.63 17.91 -32.64
N ASP D 162 -6.43 16.62 -32.34
CA ASP D 162 -6.66 15.60 -33.35
C ASP D 162 -8.13 15.56 -33.76
N LYS D 163 -9.05 15.64 -32.79
CA LYS D 163 -10.46 15.67 -33.12
C LYS D 163 -10.86 17.01 -33.75
N ASN D 164 -10.42 18.11 -33.16
CA ASN D 164 -10.77 19.46 -33.60
C ASN D 164 -9.46 20.23 -33.79
N GLU D 165 -9.04 20.39 -35.05
CA GLU D 165 -7.78 21.05 -35.34
C GLU D 165 -7.81 22.52 -34.93
N GLU D 166 -8.95 23.19 -35.10
CA GLU D 166 -9.06 24.62 -34.87
C GLU D 166 -9.77 24.94 -33.55
N GLU D 167 -9.52 24.15 -32.51
CA GLU D 167 -10.02 24.49 -31.18
C GLU D 167 -9.29 25.72 -30.67
N SER D 168 -10.04 26.73 -30.23
CA SER D 168 -9.44 28.00 -29.88
C SER D 168 -8.56 27.88 -28.63
N GLU D 169 -9.10 27.28 -27.56
CA GLU D 169 -8.35 27.23 -26.31
C GLU D 169 -7.21 26.21 -26.36
N ALA D 170 -7.46 25.05 -26.97
CA ALA D 170 -6.44 24.00 -27.01
C ALA D 170 -5.26 24.41 -27.87
N LEU D 171 -5.49 25.18 -28.94
CA LEU D 171 -4.39 25.59 -29.81
C LEU D 171 -3.44 26.53 -29.09
N ARG D 172 -3.97 27.41 -28.23
CA ARG D 172 -3.11 28.35 -27.50
C ARG D 172 -2.19 27.60 -26.55
N ILE D 173 -2.75 26.70 -25.74
CA ILE D 173 -1.97 26.01 -24.71
C ILE D 173 -0.90 25.14 -25.35
N TRP D 174 -1.23 24.50 -26.49
CA TRP D 174 -0.24 23.71 -27.19
C TRP D 174 0.92 24.58 -27.65
N LEU D 175 0.63 25.77 -28.17
CA LEU D 175 1.68 26.68 -28.59
C LEU D 175 2.36 27.35 -27.41
N TYR D 176 1.64 27.59 -26.32
CA TYR D 176 2.26 28.16 -25.12
C TYR D 176 3.33 27.24 -24.58
N ALA D 177 3.04 25.93 -24.50
CA ALA D 177 4.01 24.99 -23.98
C ALA D 177 5.14 24.75 -24.97
N ALA D 178 4.85 24.79 -26.28
CA ALA D 178 5.89 24.63 -27.27
C ALA D 178 6.92 25.74 -27.18
N MET D 179 6.47 26.97 -26.95
CA MET D 179 7.40 28.07 -26.76
C MET D 179 8.26 27.87 -25.51
N GLU D 180 7.67 27.33 -24.44
CA GLU D 180 8.43 27.08 -23.23
C GLU D 180 9.49 25.99 -23.44
N LEU D 181 9.19 24.99 -24.26
CA LEU D 181 10.16 23.95 -24.54
C LEU D 181 11.39 24.51 -25.24
N ARG D 182 11.20 25.43 -26.18
CA ARG D 182 12.33 26.07 -26.82
C ARG D 182 13.15 26.90 -25.83
N ARG D 183 12.46 27.59 -24.91
CA ARG D 183 13.16 28.37 -23.90
C ARG D 183 14.00 27.48 -23.00
N CYS D 184 13.47 26.32 -22.62
CA CYS D 184 14.22 25.39 -21.78
C CYS D 184 15.47 24.89 -22.50
N GLY D 185 15.36 24.59 -23.79
CA GLY D 185 16.47 24.07 -24.56
C GLY D 185 16.04 22.98 -25.51
N GLU D 186 14.83 22.46 -25.31
CA GLU D 186 14.30 21.44 -26.19
C GLU D 186 13.94 22.03 -27.55
N GLU D 187 13.86 21.16 -28.54
CA GLU D 187 13.45 21.59 -29.87
C GLU D 187 11.94 21.78 -29.94
N TYR D 188 11.50 22.49 -30.96
CA TYR D 188 10.08 22.66 -31.19
C TYR D 188 9.44 21.32 -31.53
N PRO D 189 8.18 21.10 -31.16
CA PRO D 189 7.52 19.83 -31.48
C PRO D 189 7.44 19.59 -32.98
N GLU D 190 7.02 18.37 -33.32
CA GLU D 190 7.08 17.92 -34.71
C GLU D 190 6.13 18.67 -35.63
N ASN D 191 5.09 19.32 -35.08
CA ASN D 191 4.10 20.02 -35.89
C ASN D 191 3.93 21.47 -35.44
N PHE D 192 5.03 22.10 -35.05
CA PHE D 192 4.95 23.49 -34.58
C PHE D 192 4.57 24.43 -35.73
N ALA D 193 5.09 24.19 -36.92
CA ALA D 193 4.78 25.05 -38.06
C ALA D 193 3.29 24.97 -38.42
N GLU D 194 2.72 23.78 -38.38
CA GLU D 194 1.31 23.61 -38.72
C GLU D 194 0.41 24.32 -37.70
N LYS D 195 0.64 24.05 -36.41
CA LYS D 195 -0.22 24.64 -35.37
C LYS D 195 -0.11 26.16 -35.36
N LEU D 196 1.10 26.69 -35.57
CA LEU D 196 1.27 28.14 -35.59
C LEU D 196 0.53 28.76 -36.78
N PHE D 197 0.53 28.07 -37.93
CA PHE D 197 -0.17 28.61 -39.09
C PHE D 197 -1.69 28.52 -38.93
N TYR D 198 -2.18 27.54 -38.17
CA TYR D 198 -3.60 27.49 -37.85
C TYR D 198 -4.04 28.68 -37.01
N LEU D 199 -3.10 29.33 -36.33
CA LEU D 199 -3.41 30.50 -35.51
C LEU D 199 -3.52 31.78 -36.32
N ALA D 200 -3.16 31.75 -37.61
CA ALA D 200 -3.24 32.95 -38.43
C ALA D 200 -4.67 33.43 -38.59
N ASN D 201 -5.64 32.50 -38.64
CA ASN D 201 -7.05 32.86 -38.76
C ASN D 201 -7.68 33.00 -37.38
N ASP D 202 -7.07 33.86 -36.56
CA ASP D 202 -7.53 34.09 -35.20
C ASP D 202 -7.06 35.45 -34.74
N GLY D 203 -7.64 35.92 -33.63
CA GLY D 203 -7.24 37.16 -33.02
C GLY D 203 -6.77 36.94 -31.60
N PHE D 204 -6.27 38.02 -31.00
CA PHE D 204 -5.74 37.93 -29.64
C PHE D 204 -6.86 37.72 -28.64
N ILE D 205 -6.56 36.98 -27.57
CA ILE D 205 -7.50 36.76 -26.49
C ILE D 205 -7.10 37.66 -25.33
N SER D 206 -6.38 38.74 -25.64
CA SER D 206 -5.87 39.75 -24.72
C SER D 206 -4.77 39.21 -23.80
N GLU D 207 -4.44 37.93 -23.89
CA GLU D 207 -3.35 37.37 -23.11
C GLU D 207 -2.02 37.85 -23.68
N LEU D 208 -1.09 38.21 -22.79
CA LEU D 208 0.22 38.66 -23.22
C LEU D 208 1.02 37.57 -23.92
N TYR D 209 0.74 36.30 -23.61
CA TYR D 209 1.43 35.21 -24.29
C TYR D 209 1.03 35.09 -25.75
N ASP D 210 -0.17 35.56 -26.11
CA ASP D 210 -0.56 35.55 -27.52
C ASP D 210 0.24 36.54 -28.35
N ILE D 211 0.70 37.63 -27.73
CA ILE D 211 1.41 38.66 -28.48
C ILE D 211 2.71 38.10 -29.04
N ARG D 212 3.47 37.37 -28.21
CA ARG D 212 4.73 36.81 -28.68
C ARG D 212 4.52 35.65 -29.65
N LEU D 213 3.36 35.00 -29.63
CA LEU D 213 3.08 33.96 -30.61
C LEU D 213 3.00 34.54 -32.01
N PHE D 214 2.34 35.68 -32.17
CA PHE D 214 2.23 36.30 -33.49
C PHE D 214 3.53 36.97 -33.90
N LEU D 215 4.36 37.39 -32.93
CA LEU D 215 5.69 37.90 -33.27
C LEU D 215 6.55 36.83 -33.90
N GLU D 216 6.48 35.60 -33.37
CA GLU D 216 7.22 34.49 -33.97
C GLU D 216 6.69 34.15 -35.35
N TYR D 217 5.38 34.25 -35.56
CA TYR D 217 4.82 34.05 -36.89
C TYR D 217 5.33 35.11 -37.86
N THR D 218 5.49 36.35 -37.37
CA THR D 218 6.02 37.42 -38.21
C THR D 218 7.45 37.12 -38.66
N GLU D 219 8.28 36.57 -37.75
CA GLU D 219 9.67 36.31 -38.06
C GLU D 219 9.88 35.02 -38.85
N ARG D 220 8.84 34.20 -39.01
CA ARG D 220 8.95 32.96 -39.78
C ARG D 220 8.50 33.12 -41.23
N GLU D 221 7.33 33.72 -41.45
CA GLU D 221 6.80 33.90 -42.78
C GLU D 221 7.18 35.25 -43.39
N GLU D 222 7.90 36.10 -42.64
CA GLU D 222 8.37 37.41 -43.07
C GLU D 222 7.24 38.39 -43.36
N ASP D 223 6.00 38.02 -43.10
CA ASP D 223 4.88 38.92 -43.36
C ASP D 223 4.63 39.82 -42.14
N ASN D 224 4.05 40.98 -42.41
CA ASN D 224 3.78 41.98 -41.38
C ASN D 224 2.30 42.35 -41.37
N ASN D 225 1.42 41.36 -41.42
CA ASN D 225 -0.02 41.58 -41.47
C ASN D 225 -0.66 41.51 -40.09
N PHE D 226 0.12 41.32 -39.03
CA PHE D 226 -0.41 41.29 -37.68
C PHE D 226 0.22 42.32 -36.76
N LEU D 227 1.24 43.05 -37.20
CA LEU D 227 1.92 43.99 -36.32
C LEU D 227 1.07 45.23 -36.04
N ASP D 228 0.23 45.63 -37.01
CA ASP D 228 -0.65 46.78 -36.78
C ASP D 228 -1.63 46.51 -35.65
N MET D 229 -2.16 45.29 -35.59
CA MET D 229 -3.08 44.93 -34.50
C MET D 229 -2.38 44.97 -33.16
N ILE D 230 -1.11 44.55 -33.10
CA ILE D 230 -0.37 44.53 -31.84
C ILE D 230 -0.18 45.94 -31.30
N LEU D 231 0.15 46.90 -32.17
CA LEU D 231 0.47 48.24 -31.72
C LEU D 231 -0.73 48.92 -31.06
N GLN D 232 -1.93 48.75 -31.63
CA GLN D 232 -3.13 49.37 -31.09
C GLN D 232 -3.69 48.55 -29.92
N GLU D 233 -2.91 48.51 -28.85
CA GLU D 233 -3.25 47.78 -27.64
C GLU D 233 -3.41 48.76 -26.47
N ASN D 234 -3.86 48.24 -25.34
CA ASN D 234 -4.10 49.04 -24.14
C ASN D 234 -2.84 49.01 -23.28
N GLN D 235 -2.28 50.19 -23.00
CA GLN D 235 -1.07 50.32 -22.21
C GLN D 235 -1.35 50.51 -20.72
N ASP D 236 -2.61 50.41 -20.30
CA ASP D 236 -2.98 50.59 -18.91
C ASP D 236 -2.93 49.28 -18.12
N ARG D 237 -2.39 48.22 -18.71
CA ARG D 237 -2.32 46.93 -18.04
C ARG D 237 -1.21 46.93 -16.98
N GLU D 238 -1.30 45.95 -16.07
CA GLU D 238 -0.32 45.86 -15.00
C GLU D 238 1.07 45.55 -15.54
N ARG D 239 1.17 44.61 -16.48
CA ARG D 239 2.46 44.23 -17.05
C ARG D 239 2.76 45.08 -18.29
N LEU D 240 2.94 46.37 -18.06
CA LEU D 240 3.25 47.30 -19.14
C LEU D 240 4.65 47.04 -19.71
N PHE D 241 5.59 46.61 -18.86
CA PHE D 241 6.95 46.38 -19.33
C PHE D 241 7.01 45.28 -20.38
N GLU D 242 6.27 44.20 -20.18
CA GLU D 242 6.24 43.13 -21.17
C GLU D 242 5.58 43.59 -22.46
N LEU D 243 4.49 44.35 -22.34
CA LEU D 243 3.80 44.85 -23.54
C LEU D 243 4.68 45.81 -24.34
N CYS D 244 5.38 46.71 -23.64
CA CYS D 244 6.24 47.67 -24.34
C CYS D 244 7.36 46.96 -25.08
N LEU D 245 7.92 45.90 -24.50
CA LEU D 245 8.98 45.15 -25.17
C LEU D 245 8.47 44.50 -26.45
N TYR D 246 7.25 43.93 -26.41
CA TYR D 246 6.68 43.33 -27.61
C TYR D 246 6.42 44.38 -28.68
N LYS D 247 5.92 45.56 -28.29
CA LYS D 247 5.64 46.61 -29.26
C LYS D 247 6.91 47.10 -29.94
N ALA D 248 8.04 47.08 -29.21
CA ALA D 248 9.31 47.45 -29.83
C ALA D 248 9.67 46.49 -30.96
N ARG D 249 9.43 45.19 -30.74
CA ARG D 249 9.68 44.22 -31.81
C ARG D 249 8.75 44.46 -32.99
N ALA D 250 7.48 44.77 -32.72
CA ALA D 250 6.53 45.02 -33.80
C ALA D 250 6.93 46.25 -34.61
N CYS D 251 7.39 47.30 -33.92
CA CYS D 251 7.83 48.51 -34.62
C CYS D 251 9.09 48.25 -35.44
N PHE D 252 9.97 47.37 -34.94
CA PHE D 252 11.23 47.10 -35.64
C PHE D 252 10.97 46.48 -37.01
N HIS D 253 10.04 45.52 -37.09
CA HIS D 253 9.72 44.92 -38.37
C HIS D 253 8.99 45.88 -39.30
N LEU D 254 8.29 46.86 -38.71
CA LEU D 254 7.59 47.88 -39.49
C LEU D 254 8.47 49.09 -39.79
N ASN D 255 9.75 49.03 -39.45
CA ASN D 255 10.72 50.10 -39.70
C ASN D 255 10.36 51.38 -38.94
N GLN D 256 9.70 51.24 -37.79
CA GLN D 256 9.51 52.37 -36.88
C GLN D 256 10.67 52.39 -35.90
N LEU D 257 11.81 52.91 -36.38
CA LEU D 257 13.02 52.88 -35.57
C LEU D 257 12.98 53.87 -34.42
N ASN D 258 12.23 54.97 -34.57
CA ASN D 258 12.26 56.03 -33.57
C ASN D 258 11.62 55.59 -32.26
N ASP D 259 10.43 55.00 -32.32
CA ASP D 259 9.70 54.68 -31.11
C ASP D 259 10.16 53.37 -30.47
N VAL D 260 11.03 52.60 -31.12
CA VAL D 260 11.59 51.41 -30.50
C VAL D 260 12.35 51.79 -29.23
N ARG D 261 13.14 52.86 -29.29
CA ARG D 261 13.84 53.34 -28.11
C ARG D 261 12.87 53.79 -27.02
N ILE D 262 11.77 54.44 -27.42
CA ILE D 262 10.79 54.92 -26.45
C ILE D 262 10.14 53.74 -25.74
N TYR D 263 9.71 52.72 -26.49
CA TYR D 263 9.15 51.54 -25.86
C TYR D 263 10.19 50.81 -25.02
N GLY D 264 11.42 50.71 -25.54
CA GLY D 264 12.48 50.10 -24.77
C GLY D 264 12.84 50.87 -23.52
N GLU D 265 12.76 52.20 -23.57
CA GLU D 265 13.06 53.01 -22.40
C GLU D 265 12.10 52.71 -21.26
N SER D 266 10.81 52.63 -21.56
CA SER D 266 9.83 52.33 -20.52
C SER D 266 10.01 50.92 -19.98
N ALA D 267 10.33 49.96 -20.84
CA ALA D 267 10.56 48.59 -20.37
C ALA D 267 11.77 48.52 -19.44
N ILE D 268 12.85 49.23 -19.77
CA ILE D 268 14.03 49.21 -18.93
C ILE D 268 13.81 50.01 -17.66
N ASP D 269 13.25 51.22 -17.78
CA ASP D 269 13.02 52.05 -16.60
C ASP D 269 12.03 51.39 -15.65
N ASN D 270 10.94 50.84 -16.20
CA ASN D 270 9.94 50.12 -15.42
C ASN D 270 10.16 48.64 -15.64
N ALA D 271 10.94 48.01 -14.77
CA ALA D 271 11.25 46.60 -14.91
C ALA D 271 11.05 45.88 -13.58
N PRO D 272 10.63 44.62 -13.60
CA PRO D 272 10.47 43.87 -12.35
C PRO D 272 11.80 43.67 -11.64
N GLY D 273 11.76 43.71 -10.32
CA GLY D 273 12.98 43.53 -9.54
C GLY D 273 13.56 42.13 -9.67
N ALA D 274 12.70 41.11 -9.62
CA ALA D 274 13.18 39.74 -9.68
C ALA D 274 13.69 39.41 -11.07
N PHE D 275 14.81 38.69 -11.13
CA PHE D 275 15.40 38.27 -12.39
C PHE D 275 14.80 36.98 -12.94
N ALA D 276 13.94 36.31 -12.17
CA ALA D 276 13.30 35.08 -12.63
C ALA D 276 12.12 35.35 -13.56
N ASP D 277 11.71 36.60 -13.71
CA ASP D 277 10.60 36.92 -14.59
C ASP D 277 10.99 36.66 -16.04
N PRO D 278 10.08 36.12 -16.86
CA PRO D 278 10.40 35.88 -18.27
C PRO D 278 10.74 37.14 -19.06
N PHE D 279 10.41 38.33 -18.53
CA PHE D 279 10.71 39.56 -19.25
C PHE D 279 12.21 39.73 -19.47
N TRP D 280 13.01 39.40 -18.46
CA TRP D 280 14.46 39.57 -18.59
C TRP D 280 15.04 38.70 -19.70
N ASP D 281 14.58 37.44 -19.80
CA ASP D 281 15.04 36.59 -20.88
C ASP D 281 14.62 37.14 -22.24
N GLU D 282 13.39 37.66 -22.33
CA GLU D 282 12.92 38.25 -23.58
C GLU D 282 13.70 39.51 -23.95
N LEU D 283 14.09 40.30 -22.95
CA LEU D 283 14.86 41.51 -23.22
C LEU D 283 16.22 41.19 -23.82
N VAL D 284 16.89 40.15 -23.30
CA VAL D 284 18.19 39.76 -23.83
C VAL D 284 18.06 39.28 -25.27
N GLU D 285 17.03 38.48 -25.55
CA GLU D 285 16.81 38.02 -26.93
C GLU D 285 16.51 39.21 -27.85
N PHE D 286 15.82 40.21 -27.34
CA PHE D 286 15.53 41.40 -28.14
C PHE D 286 16.82 42.11 -28.54
N ILE D 287 17.76 42.24 -27.60
CA ILE D 287 19.05 42.84 -27.92
C ILE D 287 19.81 41.97 -28.92
N ARG D 288 19.79 40.66 -28.72
CA ARG D 288 20.45 39.75 -29.66
C ARG D 288 19.79 39.78 -31.03
N MET D 289 18.49 39.99 -31.09
CA MET D 289 17.79 40.07 -32.38
C MET D 289 18.27 41.26 -33.18
N LEU D 290 18.47 42.42 -32.54
CA LEU D 290 18.96 43.59 -33.25
C LEU D 290 20.36 43.35 -33.80
N ARG D 291 21.24 42.73 -32.99
CA ARG D 291 22.59 42.46 -33.44
C ARG D 291 22.61 41.43 -34.57
N ASN D 292 21.75 40.41 -34.49
CA ASN D 292 21.74 39.37 -35.50
C ASN D 292 21.30 39.90 -36.86
N LYS D 293 20.46 40.94 -36.88
CA LYS D 293 19.99 41.55 -38.12
C LYS D 293 20.83 42.76 -38.51
N LYS D 294 21.97 42.97 -37.87
CA LYS D 294 22.91 44.03 -38.22
C LYS D 294 22.27 45.42 -38.10
N SER D 295 21.37 45.58 -37.14
CA SER D 295 20.74 46.86 -36.87
C SER D 295 21.54 47.58 -35.79
N GLU D 296 22.10 48.74 -36.13
CA GLU D 296 22.95 49.49 -35.21
C GLU D 296 22.11 50.28 -34.20
N LEU D 297 21.35 49.52 -33.42
CA LEU D 297 20.50 50.09 -32.37
C LEU D 297 20.63 49.40 -31.03
N TRP D 298 21.14 48.15 -30.98
CA TRP D 298 21.31 47.46 -29.71
C TRP D 298 22.40 48.08 -28.85
N LYS D 299 23.30 48.87 -29.44
CA LYS D 299 24.38 49.48 -28.68
C LYS D 299 23.89 50.49 -27.66
N GLU D 300 22.65 50.98 -27.79
CA GLU D 300 22.08 51.94 -26.86
C GLU D 300 21.14 51.30 -25.86
N ILE D 301 20.36 50.30 -26.28
CA ILE D 301 19.45 49.63 -25.36
C ILE D 301 20.22 48.78 -24.36
N ALA D 302 21.29 48.12 -24.80
CA ALA D 302 22.04 47.23 -23.92
C ALA D 302 22.68 48.00 -22.77
N ILE D 303 23.24 49.18 -23.05
CA ILE D 303 23.86 49.98 -22.00
C ILE D 303 22.81 50.43 -20.98
N LYS D 304 21.65 50.88 -21.45
CA LYS D 304 20.59 51.29 -20.55
C LYS D 304 20.07 50.12 -19.73
N ALA D 305 19.95 48.94 -20.35
CA ALA D 305 19.50 47.76 -19.61
C ALA D 305 20.49 47.38 -18.52
N TRP D 306 21.79 47.49 -18.81
CA TRP D 306 22.80 47.17 -17.80
C TRP D 306 22.72 48.13 -16.62
N ASP D 307 22.42 49.41 -16.88
CA ASP D 307 22.29 50.37 -15.79
C ASP D 307 21.16 49.98 -14.85
N LYS D 308 20.02 49.54 -15.39
CA LYS D 308 18.91 49.09 -14.56
C LYS D 308 19.24 47.77 -13.88
N CYS D 309 19.92 46.86 -14.59
CA CYS D 309 20.28 45.57 -14.00
C CYS D 309 21.24 45.76 -12.83
N ARG D 310 22.23 46.65 -12.98
CA ARG D 310 23.14 46.93 -11.88
C ARG D 310 22.42 47.56 -10.70
N GLU D 311 21.45 48.44 -10.96
CA GLU D 311 20.71 49.06 -9.87
C GLU D 311 19.94 48.01 -9.06
N LYS D 312 19.34 47.03 -9.74
CA LYS D 312 18.63 45.96 -9.05
C LYS D 312 19.61 44.97 -8.44
N TYR D 325 21.42 31.23 -10.00
CA TYR D 325 21.27 32.64 -10.36
C TYR D 325 20.77 32.75 -11.80
N TRP D 326 20.79 33.98 -12.33
CA TRP D 326 20.28 34.25 -13.67
C TRP D 326 21.31 33.84 -14.71
N ALA D 327 20.97 32.86 -15.54
CA ALA D 327 21.90 32.35 -16.55
C ALA D 327 22.26 33.42 -17.57
N ARG D 328 21.28 34.20 -18.00
CA ARG D 328 21.53 35.25 -18.99
C ARG D 328 22.24 36.47 -18.40
N GLN D 329 22.47 36.50 -17.08
CA GLN D 329 23.03 37.69 -16.46
C GLN D 329 24.42 38.00 -17.01
N ARG D 330 25.28 36.98 -17.13
CA ARG D 330 26.61 37.21 -17.66
C ARG D 330 26.56 37.61 -19.12
N GLU D 331 25.57 37.12 -19.87
CA GLU D 331 25.40 37.55 -21.24
C GLU D 331 24.98 39.01 -21.33
N LEU D 332 24.19 39.48 -20.36
CA LEU D 332 23.83 40.89 -20.33
C LEU D 332 25.06 41.76 -20.10
N TYR D 333 25.95 41.36 -19.20
CA TYR D 333 27.20 42.09 -18.99
C TYR D 333 28.05 42.06 -20.24
N ASP D 334 28.07 40.93 -20.96
CA ASP D 334 28.84 40.84 -22.19
C ASP D 334 28.34 41.83 -23.24
N LEU D 335 27.01 41.96 -23.37
CA LEU D 335 26.45 42.90 -24.33
C LEU D 335 26.80 44.34 -23.98
N ALA D 336 26.74 44.69 -22.69
CA ALA D 336 27.14 46.03 -22.27
C ALA D 336 28.62 46.26 -22.53
N PHE D 337 29.44 45.24 -22.29
CA PHE D 337 30.88 45.36 -22.56
C PHE D 337 31.14 45.60 -24.04
N MET D 338 30.42 44.89 -24.92
CA MET D 338 30.61 45.09 -26.36
C MET D 338 29.99 46.40 -26.82
N ALA D 339 28.80 46.74 -26.31
CA ALA D 339 28.11 47.93 -26.77
C ALA D 339 28.88 49.20 -26.42
N GLN D 340 29.45 49.25 -25.22
CA GLN D 340 30.15 50.46 -24.79
C GLN D 340 31.44 50.62 -25.59
N ASP D 341 31.62 51.81 -26.17
CA ASP D 341 32.81 52.13 -26.94
C ASP D 341 33.88 52.83 -26.12
N GLY D 342 33.61 53.11 -24.84
CA GLY D 342 34.57 53.76 -23.97
C GLY D 342 35.33 52.73 -23.15
N ILE D 343 36.66 52.73 -23.31
CA ILE D 343 37.48 51.72 -22.65
C ILE D 343 37.43 51.90 -21.14
N GLU D 344 37.39 53.15 -20.67
CA GLU D 344 37.35 53.39 -19.23
C GLU D 344 36.06 52.85 -18.61
N LYS D 345 34.94 53.02 -19.30
CA LYS D 345 33.67 52.53 -18.77
C LYS D 345 33.61 51.01 -18.76
N LYS D 346 34.26 50.36 -19.72
CA LYS D 346 34.24 48.90 -19.79
C LYS D 346 34.95 48.26 -18.60
N THR D 347 35.91 48.96 -18.01
CA THR D 347 36.59 48.43 -16.83
C THR D 347 35.64 48.30 -15.64
N ARG D 348 34.77 49.29 -15.45
CA ARG D 348 33.82 49.24 -14.34
C ARG D 348 32.83 48.11 -14.52
N ILE D 349 32.43 47.82 -15.75
CA ILE D 349 31.50 46.71 -16.00
C ILE D 349 32.13 45.39 -15.61
N ALA D 350 33.40 45.19 -15.98
CA ALA D 350 34.08 43.93 -15.66
C ALA D 350 34.29 43.77 -14.16
N ASP D 351 34.57 44.86 -13.45
CA ASP D 351 34.87 44.77 -12.03
C ASP D 351 33.66 44.33 -11.22
N SER D 352 32.44 44.59 -11.71
CA SER D 352 31.25 44.20 -10.98
C SER D 352 31.12 42.68 -10.88
N LEU D 353 31.43 41.98 -11.98
CA LEU D 353 31.27 40.53 -11.99
C LEU D 353 32.28 39.84 -11.08
N LYS D 354 33.49 40.39 -10.99
CA LYS D 354 34.57 39.71 -10.26
C LYS D 354 34.23 39.53 -8.79
N SER D 355 33.68 40.56 -8.16
CA SER D 355 33.30 40.52 -6.74
C SER D 355 34.45 40.05 -5.84
N ILE D 424 51.21 50.29 -13.75
CA ILE D 424 50.28 49.86 -14.79
C ILE D 424 49.28 48.87 -14.22
N ALA D 425 47.99 49.14 -14.44
CA ALA D 425 46.92 48.24 -14.04
C ALA D 425 46.40 47.50 -15.26
N VAL D 426 46.38 46.18 -15.18
CA VAL D 426 45.93 45.32 -16.27
C VAL D 426 44.63 44.65 -15.82
N HIS D 427 43.55 44.97 -16.51
CA HIS D 427 42.23 44.40 -16.21
C HIS D 427 41.85 43.39 -17.28
N PHE D 428 41.42 42.22 -16.85
CA PHE D 428 41.02 41.15 -17.75
C PHE D 428 39.52 40.93 -17.69
N TYR D 429 38.92 40.64 -18.84
CA TYR D 429 37.53 40.27 -18.93
C TYR D 429 37.36 39.24 -20.04
N LEU D 430 36.71 38.13 -19.72
CA LEU D 430 36.48 37.04 -20.66
C LEU D 430 35.07 37.16 -21.21
N ASN D 431 34.95 37.52 -22.49
CA ASN D 431 33.66 37.68 -23.15
C ASN D 431 33.30 36.34 -23.78
N GLU D 432 32.44 35.58 -23.11
CA GLU D 432 32.04 34.28 -23.63
C GLU D 432 31.19 34.38 -24.89
N LEU D 433 30.43 35.47 -25.05
CA LEU D 433 29.59 35.61 -26.23
C LEU D 433 30.43 35.73 -27.50
N GLU D 434 31.51 36.51 -27.45
CA GLU D 434 32.34 36.68 -28.64
C GLU D 434 33.19 35.45 -28.91
N SER D 435 33.54 34.69 -27.87
CA SER D 435 34.29 33.45 -28.09
C SER D 435 33.45 32.43 -28.85
N HIS D 436 32.16 32.35 -28.55
CA HIS D 436 31.28 31.43 -29.27
C HIS D 436 31.13 31.79 -30.73
N GLU D 437 31.37 33.05 -31.10
CA GLU D 437 31.27 33.50 -32.48
C GLU D 437 32.59 33.41 -33.23
N GLY D 438 33.66 32.93 -32.58
CA GLY D 438 34.96 32.82 -33.21
C GLY D 438 35.85 34.03 -33.04
N GLY D 439 35.35 35.12 -32.47
CA GLY D 439 36.15 36.30 -32.26
C GLY D 439 37.01 36.20 -31.02
N LYS D 440 37.84 37.22 -30.83
CA LYS D 440 38.75 37.30 -29.68
C LYS D 440 37.93 37.72 -28.47
N GLY D 441 37.47 36.73 -27.70
CA GLY D 441 36.65 36.98 -26.54
C GLY D 441 37.41 37.44 -25.31
N GLY D 442 38.74 37.37 -25.33
CA GLY D 442 39.56 37.81 -24.23
C GLY D 442 40.07 39.22 -24.47
N HIS D 443 39.66 40.14 -23.59
CA HIS D 443 40.02 41.54 -23.69
C HIS D 443 40.93 41.92 -22.52
N ALA D 444 42.08 42.52 -22.83
CA ALA D 444 43.02 42.99 -21.83
C ALA D 444 42.97 44.51 -21.81
N LEU D 445 42.65 45.08 -20.65
CA LEU D 445 42.50 46.52 -20.48
C LEU D 445 43.71 47.05 -19.71
N ILE D 446 44.60 47.74 -20.40
CA ILE D 446 45.82 48.28 -19.83
C ILE D 446 45.70 49.79 -19.74
N TYR D 447 45.90 50.33 -18.54
CA TYR D 447 45.78 51.76 -18.29
C TYR D 447 47.11 52.29 -17.77
N ASP D 448 47.73 53.18 -18.53
CA ASP D 448 48.97 53.83 -18.13
C ASP D 448 48.72 55.30 -17.86
N PRO D 449 48.71 55.74 -16.59
CA PRO D 449 48.41 57.15 -16.30
C PRO D 449 49.39 58.13 -16.93
N GLN D 450 50.65 57.75 -17.10
CA GLN D 450 51.66 58.68 -17.59
C GLN D 450 51.45 59.10 -19.03
N LYS D 451 50.61 58.40 -19.78
CA LYS D 451 50.35 58.76 -21.17
C LYS D 451 49.19 59.75 -21.25
N ALA D 452 49.01 60.31 -22.44
CA ALA D 452 47.94 61.27 -22.67
C ALA D 452 46.57 60.58 -22.60
N GLU D 453 45.54 61.39 -22.35
CA GLU D 453 44.19 60.84 -22.17
C GLU D 453 43.71 60.12 -23.42
N LYS D 454 44.14 60.58 -24.60
CA LYS D 454 43.75 59.91 -25.84
C LYS D 454 44.34 58.51 -25.92
N ASP D 455 45.57 58.33 -25.45
CA ASP D 455 46.24 57.03 -25.47
C ASP D 455 46.40 56.42 -24.08
N GLN D 456 45.68 56.95 -23.07
CA GLN D 456 45.80 56.42 -21.72
C GLN D 456 45.29 54.99 -21.64
N TRP D 457 44.18 54.69 -22.30
CA TRP D 457 43.57 53.38 -22.29
C TRP D 457 43.86 52.64 -23.58
N GLN D 458 44.26 51.37 -23.46
CA GLN D 458 44.49 50.50 -24.59
C GLN D 458 43.62 49.26 -24.46
N ASP D 459 43.00 48.86 -25.57
CA ASP D 459 42.13 47.69 -25.62
C ASP D 459 42.81 46.62 -26.46
N LYS D 460 43.35 45.60 -25.80
CA LYS D 460 44.04 44.50 -26.46
C LYS D 460 43.15 43.27 -26.39
N SER D 461 42.90 42.66 -27.54
CA SER D 461 42.02 41.50 -27.64
C SER D 461 42.83 40.26 -28.00
N PHE D 462 42.45 39.13 -27.42
CA PHE D 462 43.14 37.87 -27.66
C PHE D 462 42.12 36.73 -27.64
N ASP D 463 42.51 35.61 -28.23
CA ASP D 463 41.70 34.40 -28.27
C ASP D 463 42.17 33.47 -27.16
N TYR D 464 41.31 33.25 -26.16
CA TYR D 464 41.66 32.45 -24.99
C TYR D 464 41.16 31.02 -25.09
N LYS D 465 40.60 30.61 -26.23
CA LYS D 465 40.12 29.24 -26.37
C LYS D 465 41.28 28.25 -26.29
N GLU D 466 42.36 28.52 -27.02
CA GLU D 466 43.51 27.63 -26.99
C GLU D 466 44.22 27.69 -25.65
N LEU D 467 44.29 28.89 -25.05
CA LEU D 467 44.92 29.03 -23.74
C LEU D 467 44.17 28.26 -22.67
N HIS D 468 42.84 28.28 -22.72
CA HIS D 468 42.04 27.55 -21.75
C HIS D 468 42.26 26.05 -21.87
N ARG D 469 42.36 25.54 -23.09
CA ARG D 469 42.59 24.11 -23.29
C ARG D 469 43.94 23.68 -22.73
N LYS D 470 44.96 24.53 -22.89
CA LYS D 470 46.26 24.23 -22.29
C LYS D 470 46.17 24.17 -20.77
N PHE D 471 45.38 25.07 -20.18
CA PHE D 471 45.21 25.07 -18.73
C PHE D 471 44.55 23.78 -18.25
N LEU D 472 43.54 23.30 -18.99
CA LEU D 472 42.86 22.06 -18.60
C LEU D 472 43.80 20.86 -18.69
N GLU D 473 44.63 20.82 -19.73
CA GLU D 473 45.57 19.70 -19.86
C GLU D 473 46.55 19.66 -18.70
N TRP D 474 47.10 20.82 -18.32
CA TRP D 474 48.00 20.87 -17.18
C TRP D 474 47.29 20.50 -15.88
N GLN D 475 46.06 20.99 -15.70
CA GLN D 475 45.32 20.72 -14.47
C GLN D 475 45.05 19.22 -14.31
N GLU D 476 44.67 18.55 -15.40
CA GLU D 476 44.39 17.12 -15.31
C GLU D 476 45.67 16.31 -15.18
N ASN D 477 46.72 16.70 -15.91
CA ASN D 477 48.00 16.02 -15.80
C ASN D 477 48.60 16.19 -14.40
N TYR D 478 48.40 17.35 -13.78
CA TYR D 478 48.89 17.56 -12.42
C TYR D 478 48.24 16.59 -11.45
N ILE D 479 46.95 16.35 -11.61
CA ILE D 479 46.23 15.45 -10.71
C ILE D 479 46.55 14.00 -11.04
N LEU D 480 46.47 13.62 -12.31
CA LEU D 480 46.64 12.22 -12.69
C LEU D 480 48.09 11.78 -12.58
N ASN D 481 49.03 12.58 -13.06
CA ASN D 481 50.44 12.19 -13.17
C ASN D 481 51.30 13.31 -12.59
N GLU D 482 51.54 13.26 -11.28
CA GLU D 482 52.41 14.23 -10.65
C GLU D 482 53.86 14.04 -11.10
N GLU D 483 54.61 15.14 -11.10
CA GLU D 483 56.01 15.22 -11.49
C GLU D 483 56.22 14.99 -12.98
N GLY D 484 55.16 14.78 -13.76
CA GLY D 484 55.27 14.67 -15.19
C GLY D 484 54.53 15.80 -15.89
N SER D 485 53.93 16.68 -15.10
CA SER D 485 53.20 17.82 -15.62
C SER D 485 54.06 19.07 -15.77
N ALA D 486 55.36 18.97 -15.49
CA ALA D 486 56.24 20.11 -15.68
C ALA D 486 56.31 20.51 -17.15
N ASP D 487 56.29 19.51 -18.04
CA ASP D 487 56.28 19.81 -19.48
C ASP D 487 55.03 20.58 -19.88
N PHE D 488 53.87 20.18 -19.33
CA PHE D 488 52.64 20.89 -19.63
C PHE D 488 52.65 22.30 -19.06
N LEU D 489 53.22 22.48 -17.87
CA LEU D 489 53.29 23.80 -17.27
C LEU D 489 54.14 24.74 -18.11
N VAL D 490 55.27 24.25 -18.63
CA VAL D 490 56.11 25.08 -19.50
C VAL D 490 55.35 25.45 -20.77
N THR D 491 54.64 24.48 -21.36
CA THR D 491 53.82 24.77 -22.52
C THR D 491 52.72 25.77 -22.19
N LEU D 492 52.09 25.61 -21.02
CA LEU D 492 51.04 26.55 -20.61
C LEU D 492 51.59 27.96 -20.43
N CYS D 493 52.75 28.09 -19.80
CA CYS D 493 53.35 29.42 -19.64
C CYS D 493 53.74 30.02 -20.98
N ARG D 494 54.29 29.20 -21.89
CA ARG D 494 54.62 29.69 -23.22
C ARG D 494 53.36 30.04 -24.02
N GLU D 495 52.27 29.33 -23.78
CA GLU D 495 51.02 29.63 -24.49
C GLU D 495 50.49 31.01 -24.10
N ILE D 496 50.75 31.46 -22.87
CA ILE D 496 50.28 32.77 -22.44
C ILE D 496 50.92 33.86 -23.30
N GLU D 497 52.24 33.78 -23.49
CA GLU D 497 52.92 34.77 -24.31
C GLU D 497 52.49 34.69 -25.77
N LYS D 498 52.31 33.48 -26.30
CA LYS D 498 51.85 33.34 -27.67
C LYS D 498 50.44 33.88 -27.85
N ALA D 499 49.56 33.67 -26.88
CA ALA D 499 48.21 34.21 -26.93
C ALA D 499 48.14 35.68 -26.53
N MET D 500 49.11 36.16 -25.77
CA MET D 500 49.15 37.56 -25.33
C MET D 500 50.53 38.14 -25.66
N PRO D 501 50.78 38.44 -26.93
CA PRO D 501 52.08 39.03 -27.30
C PRO D 501 52.30 40.41 -26.71
N PHE D 502 51.26 41.09 -26.26
CA PHE D 502 51.39 42.42 -25.67
C PHE D 502 51.70 42.34 -24.18
N LEU D 503 52.75 41.60 -23.82
CA LEU D 503 53.16 41.48 -22.43
C LEU D 503 54.63 41.81 -22.27
N PHE D 504 55.44 41.50 -23.29
CA PHE D 504 56.87 41.80 -23.28
C PHE D 504 57.22 42.96 -24.21
N LYS D 505 56.22 43.70 -24.67
CA LYS D 505 56.44 44.85 -25.54
C LYS D 505 56.54 46.11 -24.70
N SER D 506 57.58 46.91 -24.96
CA SER D 506 57.76 48.15 -24.22
C SER D 506 56.66 49.16 -24.55
N GLU D 507 56.15 49.16 -25.78
CA GLU D 507 55.11 50.09 -26.17
C GLU D 507 53.84 49.85 -25.37
N VAL D 508 53.44 48.60 -25.23
CA VAL D 508 52.22 48.27 -24.49
C VAL D 508 52.41 48.56 -23.00
N ILE D 509 53.52 48.09 -22.43
CA ILE D 509 53.84 48.29 -21.02
C ILE D 509 55.28 48.78 -20.92
N PRO D 510 55.53 49.95 -20.34
CA PRO D 510 56.91 50.42 -20.22
C PRO D 510 57.74 49.50 -19.33
N GLU D 511 59.02 49.40 -19.65
CA GLU D 511 59.92 48.53 -18.90
C GLU D 511 60.18 49.10 -17.51
N ASP D 512 60.59 48.21 -16.61
CA ASP D 512 60.96 48.54 -15.23
C ASP D 512 59.83 49.19 -14.44
N ARG D 513 58.58 48.86 -14.76
CA ARG D 513 57.47 49.40 -14.00
C ARG D 513 56.60 48.28 -13.43
N PRO D 514 56.06 48.45 -12.23
CA PRO D 514 55.21 47.41 -11.65
C PRO D 514 53.95 47.19 -12.45
N VAL D 515 53.46 45.95 -12.44
CA VAL D 515 52.25 45.56 -13.14
C VAL D 515 51.30 44.93 -12.13
N LEU D 516 50.06 45.41 -12.10
CA LEU D 516 49.03 44.91 -11.19
C LEU D 516 48.10 43.99 -11.97
N TRP D 517 47.85 42.80 -11.42
CA TRP D 517 47.01 41.80 -12.05
C TRP D 517 45.68 41.70 -11.31
N ILE D 518 44.58 41.87 -12.04
CA ILE D 518 43.24 41.60 -11.51
C ILE D 518 42.54 40.72 -12.53
N PRO D 519 42.79 39.41 -12.50
CA PRO D 519 42.28 38.52 -13.55
C PRO D 519 40.80 38.22 -13.37
N HIS D 520 40.22 37.66 -14.43
CA HIS D 520 38.82 37.26 -14.46
C HIS D 520 38.71 35.83 -14.99
N GLY D 521 37.78 35.07 -14.42
CA GLY D 521 37.56 33.70 -14.88
C GLY D 521 38.64 32.74 -14.42
N PHE D 522 39.04 31.82 -15.32
CA PHE D 522 40.07 30.85 -14.99
C PHE D 522 41.45 31.48 -14.89
N LEU D 523 41.61 32.74 -15.29
CA LEU D 523 42.90 33.41 -15.22
C LEU D 523 43.39 33.60 -13.79
N HIS D 524 42.53 33.45 -12.78
CA HIS D 524 42.98 33.49 -11.40
C HIS D 524 43.96 32.36 -11.11
N ARG D 525 43.64 31.15 -11.58
CA ARG D 525 44.52 30.01 -11.40
C ARG D 525 45.67 29.99 -12.39
N LEU D 526 45.58 30.77 -13.46
CA LEU D 526 46.64 30.80 -14.46
C LEU D 526 47.80 31.65 -13.95
N PRO D 527 49.03 31.12 -13.93
CA PRO D 527 50.18 31.91 -13.47
C PRO D 527 50.55 32.98 -14.48
N LEU D 528 50.21 34.23 -14.17
CA LEU D 528 50.49 35.35 -15.05
C LEU D 528 51.90 35.90 -14.89
N HIS D 529 52.42 35.92 -13.66
CA HIS D 529 53.76 36.43 -13.43
C HIS D 529 54.82 35.49 -13.99
N ALA D 530 54.47 34.23 -14.24
CA ALA D 530 55.40 33.24 -14.76
C ALA D 530 55.33 33.10 -16.27
N ALA D 531 54.78 34.09 -16.96
CA ALA D 531 54.72 34.04 -18.42
C ALA D 531 56.13 33.99 -19.00
N MET D 532 56.34 33.09 -19.96
CA MET D 532 57.65 32.84 -20.54
C MET D 532 57.59 33.04 -22.05
N LYS D 533 58.65 33.62 -22.61
CA LYS D 533 58.74 33.86 -24.04
C LYS D 533 59.82 32.98 -24.67
N GLU D 541 62.31 33.78 -21.66
CA GLU D 541 62.34 34.94 -20.78
C GLU D 541 61.09 35.02 -19.93
N ILE D 542 61.25 34.85 -18.62
CA ILE D 542 60.12 34.88 -17.70
C ILE D 542 59.68 36.32 -17.48
N PHE D 543 58.39 36.49 -17.16
CA PHE D 543 57.83 37.84 -17.05
C PHE D 543 58.41 38.61 -15.88
N TRP D 544 58.68 37.94 -14.76
CA TRP D 544 59.13 38.64 -13.56
C TRP D 544 60.52 39.26 -13.73
N GLU D 545 61.27 38.90 -14.76
CA GLU D 545 62.57 39.49 -15.00
C GLU D 545 62.49 40.94 -15.46
N ARG D 546 61.29 41.43 -15.82
CA ARG D 546 61.14 42.78 -16.31
C ARG D 546 60.10 43.61 -15.55
N HIS D 547 59.14 42.97 -14.90
CA HIS D 547 58.09 43.70 -14.18
C HIS D 547 57.78 42.98 -12.87
N ALA D 548 57.24 43.73 -11.92
CA ALA D 548 56.73 43.18 -10.68
C ALA D 548 55.24 42.88 -10.82
N SER D 549 54.77 41.94 -10.01
CA SER D 549 53.41 41.44 -10.12
C SER D 549 52.71 41.47 -8.77
N ARG D 550 51.45 41.91 -8.77
CA ARG D 550 50.58 41.86 -7.61
C ARG D 550 49.21 41.39 -8.07
N TYR D 551 48.47 40.76 -7.15
CA TYR D 551 47.18 40.16 -7.48
C TYR D 551 46.10 40.72 -6.58
N LEU D 552 44.97 41.10 -7.17
CA LEU D 552 43.80 41.57 -6.45
C LEU D 552 42.60 40.71 -6.83
N PRO D 553 41.93 40.05 -5.88
CA PRO D 553 40.77 39.20 -6.18
C PRO D 553 39.50 40.01 -6.44
P C5P E . 3.27 14.20 -3.57
O1P C5P E . 2.93 15.63 -3.35
O2P C5P E . 2.89 13.55 -4.85
O5' C5P E . 4.84 14.03 -3.38
C5' C5P E . 5.49 14.50 -2.21
C4' C5P E . 6.90 13.98 -2.11
O4' C5P E . 6.87 12.54 -1.99
C3' C5P E . 7.77 14.23 -3.33
O3' C5P E . 8.33 15.53 -3.35
C2' C5P E . 8.81 13.12 -3.22
O2' C5P E . 9.80 13.46 -2.27
C1' C5P E . 7.96 11.98 -2.66
N1 C5P E . 7.45 11.07 -3.72
C2 C5P E . 8.31 10.13 -4.29
N3 C5P E . 7.84 9.30 -5.25
C4 C5P E . 6.57 9.40 -5.64
C5 C5P E . 5.68 10.35 -5.09
C6 C5P E . 6.16 11.16 -4.14
O2 C5P E . 9.48 10.05 -3.89
N4 C5P E . 6.15 8.56 -6.61
P AMP F . 8.90 16.13 -4.73
O1P AMP F . 7.90 15.88 -5.79
O2P AMP F . 10.30 15.66 -4.91
O5' AMP F . 8.95 17.71 -4.46
C5' AMP F . 7.75 18.46 -4.38
C4' AMP F . 7.96 19.76 -3.64
O4' AMP F . 8.32 19.49 -2.26
C3' AMP F . 9.08 20.65 -4.14
O3' AMP F . 8.69 21.43 -5.27
C2' AMP F . 9.43 21.48 -2.92
O2' AMP F . 8.51 22.57 -2.77
C1' AMP F . 9.18 20.50 -1.78
N9 AMP F . 10.43 19.86 -1.30
C8 AMP F . 11.50 19.41 -2.04
N7 AMP F . 12.46 18.90 -1.31
C5 AMP F . 11.99 19.02 0.00
C6 AMP F . 12.54 18.66 1.24
N6 AMP F . 13.73 18.08 1.38
N1 AMP F . 11.80 18.90 2.34
C2 AMP F . 10.60 19.48 2.20
N3 AMP F . 9.98 19.86 1.09
C4 AMP F . 10.73 19.60 0.01
ZN ZN G . 50.57 8.72 -36.42
ZN ZN H . 33.51 12.97 -8.97
ZN ZN I . 9.77 16.18 11.43
ZN ZN J . -21.36 2.72 20.85
P AMP K . 9.79 21.87 -6.36
O1P AMP K . 9.07 22.66 -7.39
O2P AMP K . 10.55 20.67 -6.75
O5' AMP K . 10.76 22.85 -5.56
#